data_1YLX
# 
_entry.id   1YLX 
# 
_audit_conform.dict_name       mmcif_pdbx.dic 
_audit_conform.dict_version    5.397 
_audit_conform.dict_location   http://mmcif.pdb.org/dictionaries/ascii/mmcif_pdbx.dic 
# 
loop_
_database_2.database_id 
_database_2.database_code 
_database_2.pdbx_database_accession 
_database_2.pdbx_DOI 
PDB   1YLX         pdb_00001ylx 10.2210/pdb1ylx/pdb 
RCSB  RCSB031668   ?            ?                   
WWPDB D_1000031668 ?            ?                   
# 
loop_
_pdbx_audit_revision_history.ordinal 
_pdbx_audit_revision_history.data_content_type 
_pdbx_audit_revision_history.major_revision 
_pdbx_audit_revision_history.minor_revision 
_pdbx_audit_revision_history.revision_date 
1 'Structure model' 1 0 2005-05-31 
2 'Structure model' 1 1 2008-04-30 
3 'Structure model' 1 2 2011-07-13 
4 'Structure model' 1 3 2024-10-30 
# 
_pdbx_audit_revision_details.ordinal             1 
_pdbx_audit_revision_details.revision_ordinal    1 
_pdbx_audit_revision_details.data_content_type   'Structure model' 
_pdbx_audit_revision_details.provider            repository 
_pdbx_audit_revision_details.type                'Initial release' 
_pdbx_audit_revision_details.description         ? 
_pdbx_audit_revision_details.details             ? 
# 
loop_
_pdbx_audit_revision_group.ordinal 
_pdbx_audit_revision_group.revision_ordinal 
_pdbx_audit_revision_group.data_content_type 
_pdbx_audit_revision_group.group 
1 2 'Structure model' 'Version format compliance' 
2 3 'Structure model' 'Version format compliance' 
3 4 'Structure model' 'Data collection'           
4 4 'Structure model' 'Database references'       
5 4 'Structure model' 'Derived calculations'      
6 4 'Structure model' 'Structure summary'         
# 
loop_
_pdbx_audit_revision_category.ordinal 
_pdbx_audit_revision_category.revision_ordinal 
_pdbx_audit_revision_category.data_content_type 
_pdbx_audit_revision_category.category 
1 4 'Structure model' chem_comp_atom            
2 4 'Structure model' chem_comp_bond            
3 4 'Structure model' database_2                
4 4 'Structure model' pdbx_entry_details        
5 4 'Structure model' pdbx_modification_feature 
6 4 'Structure model' struct_conn               
# 
loop_
_pdbx_audit_revision_item.ordinal 
_pdbx_audit_revision_item.revision_ordinal 
_pdbx_audit_revision_item.data_content_type 
_pdbx_audit_revision_item.item 
1 4 'Structure model' '_database_2.pdbx_DOI'                
2 4 'Structure model' '_database_2.pdbx_database_accession' 
3 4 'Structure model' '_struct_conn.pdbx_leaving_atom_flag' 
# 
_pdbx_database_status.status_code                     REL 
_pdbx_database_status.entry_id                        1YLX 
_pdbx_database_status.recvd_initial_deposition_date   2005-01-19 
_pdbx_database_status.deposit_site                    RCSB 
_pdbx_database_status.process_site                    RCSB 
_pdbx_database_status.status_code_sf                  REL 
_pdbx_database_status.status_code_mr                  ? 
_pdbx_database_status.SG_entry                        Y 
_pdbx_database_status.pdb_format_compatible           Y 
_pdbx_database_status.status_code_cs                  ? 
_pdbx_database_status.status_code_nmr_data            ? 
_pdbx_database_status.methods_development_category    ? 
# 
_pdbx_database_related.db_name        TargetDB 
_pdbx_database_related.db_id          APC35702 
_pdbx_database_related.details        'hypothetical protein from Bacillus stearothermophilus' 
_pdbx_database_related.content_type   unspecified 
# 
_audit_author.name           'Midwest Center for Structural Genomics (MCSG)' 
_audit_author.pdbx_ordinal   1 
# 
_citation.id                        primary 
_citation.title                     'Crystal structure of APC35702, a hypothetical protein from Bacillus stearothermophilus' 
_citation.journal_abbrev            'To be Published' 
_citation.journal_volume            ? 
_citation.page_first                ? 
_citation.page_last                 ? 
_citation.year                      ? 
_citation.journal_id_ASTM           ? 
_citation.country                   ? 
_citation.journal_id_ISSN           ? 
_citation.journal_id_CSD            0353 
_citation.book_publisher            ? 
_citation.pdbx_database_id_PubMed   ? 
_citation.pdbx_database_id_DOI      ? 
# 
loop_
_citation_author.citation_id 
_citation_author.name 
_citation_author.ordinal 
_citation_author.identifier_ORCID 
primary 'Duke, N.E.C.'   1 ? 
primary 'Moy, S.'        2 ? 
primary 'Li, H.'         3 ? 
primary 'Collart, F.'    4 ? 
primary 'Joachimiak, A.' 5 ? 
# 
loop_
_entity.id 
_entity.type 
_entity.src_method 
_entity.pdbx_description 
_entity.formula_weight 
_entity.pdbx_number_of_molecules 
_entity.pdbx_ec 
_entity.pdbx_mutation 
_entity.pdbx_fragment 
_entity.details 
1 polymer man 'hypothetical protein APC35702' 12293.824 2  ? ? ? ? 
2 water   nat water                           18.015    89 ? ? ? ? 
# 
_entity_poly.entity_id                      1 
_entity_poly.type                           'polypeptide(L)' 
_entity_poly.nstd_linkage                   no 
_entity_poly.nstd_monomer                   yes 
_entity_poly.pdbx_seq_one_letter_code       
;SNA(MSE)EFAPRSVVIEEFIDTLEP(MSE)(MSE)EAYGLDQVGIFEEHGEGNRYYVGYTINKDDE(MSE)ITIH
(MSE)PFVKNERGELALEKQEWTVRKDGREKKGFHSLQEA(MSE)EEVIHS
;
_entity_poly.pdbx_seq_one_letter_code_can   
;SNAMEFAPRSVVIEEFIDTLEPMMEAYGLDQVGIFEEHGEGNRYYVGYTINKDDEMITIHMPFVKNERGELALEKQEWTV
RKDGREKKGFHSLQEAMEEVIHS
;
_entity_poly.pdbx_strand_id                 A,B 
_entity_poly.pdbx_target_identifier         APC35702 
# 
_pdbx_entity_nonpoly.entity_id   2 
_pdbx_entity_nonpoly.name        water 
_pdbx_entity_nonpoly.comp_id     HOH 
# 
loop_
_entity_poly_seq.entity_id 
_entity_poly_seq.num 
_entity_poly_seq.mon_id 
_entity_poly_seq.hetero 
1 1   SER n 
1 2   ASN n 
1 3   ALA n 
1 4   MSE n 
1 5   GLU n 
1 6   PHE n 
1 7   ALA n 
1 8   PRO n 
1 9   ARG n 
1 10  SER n 
1 11  VAL n 
1 12  VAL n 
1 13  ILE n 
1 14  GLU n 
1 15  GLU n 
1 16  PHE n 
1 17  ILE n 
1 18  ASP n 
1 19  THR n 
1 20  LEU n 
1 21  GLU n 
1 22  PRO n 
1 23  MSE n 
1 24  MSE n 
1 25  GLU n 
1 26  ALA n 
1 27  TYR n 
1 28  GLY n 
1 29  LEU n 
1 30  ASP n 
1 31  GLN n 
1 32  VAL n 
1 33  GLY n 
1 34  ILE n 
1 35  PHE n 
1 36  GLU n 
1 37  GLU n 
1 38  HIS n 
1 39  GLY n 
1 40  GLU n 
1 41  GLY n 
1 42  ASN n 
1 43  ARG n 
1 44  TYR n 
1 45  TYR n 
1 46  VAL n 
1 47  GLY n 
1 48  TYR n 
1 49  THR n 
1 50  ILE n 
1 51  ASN n 
1 52  LYS n 
1 53  ASP n 
1 54  ASP n 
1 55  GLU n 
1 56  MSE n 
1 57  ILE n 
1 58  THR n 
1 59  ILE n 
1 60  HIS n 
1 61  MSE n 
1 62  PRO n 
1 63  PHE n 
1 64  VAL n 
1 65  LYS n 
1 66  ASN n 
1 67  GLU n 
1 68  ARG n 
1 69  GLY n 
1 70  GLU n 
1 71  LEU n 
1 72  ALA n 
1 73  LEU n 
1 74  GLU n 
1 75  LYS n 
1 76  GLN n 
1 77  GLU n 
1 78  TRP n 
1 79  THR n 
1 80  VAL n 
1 81  ARG n 
1 82  LYS n 
1 83  ASP n 
1 84  GLY n 
1 85  ARG n 
1 86  GLU n 
1 87  LYS n 
1 88  LYS n 
1 89  GLY n 
1 90  PHE n 
1 91  HIS n 
1 92  SER n 
1 93  LEU n 
1 94  GLN n 
1 95  GLU n 
1 96  ALA n 
1 97  MSE n 
1 98  GLU n 
1 99  GLU n 
1 100 VAL n 
1 101 ILE n 
1 102 HIS n 
1 103 SER n 
# 
_entity_src_gen.entity_id                          1 
_entity_src_gen.pdbx_src_id                        1 
_entity_src_gen.pdbx_alt_source_flag               sample 
_entity_src_gen.pdbx_seq_type                      ? 
_entity_src_gen.pdbx_beg_seq_num                   ? 
_entity_src_gen.pdbx_end_seq_num                   ? 
_entity_src_gen.gene_src_common_name               ? 
_entity_src_gen.gene_src_genus                     Geobacillus 
_entity_src_gen.pdbx_gene_src_gene                 ? 
_entity_src_gen.gene_src_species                   ? 
_entity_src_gen.gene_src_strain                    ? 
_entity_src_gen.gene_src_tissue                    ? 
_entity_src_gen.gene_src_tissue_fraction           ? 
_entity_src_gen.gene_src_details                   ? 
_entity_src_gen.pdbx_gene_src_fragment             ? 
_entity_src_gen.pdbx_gene_src_scientific_name      'Geobacillus stearothermophilus' 
_entity_src_gen.pdbx_gene_src_ncbi_taxonomy_id     1422 
_entity_src_gen.pdbx_gene_src_variant              ? 
_entity_src_gen.pdbx_gene_src_cell_line            ? 
_entity_src_gen.pdbx_gene_src_atcc                 ? 
_entity_src_gen.pdbx_gene_src_organ                ? 
_entity_src_gen.pdbx_gene_src_organelle            ? 
_entity_src_gen.pdbx_gene_src_cell                 ? 
_entity_src_gen.pdbx_gene_src_cellular_location    ? 
_entity_src_gen.host_org_common_name               ? 
_entity_src_gen.pdbx_host_org_scientific_name      'Escherichia coli BL21(DE3)' 
_entity_src_gen.pdbx_host_org_ncbi_taxonomy_id     469008 
_entity_src_gen.host_org_genus                     Escherichia 
_entity_src_gen.pdbx_host_org_gene                 ? 
_entity_src_gen.pdbx_host_org_organ                ? 
_entity_src_gen.host_org_species                   'Escherichia coli' 
_entity_src_gen.pdbx_host_org_tissue               ? 
_entity_src_gen.pdbx_host_org_tissue_fraction      ? 
_entity_src_gen.pdbx_host_org_strain               'BL21(DE3)' 
_entity_src_gen.pdbx_host_org_variant              ? 
_entity_src_gen.pdbx_host_org_cell_line            ? 
_entity_src_gen.pdbx_host_org_atcc                 ? 
_entity_src_gen.pdbx_host_org_culture_collection   ? 
_entity_src_gen.pdbx_host_org_cell                 ? 
_entity_src_gen.pdbx_host_org_organelle            ? 
_entity_src_gen.pdbx_host_org_cellular_location    ? 
_entity_src_gen.pdbx_host_org_vector_type          pMCSG7 
_entity_src_gen.pdbx_host_org_vector               ? 
_entity_src_gen.host_org_details                   ? 
_entity_src_gen.expression_system_id               ? 
_entity_src_gen.plasmid_name                       ? 
_entity_src_gen.plasmid_details                    ? 
_entity_src_gen.pdbx_description                   ? 
# 
loop_
_chem_comp.id 
_chem_comp.type 
_chem_comp.mon_nstd_flag 
_chem_comp.name 
_chem_comp.pdbx_synonyms 
_chem_comp.formula 
_chem_comp.formula_weight 
ALA 'L-peptide linking' y ALANINE          ? 'C3 H7 N O2'     89.093  
ARG 'L-peptide linking' y ARGININE         ? 'C6 H15 N4 O2 1' 175.209 
ASN 'L-peptide linking' y ASPARAGINE       ? 'C4 H8 N2 O3'    132.118 
ASP 'L-peptide linking' y 'ASPARTIC ACID'  ? 'C4 H7 N O4'     133.103 
GLN 'L-peptide linking' y GLUTAMINE        ? 'C5 H10 N2 O3'   146.144 
GLU 'L-peptide linking' y 'GLUTAMIC ACID'  ? 'C5 H9 N O4'     147.129 
GLY 'peptide linking'   y GLYCINE          ? 'C2 H5 N O2'     75.067  
HIS 'L-peptide linking' y HISTIDINE        ? 'C6 H10 N3 O2 1' 156.162 
HOH non-polymer         . WATER            ? 'H2 O'           18.015  
ILE 'L-peptide linking' y ISOLEUCINE       ? 'C6 H13 N O2'    131.173 
LEU 'L-peptide linking' y LEUCINE          ? 'C6 H13 N O2'    131.173 
LYS 'L-peptide linking' y LYSINE           ? 'C6 H15 N2 O2 1' 147.195 
MSE 'L-peptide linking' n SELENOMETHIONINE ? 'C5 H11 N O2 Se' 196.106 
PHE 'L-peptide linking' y PHENYLALANINE    ? 'C9 H11 N O2'    165.189 
PRO 'L-peptide linking' y PROLINE          ? 'C5 H9 N O2'     115.130 
SER 'L-peptide linking' y SERINE           ? 'C3 H7 N O3'     105.093 
THR 'L-peptide linking' y THREONINE        ? 'C4 H9 N O3'     119.119 
TRP 'L-peptide linking' y TRYPTOPHAN       ? 'C11 H12 N2 O2'  204.225 
TYR 'L-peptide linking' y TYROSINE         ? 'C9 H11 N O3'    181.189 
VAL 'L-peptide linking' y VALINE           ? 'C5 H11 N O2'    117.146 
# 
loop_
_pdbx_poly_seq_scheme.asym_id 
_pdbx_poly_seq_scheme.entity_id 
_pdbx_poly_seq_scheme.seq_id 
_pdbx_poly_seq_scheme.mon_id 
_pdbx_poly_seq_scheme.ndb_seq_num 
_pdbx_poly_seq_scheme.pdb_seq_num 
_pdbx_poly_seq_scheme.auth_seq_num 
_pdbx_poly_seq_scheme.pdb_mon_id 
_pdbx_poly_seq_scheme.auth_mon_id 
_pdbx_poly_seq_scheme.pdb_strand_id 
_pdbx_poly_seq_scheme.pdb_ins_code 
_pdbx_poly_seq_scheme.hetero 
A 1 1   SER 1   -2  ?   ?   ?   A . n 
A 1 2   ASN 2   -1  ?   ?   ?   A . n 
A 1 3   ALA 3   0   ?   ?   ?   A . n 
A 1 4   MSE 4   1   1   MSE MSE A . n 
A 1 5   GLU 5   2   2   GLU GLU A . n 
A 1 6   PHE 6   3   3   PHE PHE A . n 
A 1 7   ALA 7   4   4   ALA ALA A . n 
A 1 8   PRO 8   5   5   PRO PRO A . n 
A 1 9   ARG 9   6   6   ARG ARG A . n 
A 1 10  SER 10  7   7   SER SER A . n 
A 1 11  VAL 11  8   8   VAL VAL A . n 
A 1 12  VAL 12  9   9   VAL VAL A . n 
A 1 13  ILE 13  10  10  ILE ILE A . n 
A 1 14  GLU 14  11  11  GLU GLU A . n 
A 1 15  GLU 15  12  12  GLU GLU A . n 
A 1 16  PHE 16  13  13  PHE PHE A . n 
A 1 17  ILE 17  14  14  ILE ILE A . n 
A 1 18  ASP 18  15  15  ASP ASP A . n 
A 1 19  THR 19  16  16  THR THR A . n 
A 1 20  LEU 20  17  17  LEU LEU A . n 
A 1 21  GLU 21  18  18  GLU GLU A . n 
A 1 22  PRO 22  19  19  PRO PRO A . n 
A 1 23  MSE 23  20  20  MSE MSE A . n 
A 1 24  MSE 24  21  21  MSE MSE A . n 
A 1 25  GLU 25  22  22  GLU GLU A . n 
A 1 26  ALA 26  23  23  ALA ALA A . n 
A 1 27  TYR 27  24  24  TYR TYR A . n 
A 1 28  GLY 28  25  25  GLY GLY A . n 
A 1 29  LEU 29  26  26  LEU LEU A . n 
A 1 30  ASP 30  27  27  ASP ASP A . n 
A 1 31  GLN 31  28  28  GLN GLN A . n 
A 1 32  VAL 32  29  29  VAL VAL A . n 
A 1 33  GLY 33  30  30  GLY GLY A . n 
A 1 34  ILE 34  31  31  ILE ILE A . n 
A 1 35  PHE 35  32  32  PHE PHE A . n 
A 1 36  GLU 36  33  33  GLU GLU A . n 
A 1 37  GLU 37  34  34  GLU GLU A . n 
A 1 38  HIS 38  35  35  HIS HIS A . n 
A 1 39  GLY 39  36  36  GLY GLY A . n 
A 1 40  GLU 40  37  37  GLU GLU A . n 
A 1 41  GLY 41  38  38  GLY GLY A . n 
A 1 42  ASN 42  39  39  ASN ASN A . n 
A 1 43  ARG 43  40  40  ARG ARG A . n 
A 1 44  TYR 44  41  41  TYR TYR A . n 
A 1 45  TYR 45  42  42  TYR TYR A . n 
A 1 46  VAL 46  43  43  VAL VAL A . n 
A 1 47  GLY 47  44  44  GLY GLY A . n 
A 1 48  TYR 48  45  45  TYR TYR A . n 
A 1 49  THR 49  46  46  THR THR A . n 
A 1 50  ILE 50  47  47  ILE ILE A . n 
A 1 51  ASN 51  48  48  ASN ASN A . n 
A 1 52  LYS 52  49  49  LYS LYS A . n 
A 1 53  ASP 53  50  50  ASP ASP A . n 
A 1 54  ASP 54  51  51  ASP ASP A . n 
A 1 55  GLU 55  52  52  GLU GLU A . n 
A 1 56  MSE 56  53  53  MSE MSE A . n 
A 1 57  ILE 57  54  54  ILE ILE A . n 
A 1 58  THR 58  55  55  THR THR A . n 
A 1 59  ILE 59  56  56  ILE ILE A . n 
A 1 60  HIS 60  57  57  HIS HIS A . n 
A 1 61  MSE 61  58  58  MSE MSE A . n 
A 1 62  PRO 62  59  59  PRO PRO A . n 
A 1 63  PHE 63  60  60  PHE PHE A . n 
A 1 64  VAL 64  61  61  VAL VAL A . n 
A 1 65  LYS 65  62  62  LYS LYS A . n 
A 1 66  ASN 66  63  63  ASN ASN A . n 
A 1 67  GLU 67  64  64  GLU GLU A . n 
A 1 68  ARG 68  65  65  ARG ARG A . n 
A 1 69  GLY 69  66  66  GLY GLY A . n 
A 1 70  GLU 70  67  67  GLU GLU A . n 
A 1 71  LEU 71  68  68  LEU LEU A . n 
A 1 72  ALA 72  69  69  ALA ALA A . n 
A 1 73  LEU 73  70  70  LEU LEU A . n 
A 1 74  GLU 74  71  71  GLU GLU A . n 
A 1 75  LYS 75  72  72  LYS LYS A . n 
A 1 76  GLN 76  73  73  GLN GLN A . n 
A 1 77  GLU 77  74  74  GLU GLU A . n 
A 1 78  TRP 78  75  75  TRP TRP A . n 
A 1 79  THR 79  76  76  THR THR A . n 
A 1 80  VAL 80  77  77  VAL VAL A . n 
A 1 81  ARG 81  78  78  ARG ARG A . n 
A 1 82  LYS 82  79  79  LYS LYS A . n 
A 1 83  ASP 83  80  80  ASP ASP A . n 
A 1 84  GLY 84  81  81  GLY GLY A . n 
A 1 85  ARG 85  82  82  ARG ARG A . n 
A 1 86  GLU 86  83  83  GLU GLU A . n 
A 1 87  LYS 87  84  84  LYS LYS A . n 
A 1 88  LYS 88  85  85  LYS LYS A . n 
A 1 89  GLY 89  86  86  GLY GLY A . n 
A 1 90  PHE 90  87  87  PHE PHE A . n 
A 1 91  HIS 91  88  88  HIS HIS A . n 
A 1 92  SER 92  89  89  SER SER A . n 
A 1 93  LEU 93  90  90  LEU LEU A . n 
A 1 94  GLN 94  91  91  GLN GLN A . n 
A 1 95  GLU 95  92  92  GLU GLU A . n 
A 1 96  ALA 96  93  93  ALA ALA A . n 
A 1 97  MSE 97  94  94  MSE MSE A . n 
A 1 98  GLU 98  95  95  GLU GLU A . n 
A 1 99  GLU 99  96  96  GLU GLU A . n 
A 1 100 VAL 100 97  97  VAL VAL A . n 
A 1 101 ILE 101 98  98  ILE ILE A . n 
A 1 102 HIS 102 99  99  HIS HIS A . n 
A 1 103 SER 103 100 100 SER SER A . n 
B 1 1   SER 1   -2  ?   ?   ?   B . n 
B 1 2   ASN 2   -1  ?   ?   ?   B . n 
B 1 3   ALA 3   0   ?   ?   ?   B . n 
B 1 4   MSE 4   1   1   MSE MSE B . n 
B 1 5   GLU 5   2   2   GLU GLU B . n 
B 1 6   PHE 6   3   3   PHE PHE B . n 
B 1 7   ALA 7   4   4   ALA ALA B . n 
B 1 8   PRO 8   5   5   PRO PRO B . n 
B 1 9   ARG 9   6   6   ARG ARG B . n 
B 1 10  SER 10  7   7   SER SER B . n 
B 1 11  VAL 11  8   8   VAL VAL B . n 
B 1 12  VAL 12  9   9   VAL VAL B . n 
B 1 13  ILE 13  10  10  ILE ILE B . n 
B 1 14  GLU 14  11  11  GLU GLU B . n 
B 1 15  GLU 15  12  12  GLU GLU B . n 
B 1 16  PHE 16  13  13  PHE PHE B . n 
B 1 17  ILE 17  14  14  ILE ILE B . n 
B 1 18  ASP 18  15  15  ASP ASP B . n 
B 1 19  THR 19  16  16  THR THR B . n 
B 1 20  LEU 20  17  17  LEU LEU B . n 
B 1 21  GLU 21  18  18  GLU GLU B . n 
B 1 22  PRO 22  19  19  PRO PRO B . n 
B 1 23  MSE 23  20  20  MSE MSE B . n 
B 1 24  MSE 24  21  21  MSE MSE B . n 
B 1 25  GLU 25  22  22  GLU GLU B . n 
B 1 26  ALA 26  23  23  ALA ALA B . n 
B 1 27  TYR 27  24  24  TYR TYR B . n 
B 1 28  GLY 28  25  25  GLY GLY B . n 
B 1 29  LEU 29  26  26  LEU LEU B . n 
B 1 30  ASP 30  27  27  ASP ASP B . n 
B 1 31  GLN 31  28  28  GLN GLN B . n 
B 1 32  VAL 32  29  29  VAL VAL B . n 
B 1 33  GLY 33  30  30  GLY GLY B . n 
B 1 34  ILE 34  31  31  ILE ILE B . n 
B 1 35  PHE 35  32  32  PHE PHE B . n 
B 1 36  GLU 36  33  33  GLU GLU B . n 
B 1 37  GLU 37  34  34  GLU GLU B . n 
B 1 38  HIS 38  35  35  HIS HIS B . n 
B 1 39  GLY 39  36  36  GLY GLY B . n 
B 1 40  GLU 40  37  37  GLU GLU B . n 
B 1 41  GLY 41  38  38  GLY GLY B . n 
B 1 42  ASN 42  39  39  ASN ASN B . n 
B 1 43  ARG 43  40  40  ARG ARG B . n 
B 1 44  TYR 44  41  41  TYR TYR B . n 
B 1 45  TYR 45  42  42  TYR TYR B . n 
B 1 46  VAL 46  43  43  VAL VAL B . n 
B 1 47  GLY 47  44  44  GLY GLY B . n 
B 1 48  TYR 48  45  45  TYR TYR B . n 
B 1 49  THR 49  46  46  THR THR B . n 
B 1 50  ILE 50  47  47  ILE ILE B . n 
B 1 51  ASN 51  48  48  ASN ASN B . n 
B 1 52  LYS 52  49  49  LYS LYS B . n 
B 1 53  ASP 53  50  50  ASP ASP B . n 
B 1 54  ASP 54  51  51  ASP ASP B . n 
B 1 55  GLU 55  52  52  GLU GLU B . n 
B 1 56  MSE 56  53  53  MSE MSE B . n 
B 1 57  ILE 57  54  54  ILE ILE B . n 
B 1 58  THR 58  55  55  THR THR B . n 
B 1 59  ILE 59  56  56  ILE ILE B . n 
B 1 60  HIS 60  57  57  HIS HIS B . n 
B 1 61  MSE 61  58  58  MSE MSE B . n 
B 1 62  PRO 62  59  59  PRO PRO B . n 
B 1 63  PHE 63  60  60  PHE PHE B . n 
B 1 64  VAL 64  61  61  VAL VAL B . n 
B 1 65  LYS 65  62  62  LYS LYS B . n 
B 1 66  ASN 66  63  63  ASN ASN B . n 
B 1 67  GLU 67  64  64  GLU GLU B . n 
B 1 68  ARG 68  65  65  ARG ARG B . n 
B 1 69  GLY 69  66  66  GLY GLY B . n 
B 1 70  GLU 70  67  67  GLU GLU B . n 
B 1 71  LEU 71  68  68  LEU LEU B . n 
B 1 72  ALA 72  69  69  ALA ALA B . n 
B 1 73  LEU 73  70  70  LEU LEU B . n 
B 1 74  GLU 74  71  71  GLU GLU B . n 
B 1 75  LYS 75  72  72  LYS LYS B . n 
B 1 76  GLN 76  73  73  GLN GLN B . n 
B 1 77  GLU 77  74  74  GLU GLU B . n 
B 1 78  TRP 78  75  75  TRP TRP B . n 
B 1 79  THR 79  76  76  THR THR B . n 
B 1 80  VAL 80  77  77  VAL VAL B . n 
B 1 81  ARG 81  78  78  ARG ARG B . n 
B 1 82  LYS 82  79  79  LYS LYS B . n 
B 1 83  ASP 83  80  80  ASP ASP B . n 
B 1 84  GLY 84  81  81  GLY GLY B . n 
B 1 85  ARG 85  82  82  ARG ARG B . n 
B 1 86  GLU 86  83  83  GLU GLU B . n 
B 1 87  LYS 87  84  84  LYS LYS B . n 
B 1 88  LYS 88  85  85  LYS LYS B . n 
B 1 89  GLY 89  86  86  GLY GLY B . n 
B 1 90  PHE 90  87  87  PHE PHE B . n 
B 1 91  HIS 91  88  88  HIS HIS B . n 
B 1 92  SER 92  89  89  SER SER B . n 
B 1 93  LEU 93  90  90  LEU LEU B . n 
B 1 94  GLN 94  91  91  GLN GLN B . n 
B 1 95  GLU 95  92  92  GLU GLU B . n 
B 1 96  ALA 96  93  93  ALA ALA B . n 
B 1 97  MSE 97  94  94  MSE MSE B . n 
B 1 98  GLU 98  95  95  GLU GLU B . n 
B 1 99  GLU 99  96  96  GLU GLU B . n 
B 1 100 VAL 100 97  97  VAL VAL B . n 
B 1 101 ILE 101 98  98  ILE ILE B . n 
B 1 102 HIS 102 99  99  HIS HIS B . n 
B 1 103 SER 103 100 100 SER SER B . n 
# 
loop_
_pdbx_nonpoly_scheme.asym_id 
_pdbx_nonpoly_scheme.entity_id 
_pdbx_nonpoly_scheme.mon_id 
_pdbx_nonpoly_scheme.ndb_seq_num 
_pdbx_nonpoly_scheme.pdb_seq_num 
_pdbx_nonpoly_scheme.auth_seq_num 
_pdbx_nonpoly_scheme.pdb_mon_id 
_pdbx_nonpoly_scheme.auth_mon_id 
_pdbx_nonpoly_scheme.pdb_strand_id 
_pdbx_nonpoly_scheme.pdb_ins_code 
C 2 HOH 1  101 5   HOH HOH A . 
C 2 HOH 2  102 8   HOH HOH A . 
C 2 HOH 3  103 9   HOH HOH A . 
C 2 HOH 4  104 10  HOH HOH A . 
C 2 HOH 5  105 12  HOH HOH A . 
C 2 HOH 6  106 16  HOH HOH A . 
C 2 HOH 7  107 17  HOH HOH A . 
C 2 HOH 8  108 18  HOH HOH A . 
C 2 HOH 9  109 19  HOH HOH A . 
C 2 HOH 10 110 20  HOH HOH A . 
C 2 HOH 11 111 21  HOH HOH A . 
C 2 HOH 12 112 22  HOH HOH A . 
C 2 HOH 13 113 27  HOH HOH A . 
C 2 HOH 14 114 28  HOH HOH A . 
C 2 HOH 15 115 29  HOH HOH A . 
C 2 HOH 16 116 30  HOH HOH A . 
C 2 HOH 17 117 32  HOH HOH A . 
C 2 HOH 18 118 34  HOH HOH A . 
C 2 HOH 19 119 40  HOH HOH A . 
C 2 HOH 20 120 41  HOH HOH A . 
C 2 HOH 21 121 43  HOH HOH A . 
C 2 HOH 22 122 44  HOH HOH A . 
C 2 HOH 23 123 46  HOH HOH A . 
C 2 HOH 24 124 48  HOH HOH A . 
C 2 HOH 25 125 51  HOH HOH A . 
C 2 HOH 26 126 56  HOH HOH A . 
C 2 HOH 27 127 63  HOH HOH A . 
C 2 HOH 28 128 64  HOH HOH A . 
C 2 HOH 29 129 72  HOH HOH A . 
C 2 HOH 30 130 83  HOH HOH A . 
C 2 HOH 31 131 86  HOH HOH A . 
C 2 HOH 32 132 87  HOH HOH A . 
C 2 HOH 33 133 88  HOH HOH A . 
C 2 HOH 34 134 97  HOH HOH A . 
C 2 HOH 35 135 98  HOH HOH A . 
C 2 HOH 36 136 107 HOH HOH A . 
C 2 HOH 37 137 109 HOH HOH A . 
C 2 HOH 38 138 125 HOH HOH A . 
C 2 HOH 39 139 141 HOH HOH A . 
C 2 HOH 40 140 146 HOH HOH A . 
C 2 HOH 41 141 156 HOH HOH A . 
C 2 HOH 42 142 178 HOH HOH A . 
C 2 HOH 43 143 187 HOH HOH A . 
C 2 HOH 44 144 197 HOH HOH A . 
D 2 HOH 1  101 1   HOH HOH B . 
D 2 HOH 2  102 2   HOH HOH B . 
D 2 HOH 3  103 3   HOH HOH B . 
D 2 HOH 4  104 4   HOH HOH B . 
D 2 HOH 5  105 6   HOH HOH B . 
D 2 HOH 6  106 7   HOH HOH B . 
D 2 HOH 7  107 11  HOH HOH B . 
D 2 HOH 8  108 13  HOH HOH B . 
D 2 HOH 9  109 14  HOH HOH B . 
D 2 HOH 10 110 15  HOH HOH B . 
D 2 HOH 11 111 23  HOH HOH B . 
D 2 HOH 12 112 24  HOH HOH B . 
D 2 HOH 13 113 25  HOH HOH B . 
D 2 HOH 14 114 26  HOH HOH B . 
D 2 HOH 15 115 31  HOH HOH B . 
D 2 HOH 16 116 33  HOH HOH B . 
D 2 HOH 17 117 35  HOH HOH B . 
D 2 HOH 18 118 36  HOH HOH B . 
D 2 HOH 19 119 37  HOH HOH B . 
D 2 HOH 20 120 38  HOH HOH B . 
D 2 HOH 21 121 39  HOH HOH B . 
D 2 HOH 22 122 42  HOH HOH B . 
D 2 HOH 23 123 45  HOH HOH B . 
D 2 HOH 24 124 49  HOH HOH B . 
D 2 HOH 25 125 50  HOH HOH B . 
D 2 HOH 26 126 52  HOH HOH B . 
D 2 HOH 27 127 53  HOH HOH B . 
D 2 HOH 28 128 54  HOH HOH B . 
D 2 HOH 29 129 57  HOH HOH B . 
D 2 HOH 30 130 58  HOH HOH B . 
D 2 HOH 31 131 59  HOH HOH B . 
D 2 HOH 32 132 61  HOH HOH B . 
D 2 HOH 33 133 62  HOH HOH B . 
D 2 HOH 34 134 65  HOH HOH B . 
D 2 HOH 35 135 70  HOH HOH B . 
D 2 HOH 36 136 76  HOH HOH B . 
D 2 HOH 37 137 77  HOH HOH B . 
D 2 HOH 38 138 78  HOH HOH B . 
D 2 HOH 39 139 103 HOH HOH B . 
D 2 HOH 40 140 162 HOH HOH B . 
D 2 HOH 41 141 166 HOH HOH B . 
D 2 HOH 42 142 169 HOH HOH B . 
D 2 HOH 43 143 173 HOH HOH B . 
D 2 HOH 44 144 174 HOH HOH B . 
D 2 HOH 45 145 182 HOH HOH B . 
# 
loop_
_software.name 
_software.classification 
_software.version 
_software.citation_id 
_software.pdbx_ordinal 
CNS      refinement       1.1 ? 1  
HKL-3000 phasing          .   ? 2  
SHELXD   phasing          .   ? 3  
SHELXE   'model building' .   ? 4  
MLPHARE  phasing          .   ? 5  
DM       phasing          .   ? 6  
SOLVE    phasing          .   ? 7  
RESOLVE  phasing          .   ? 8  
O        'model building' .   ? 9  
Coot     'model building' .   ? 10 
CCP4     phasing          .   ? 11 
CNS      phasing          .   ? 12 
# 
_cell.entry_id           1YLX 
_cell.length_a           34.189 
_cell.length_b           70.156 
_cell.length_c           81.361 
_cell.angle_alpha        90.00 
_cell.angle_beta         90.00 
_cell.angle_gamma        90.00 
_cell.Z_PDB              8 
_cell.pdbx_unique_axis   ? 
# 
_symmetry.entry_id                         1YLX 
_symmetry.space_group_name_H-M             'P 21 21 21' 
_symmetry.pdbx_full_space_group_name_H-M   ? 
_symmetry.cell_setting                     ? 
_symmetry.Int_Tables_number                19 
_symmetry.space_group_name_Hall            ? 
# 
_exptl.entry_id          1YLX 
_exptl.method            'X-RAY DIFFRACTION' 
_exptl.crystals_number   1 
# 
_exptl_crystal.id                    1 
_exptl_crystal.density_meas          ? 
_exptl_crystal.density_Matthews      2.080 
_exptl_crystal.density_percent_sol   38.60 
_exptl_crystal.description           ? 
_exptl_crystal.F_000                 ? 
_exptl_crystal.preparation           ? 
# 
_exptl_crystal_grow.crystal_id      1 
_exptl_crystal_grow.method          'VAPOR DIFFUSION, HANGING DROP' 
_exptl_crystal_grow.temp            293.0 
_exptl_crystal_grow.temp_details    ? 
_exptl_crystal_grow.pH              6.50 
_exptl_crystal_grow.pdbx_details    
'MPD, calcium chloride, bis-tris pH 6.5, pH 6.50, VAPOR DIFFUSION, HANGING DROP, temperature 293.0K' 
_exptl_crystal_grow.pdbx_pH_range   . 
# 
_diffrn.id                     1 
_diffrn.ambient_temp           100 
_diffrn.ambient_temp_details   ? 
_diffrn.crystal_id             1 
# 
_diffrn_detector.diffrn_id              1 
_diffrn_detector.detector               CCD 
_diffrn_detector.type                   'ADSC QUANTUM 4' 
_diffrn_detector.pdbx_collection_date   2004-11-15 
_diffrn_detector.details                'double crystal monochromator (Si 111) plus mirror' 
# 
_diffrn_radiation.diffrn_id                        1 
_diffrn_radiation.wavelength_id                    1 
_diffrn_radiation.pdbx_monochromatic_or_laue_m_l   M 
_diffrn_radiation.monochromator                    'double crystal monochromator (Si 111)' 
_diffrn_radiation.pdbx_diffrn_protocol             'SINGLE WAVELENGTH' 
_diffrn_radiation.pdbx_scattering_type             x-ray 
# 
_diffrn_radiation_wavelength.id           1 
_diffrn_radiation_wavelength.wavelength   0.97937 
_diffrn_radiation_wavelength.wt           1.0 
# 
_diffrn_source.diffrn_id                   1 
_diffrn_source.source                      SYNCHROTRON 
_diffrn_source.type                        'APS BEAMLINE 19-ID' 
_diffrn_source.pdbx_synchrotron_site       APS 
_diffrn_source.pdbx_synchrotron_beamline   19-ID 
_diffrn_source.pdbx_wavelength             ? 
_diffrn_source.pdbx_wavelength_list        0.97937 
# 
_reflns.entry_id                     1YLX 
_reflns.observed_criterion_sigma_I   0.00 
_reflns.observed_criterion_sigma_F   0.00 
_reflns.d_resolution_low             50.00 
_reflns.d_resolution_high            1.60 
_reflns.number_obs                   49668 
_reflns.number_all                   ? 
_reflns.percent_possible_obs         ? 
_reflns.pdbx_Rmerge_I_obs            0.079 
_reflns.pdbx_Rsym_value              ? 
_reflns.pdbx_netI_over_sigmaI        ? 
_reflns.B_iso_Wilson_estimate        14.9 
_reflns.pdbx_redundancy              13.0 
_reflns.R_free_details               ? 
_reflns.limit_h_max                  ? 
_reflns.limit_h_min                  ? 
_reflns.limit_k_max                  ? 
_reflns.limit_k_min                  ? 
_reflns.limit_l_max                  ? 
_reflns.limit_l_min                  ? 
_reflns.observed_criterion_F_max     ? 
_reflns.observed_criterion_F_min     ? 
_reflns.pdbx_chi_squared             ? 
_reflns.pdbx_scaling_rejects         ? 
_reflns.pdbx_diffrn_id               1 
_reflns.pdbx_ordinal                 1 
# 
_reflns_shell.d_res_high             1.60 
_reflns_shell.d_res_low              1.66 
_reflns_shell.percent_possible_all   94.5 
_reflns_shell.Rmerge_I_obs           ? 
_reflns_shell.pdbx_Rsym_value        ? 
_reflns_shell.meanI_over_sigI_obs    ? 
_reflns_shell.pdbx_redundancy        ? 
_reflns_shell.percent_possible_obs   ? 
_reflns_shell.number_unique_all      ? 
_reflns_shell.number_measured_all    ? 
_reflns_shell.number_measured_obs    ? 
_reflns_shell.number_unique_obs      ? 
_reflns_shell.pdbx_chi_squared       ? 
_reflns_shell.pdbx_diffrn_id         ? 
_reflns_shell.pdbx_ordinal           1 
# 
_refine.entry_id                                 1YLX 
_refine.ls_number_reflns_obs                     47316 
_refine.ls_number_reflns_all                     49964 
_refine.pdbx_ls_sigma_I                          ? 
_refine.pdbx_ls_sigma_F                          0.0 
_refine.pdbx_data_cutoff_high_absF               2126460.88 
_refine.pdbx_data_cutoff_low_absF                0.000000 
_refine.pdbx_data_cutoff_high_rms_absF           ? 
_refine.ls_d_res_low                             40.68 
_refine.ls_d_res_high                            1.60 
_refine.ls_percent_reflns_obs                    94.7 
_refine.ls_R_factor_obs                          0.229 
_refine.ls_R_factor_all                          ? 
_refine.ls_R_factor_R_work                       0.229 
_refine.ls_R_factor_R_free                       0.247 
_refine.ls_R_factor_R_free_error                 0.004 
_refine.ls_R_factor_R_free_error_details         ? 
_refine.ls_percent_reflns_R_free                 9.7 
_refine.ls_number_reflns_R_free                  4613 
_refine.ls_number_parameters                     ? 
_refine.ls_number_restraints                     ? 
_refine.occupancy_min                            ? 
_refine.occupancy_max                            ? 
_refine.correlation_coeff_Fo_to_Fc               ? 
_refine.correlation_coeff_Fo_to_Fc_free          ? 
_refine.B_iso_mean                               19.8 
_refine.aniso_B[1][1]                            1.40 
_refine.aniso_B[2][2]                            3.06 
_refine.aniso_B[3][3]                            -4.45 
_refine.aniso_B[1][2]                            0.00 
_refine.aniso_B[1][3]                            0.00 
_refine.aniso_B[2][3]                            0.00 
_refine.solvent_model_details                    'FLAT MODEL' 
_refine.solvent_model_param_ksol                 0.369162 
_refine.solvent_model_param_bsol                 39.6896 
_refine.pdbx_solvent_vdw_probe_radii             ? 
_refine.pdbx_solvent_ion_probe_radii             ? 
_refine.pdbx_solvent_shrinkage_radii             ? 
_refine.pdbx_ls_cross_valid_method               THROUGHOUT 
_refine.details                                  ? 
_refine.pdbx_starting_model                      ? 
_refine.pdbx_method_to_determine_struct          SAD 
_refine.pdbx_isotropic_thermal_model             RESTRAINED 
_refine.pdbx_stereochemistry_target_values       'Engh & Huber' 
_refine.pdbx_stereochem_target_val_spec_case     ? 
_refine.pdbx_R_Free_selection_details            RANDOM 
_refine.pdbx_overall_ESU_R                       ? 
_refine.pdbx_overall_ESU_R_Free                  ? 
_refine.overall_SU_ML                            ? 
_refine.overall_SU_B                             ? 
_refine.ls_redundancy_reflns_obs                 ? 
_refine.B_iso_min                                ? 
_refine.B_iso_max                                ? 
_refine.overall_SU_R_Cruickshank_DPI             ? 
_refine.overall_SU_R_free                        ? 
_refine.ls_wR_factor_R_free                      ? 
_refine.ls_wR_factor_R_work                      ? 
_refine.overall_FOM_free_R_set                   ? 
_refine.overall_FOM_work_R_set                   ? 
_refine.pdbx_refine_id                           'X-RAY DIFFRACTION' 
_refine.pdbx_diffrn_id                           1 
_refine.pdbx_TLS_residual_ADP_flag               ? 
_refine.pdbx_overall_phase_error                 ? 
_refine.pdbx_overall_SU_R_free_Cruickshank_DPI   ? 
_refine.pdbx_overall_SU_R_Blow_DPI               ? 
_refine.pdbx_overall_SU_R_free_Blow_DPI          ? 
# 
_refine_analyze.entry_id                        1YLX 
_refine_analyze.Luzzati_coordinate_error_obs    0.21 
_refine_analyze.Luzzati_sigma_a_obs             0.17 
_refine_analyze.Luzzati_d_res_low_obs           5.00 
_refine_analyze.Luzzati_coordinate_error_free   0.23 
_refine_analyze.Luzzati_sigma_a_free            0.17 
_refine_analyze.Luzzati_d_res_low_free          ? 
_refine_analyze.number_disordered_residues      ? 
_refine_analyze.occupancy_sum_hydrogen          ? 
_refine_analyze.occupancy_sum_non_hydrogen      ? 
_refine_analyze.pdbx_Luzzati_d_res_high_obs     ? 
_refine_analyze.pdbx_refine_id                  'X-RAY DIFFRACTION' 
# 
_refine_hist.pdbx_refine_id                   'X-RAY DIFFRACTION' 
_refine_hist.cycle_id                         LAST 
_refine_hist.pdbx_number_atoms_protein        1646 
_refine_hist.pdbx_number_atoms_nucleic_acid   0 
_refine_hist.pdbx_number_atoms_ligand         0 
_refine_hist.number_atoms_solvent             89 
_refine_hist.number_atoms_total               1735 
_refine_hist.d_res_high                       1.60 
_refine_hist.d_res_low                        40.68 
# 
loop_
_refine_ls_restr.type 
_refine_ls_restr.dev_ideal 
_refine_ls_restr.dev_ideal_target 
_refine_ls_restr.weight 
_refine_ls_restr.number 
_refine_ls_restr.pdbx_refine_id 
_refine_ls_restr.pdbx_restraint_function 
c_bond_d                0.004 ?    ? ? 'X-RAY DIFFRACTION' ? 
c_bond_d_na             ?     ?    ? ? 'X-RAY DIFFRACTION' ? 
c_bond_d_prot           ?     ?    ? ? 'X-RAY DIFFRACTION' ? 
c_angle_d               ?     ?    ? ? 'X-RAY DIFFRACTION' ? 
c_angle_d_na            ?     ?    ? ? 'X-RAY DIFFRACTION' ? 
c_angle_d_prot          ?     ?    ? ? 'X-RAY DIFFRACTION' ? 
c_angle_deg             1.1   ?    ? ? 'X-RAY DIFFRACTION' ? 
c_angle_deg_na          ?     ?    ? ? 'X-RAY DIFFRACTION' ? 
c_angle_deg_prot        ?     ?    ? ? 'X-RAY DIFFRACTION' ? 
c_dihedral_angle_d      23.1  ?    ? ? 'X-RAY DIFFRACTION' ? 
c_dihedral_angle_d_na   ?     ?    ? ? 'X-RAY DIFFRACTION' ? 
c_dihedral_angle_d_prot ?     ?    ? ? 'X-RAY DIFFRACTION' ? 
c_improper_angle_d      0.74  ?    ? ? 'X-RAY DIFFRACTION' ? 
c_improper_angle_d_na   ?     ?    ? ? 'X-RAY DIFFRACTION' ? 
c_improper_angle_d_prot ?     ?    ? ? 'X-RAY DIFFRACTION' ? 
c_mcbond_it             1.47  1.50 ? ? 'X-RAY DIFFRACTION' ? 
c_mcangle_it            2.43  2.00 ? ? 'X-RAY DIFFRACTION' ? 
c_scbond_it             2.37  2.00 ? ? 'X-RAY DIFFRACTION' ? 
c_scangle_it            3.68  2.50 ? ? 'X-RAY DIFFRACTION' ? 
# 
_refine_ls_shell.pdbx_total_number_of_bins_used   6 
_refine_ls_shell.d_res_high                       1.60 
_refine_ls_shell.d_res_low                        1.70 
_refine_ls_shell.number_reflns_R_work             6288 
_refine_ls_shell.R_factor_R_work                  0.288 
_refine_ls_shell.percent_reflns_obs               82.8 
_refine_ls_shell.R_factor_R_free                  0.301 
_refine_ls_shell.R_factor_R_free_error            0.012 
_refine_ls_shell.percent_reflns_R_free            9.0 
_refine_ls_shell.number_reflns_R_free             623 
_refine_ls_shell.redundancy_reflns_obs            ? 
_refine_ls_shell.number_reflns_all                ? 
_refine_ls_shell.number_reflns_obs                ? 
_refine_ls_shell.pdbx_refine_id                   'X-RAY DIFFRACTION' 
_refine_ls_shell.R_factor_all                     ? 
# 
loop_
_pdbx_xplor_file.serial_no 
_pdbx_xplor_file.param_file 
_pdbx_xplor_file.topol_file 
_pdbx_xplor_file.pdbx_refine_id 
1 protein_rep.param protein.top 'X-RAY DIFFRACTION' 
2 water_rep.param   water.top   'X-RAY DIFFRACTION' 
# 
_struct.entry_id                  1YLX 
_struct.title                     'Crystal Structure of a Protein of Unknown Function from Bacillus stearothermophilus' 
_struct.pdbx_model_details        ? 
_struct.pdbx_CASP_flag            ? 
_struct.pdbx_model_type_details   ? 
# 
_struct_keywords.entry_id        1YLX 
_struct_keywords.pdbx_keywords   'STRUCTURAL GENOMICS, UNKNOWN FUNCTION' 
_struct_keywords.text            
;hypothetical protein, Bacillus stearothermophilus, dimer, Structural Genomics, PSI, Protein Structure Initiative, Midwest Center for Structural Genomics, MCSG, UNKNOWN FUNCTION
;
# 
loop_
_struct_asym.id 
_struct_asym.pdbx_blank_PDB_chainid_flag 
_struct_asym.pdbx_modified 
_struct_asym.entity_id 
_struct_asym.details 
A N N 1 ? 
B N N 1 ? 
C N N 2 ? 
D N N 2 ? 
# 
_struct_ref.id                         1 
_struct_ref.entity_id                  1 
_struct_ref.db_name                    PDB 
_struct_ref.db_code                    1YLX 
_struct_ref.pdbx_db_accession          1YLX 
_struct_ref.pdbx_db_isoform            ? 
_struct_ref.pdbx_seq_one_letter_code   ? 
_struct_ref.pdbx_align_begin           ? 
# 
loop_
_struct_ref_seq.align_id 
_struct_ref_seq.ref_id 
_struct_ref_seq.pdbx_PDB_id_code 
_struct_ref_seq.pdbx_strand_id 
_struct_ref_seq.seq_align_beg 
_struct_ref_seq.pdbx_seq_align_beg_ins_code 
_struct_ref_seq.seq_align_end 
_struct_ref_seq.pdbx_seq_align_end_ins_code 
_struct_ref_seq.pdbx_db_accession 
_struct_ref_seq.db_align_beg 
_struct_ref_seq.pdbx_db_align_beg_ins_code 
_struct_ref_seq.db_align_end 
_struct_ref_seq.pdbx_db_align_end_ins_code 
_struct_ref_seq.pdbx_auth_seq_align_beg 
_struct_ref_seq.pdbx_auth_seq_align_end 
1 1 1YLX A 1 ? 103 ? 1YLX -2 ? 100 ? -2 100 
2 1 1YLX B 1 ? 103 ? 1YLX -2 ? 100 ? -2 100 
# 
_pdbx_struct_assembly.id                   1 
_pdbx_struct_assembly.details              author_defined_assembly 
_pdbx_struct_assembly.method_details       ? 
_pdbx_struct_assembly.oligomeric_details   dimeric 
_pdbx_struct_assembly.oligomeric_count     2 
# 
_pdbx_struct_assembly_gen.assembly_id       1 
_pdbx_struct_assembly_gen.oper_expression   1 
_pdbx_struct_assembly_gen.asym_id_list      A,B,C,D 
# 
_pdbx_struct_oper_list.id                   1 
_pdbx_struct_oper_list.type                 'identity operation' 
_pdbx_struct_oper_list.name                 1_555 
_pdbx_struct_oper_list.symmetry_operation   x,y,z 
_pdbx_struct_oper_list.matrix[1][1]         1.0000000000 
_pdbx_struct_oper_list.matrix[1][2]         0.0000000000 
_pdbx_struct_oper_list.matrix[1][3]         0.0000000000 
_pdbx_struct_oper_list.vector[1]            0.0000000000 
_pdbx_struct_oper_list.matrix[2][1]         0.0000000000 
_pdbx_struct_oper_list.matrix[2][2]         1.0000000000 
_pdbx_struct_oper_list.matrix[2][3]         0.0000000000 
_pdbx_struct_oper_list.vector[2]            0.0000000000 
_pdbx_struct_oper_list.matrix[3][1]         0.0000000000 
_pdbx_struct_oper_list.matrix[3][2]         0.0000000000 
_pdbx_struct_oper_list.matrix[3][3]         1.0000000000 
_pdbx_struct_oper_list.vector[3]            0.0000000000 
# 
loop_
_struct_conf.conf_type_id 
_struct_conf.id 
_struct_conf.pdbx_PDB_helix_id 
_struct_conf.beg_label_comp_id 
_struct_conf.beg_label_asym_id 
_struct_conf.beg_label_seq_id 
_struct_conf.pdbx_beg_PDB_ins_code 
_struct_conf.end_label_comp_id 
_struct_conf.end_label_asym_id 
_struct_conf.end_label_seq_id 
_struct_conf.pdbx_end_PDB_ins_code 
_struct_conf.beg_auth_comp_id 
_struct_conf.beg_auth_asym_id 
_struct_conf.beg_auth_seq_id 
_struct_conf.end_auth_comp_id 
_struct_conf.end_auth_asym_id 
_struct_conf.end_auth_seq_id 
_struct_conf.pdbx_PDB_helix_class 
_struct_conf.details 
_struct_conf.pdbx_PDB_helix_length 
HELX_P HELX_P1 1 PRO A 8  ? GLY A 28  ? PRO A 5  GLY A 25  1 ? 21 
HELX_P HELX_P2 2 SER A 92 ? HIS A 102 ? SER A 89 HIS A 99  1 ? 11 
HELX_P HELX_P3 3 PRO B 8  ? GLY B 28  ? PRO B 5  GLY B 25  1 ? 21 
HELX_P HELX_P4 4 SER B 92 ? SER B 103 ? SER B 89 SER B 100 1 ? 12 
# 
_struct_conf_type.id          HELX_P 
_struct_conf_type.criteria    ? 
_struct_conf_type.reference   ? 
# 
loop_
_struct_conn.id 
_struct_conn.conn_type_id 
_struct_conn.pdbx_leaving_atom_flag 
_struct_conn.pdbx_PDB_id 
_struct_conn.ptnr1_label_asym_id 
_struct_conn.ptnr1_label_comp_id 
_struct_conn.ptnr1_label_seq_id 
_struct_conn.ptnr1_label_atom_id 
_struct_conn.pdbx_ptnr1_label_alt_id 
_struct_conn.pdbx_ptnr1_PDB_ins_code 
_struct_conn.pdbx_ptnr1_standard_comp_id 
_struct_conn.ptnr1_symmetry 
_struct_conn.ptnr2_label_asym_id 
_struct_conn.ptnr2_label_comp_id 
_struct_conn.ptnr2_label_seq_id 
_struct_conn.ptnr2_label_atom_id 
_struct_conn.pdbx_ptnr2_label_alt_id 
_struct_conn.pdbx_ptnr2_PDB_ins_code 
_struct_conn.ptnr1_auth_asym_id 
_struct_conn.ptnr1_auth_comp_id 
_struct_conn.ptnr1_auth_seq_id 
_struct_conn.ptnr2_auth_asym_id 
_struct_conn.ptnr2_auth_comp_id 
_struct_conn.ptnr2_auth_seq_id 
_struct_conn.ptnr2_symmetry 
_struct_conn.pdbx_ptnr3_label_atom_id 
_struct_conn.pdbx_ptnr3_label_seq_id 
_struct_conn.pdbx_ptnr3_label_comp_id 
_struct_conn.pdbx_ptnr3_label_asym_id 
_struct_conn.pdbx_ptnr3_label_alt_id 
_struct_conn.pdbx_ptnr3_PDB_ins_code 
_struct_conn.details 
_struct_conn.pdbx_dist_value 
_struct_conn.pdbx_value_order 
_struct_conn.pdbx_role 
covale1  covale both ? A MSE 4  C ? ? ? 1_555 A GLU 5  N ? ? A MSE 1  A GLU 2  1_555 ? ? ? ? ? ? ? 1.330 ? ? 
covale2  covale both ? A PRO 22 C ? ? ? 1_555 A MSE 23 N ? ? A PRO 19 A MSE 20 1_555 ? ? ? ? ? ? ? 1.329 ? ? 
covale3  covale both ? A MSE 23 C ? ? ? 1_555 A MSE 24 N ? ? A MSE 20 A MSE 21 1_555 ? ? ? ? ? ? ? 1.329 ? ? 
covale4  covale both ? A MSE 24 C ? ? ? 1_555 A GLU 25 N ? ? A MSE 21 A GLU 22 1_555 ? ? ? ? ? ? ? 1.329 ? ? 
covale5  covale both ? A GLU 55 C ? ? ? 1_555 A MSE 56 N ? ? A GLU 52 A MSE 53 1_555 ? ? ? ? ? ? ? 1.328 ? ? 
covale6  covale both ? A MSE 56 C ? ? ? 1_555 A ILE 57 N ? ? A MSE 53 A ILE 54 1_555 ? ? ? ? ? ? ? 1.329 ? ? 
covale7  covale both ? A HIS 60 C ? ? ? 1_555 A MSE 61 N ? ? A HIS 57 A MSE 58 1_555 ? ? ? ? ? ? ? 1.330 ? ? 
covale8  covale both ? A MSE 61 C ? ? ? 1_555 A PRO 62 N ? ? A MSE 58 A PRO 59 1_555 ? ? ? ? ? ? ? 1.340 ? ? 
covale9  covale both ? A ALA 96 C ? ? ? 1_555 A MSE 97 N ? ? A ALA 93 A MSE 94 1_555 ? ? ? ? ? ? ? 1.330 ? ? 
covale10 covale both ? A MSE 97 C ? ? ? 1_555 A GLU 98 N ? ? A MSE 94 A GLU 95 1_555 ? ? ? ? ? ? ? 1.328 ? ? 
covale11 covale both ? B MSE 4  C ? ? ? 1_555 B GLU 5  N ? ? B MSE 1  B GLU 2  1_555 ? ? ? ? ? ? ? 1.330 ? ? 
covale12 covale both ? B PRO 22 C ? ? ? 1_555 B MSE 23 N ? ? B PRO 19 B MSE 20 1_555 ? ? ? ? ? ? ? 1.329 ? ? 
covale13 covale both ? B MSE 23 C ? ? ? 1_555 B MSE 24 N ? ? B MSE 20 B MSE 21 1_555 ? ? ? ? ? ? ? 1.327 ? ? 
covale14 covale both ? B MSE 24 C ? ? ? 1_555 B GLU 25 N ? ? B MSE 21 B GLU 22 1_555 ? ? ? ? ? ? ? 1.330 ? ? 
covale15 covale both ? B GLU 55 C ? ? ? 1_555 B MSE 56 N ? ? B GLU 52 B MSE 53 1_555 ? ? ? ? ? ? ? 1.327 ? ? 
covale16 covale both ? B MSE 56 C ? ? ? 1_555 B ILE 57 N ? ? B MSE 53 B ILE 54 1_555 ? ? ? ? ? ? ? 1.328 ? ? 
covale17 covale both ? B HIS 60 C ? ? ? 1_555 B MSE 61 N ? ? B HIS 57 B MSE 58 1_555 ? ? ? ? ? ? ? 1.333 ? ? 
covale18 covale both ? B MSE 61 C ? ? ? 1_555 B PRO 62 N ? ? B MSE 58 B PRO 59 1_555 ? ? ? ? ? ? ? 1.339 ? ? 
covale19 covale both ? B ALA 96 C ? ? ? 1_555 B MSE 97 N ? ? B ALA 93 B MSE 94 1_555 ? ? ? ? ? ? ? 1.330 ? ? 
covale20 covale both ? B MSE 97 C ? ? ? 1_555 B GLU 98 N ? ? B MSE 94 B GLU 95 1_555 ? ? ? ? ? ? ? 1.329 ? ? 
# 
_struct_conn_type.id          covale 
_struct_conn_type.criteria    ? 
_struct_conn_type.reference   ? 
# 
loop_
_pdbx_modification_feature.ordinal 
_pdbx_modification_feature.label_comp_id 
_pdbx_modification_feature.label_asym_id 
_pdbx_modification_feature.label_seq_id 
_pdbx_modification_feature.label_alt_id 
_pdbx_modification_feature.modified_residue_label_comp_id 
_pdbx_modification_feature.modified_residue_label_asym_id 
_pdbx_modification_feature.modified_residue_label_seq_id 
_pdbx_modification_feature.modified_residue_label_alt_id 
_pdbx_modification_feature.auth_comp_id 
_pdbx_modification_feature.auth_asym_id 
_pdbx_modification_feature.auth_seq_id 
_pdbx_modification_feature.PDB_ins_code 
_pdbx_modification_feature.symmetry 
_pdbx_modification_feature.modified_residue_auth_comp_id 
_pdbx_modification_feature.modified_residue_auth_asym_id 
_pdbx_modification_feature.modified_residue_auth_seq_id 
_pdbx_modification_feature.modified_residue_PDB_ins_code 
_pdbx_modification_feature.modified_residue_symmetry 
_pdbx_modification_feature.comp_id_linking_atom 
_pdbx_modification_feature.modified_residue_id_linking_atom 
_pdbx_modification_feature.modified_residue_id 
_pdbx_modification_feature.ref_pcm_id 
_pdbx_modification_feature.ref_comp_id 
_pdbx_modification_feature.type 
_pdbx_modification_feature.category 
1  MSE A 4  ? . . . . MSE A 1  ? 1_555 . . . . . . . MET 1 MSE Selenomethionine 'Named protein modification' 
2  MSE A 23 ? . . . . MSE A 20 ? 1_555 . . . . . . . MET 1 MSE Selenomethionine 'Named protein modification' 
3  MSE A 24 ? . . . . MSE A 21 ? 1_555 . . . . . . . MET 1 MSE Selenomethionine 'Named protein modification' 
4  MSE A 56 ? . . . . MSE A 53 ? 1_555 . . . . . . . MET 1 MSE Selenomethionine 'Named protein modification' 
5  MSE A 61 ? . . . . MSE A 58 ? 1_555 . . . . . . . MET 1 MSE Selenomethionine 'Named protein modification' 
6  MSE A 97 ? . . . . MSE A 94 ? 1_555 . . . . . . . MET 1 MSE Selenomethionine 'Named protein modification' 
7  MSE B 4  ? . . . . MSE B 1  ? 1_555 . . . . . . . MET 1 MSE Selenomethionine 'Named protein modification' 
8  MSE B 23 ? . . . . MSE B 20 ? 1_555 . . . . . . . MET 1 MSE Selenomethionine 'Named protein modification' 
9  MSE B 24 ? . . . . MSE B 21 ? 1_555 . . . . . . . MET 1 MSE Selenomethionine 'Named protein modification' 
10 MSE B 56 ? . . . . MSE B 53 ? 1_555 . . . . . . . MET 1 MSE Selenomethionine 'Named protein modification' 
11 MSE B 61 ? . . . . MSE B 58 ? 1_555 . . . . . . . MET 1 MSE Selenomethionine 'Named protein modification' 
12 MSE B 97 ? . . . . MSE B 94 ? 1_555 . . . . . . . MET 1 MSE Selenomethionine 'Named protein modification' 
# 
loop_
_struct_sheet.id 
_struct_sheet.type 
_struct_sheet.number_strands 
_struct_sheet.details 
A ? 8  ? 
B ? 10 ? 
# 
loop_
_struct_sheet_order.sheet_id 
_struct_sheet_order.range_id_1 
_struct_sheet_order.range_id_2 
_struct_sheet_order.offset 
_struct_sheet_order.sense 
A 1 2  ? anti-parallel 
A 2 3  ? anti-parallel 
A 3 4  ? anti-parallel 
A 4 5  ? anti-parallel 
A 5 6  ? anti-parallel 
A 6 7  ? anti-parallel 
A 7 8  ? anti-parallel 
B 1 2  ? anti-parallel 
B 2 3  ? anti-parallel 
B 3 4  ? anti-parallel 
B 4 5  ? anti-parallel 
B 5 6  ? anti-parallel 
B 6 7  ? anti-parallel 
B 7 8  ? anti-parallel 
B 8 9  ? anti-parallel 
B 9 10 ? anti-parallel 
# 
loop_
_struct_sheet_range.sheet_id 
_struct_sheet_range.id 
_struct_sheet_range.beg_label_comp_id 
_struct_sheet_range.beg_label_asym_id 
_struct_sheet_range.beg_label_seq_id 
_struct_sheet_range.pdbx_beg_PDB_ins_code 
_struct_sheet_range.end_label_comp_id 
_struct_sheet_range.end_label_asym_id 
_struct_sheet_range.end_label_seq_id 
_struct_sheet_range.pdbx_end_PDB_ins_code 
_struct_sheet_range.beg_auth_comp_id 
_struct_sheet_range.beg_auth_asym_id 
_struct_sheet_range.beg_auth_seq_id 
_struct_sheet_range.end_auth_comp_id 
_struct_sheet_range.end_auth_asym_id 
_struct_sheet_range.end_auth_seq_id 
A 1  LEU A 71 ? LEU A 73 ? LEU A 68 LEU A 70 
A 2  GLU A 55 ? LYS A 65 ? GLU A 52 LYS A 62 
A 3  ARG A 43 ? LYS A 52 ? ARG A 40 LYS A 49 
A 4  VAL A 32 ? HIS A 38 ? VAL A 29 HIS A 35 
A 5  VAL B 32 ? HIS B 38 ? VAL B 29 HIS B 35 
A 6  ARG B 43 ? LYS B 52 ? ARG B 40 LYS B 49 
A 7  GLU B 55 ? LYS B 65 ? GLU B 52 LYS B 62 
A 8  LEU B 71 ? LEU B 73 ? LEU B 68 LEU B 70 
B 1  ARG A 85 ? PHE A 90 ? ARG A 82 PHE A 87 
B 2  TRP A 78 ? LYS A 82 ? TRP A 75 LYS A 79 
B 3  GLU A 55 ? LYS A 65 ? GLU A 52 LYS A 62 
B 4  ARG A 43 ? LYS A 52 ? ARG A 40 LYS A 49 
B 5  VAL A 32 ? HIS A 38 ? VAL A 29 HIS A 35 
B 6  VAL B 32 ? HIS B 38 ? VAL B 29 HIS B 35 
B 7  ARG B 43 ? LYS B 52 ? ARG B 40 LYS B 49 
B 8  GLU B 55 ? LYS B 65 ? GLU B 52 LYS B 62 
B 9  TRP B 78 ? LYS B 82 ? TRP B 75 LYS B 79 
B 10 ARG B 85 ? PHE B 90 ? ARG B 82 PHE B 87 
# 
loop_
_pdbx_struct_sheet_hbond.sheet_id 
_pdbx_struct_sheet_hbond.range_id_1 
_pdbx_struct_sheet_hbond.range_id_2 
_pdbx_struct_sheet_hbond.range_1_label_atom_id 
_pdbx_struct_sheet_hbond.range_1_label_comp_id 
_pdbx_struct_sheet_hbond.range_1_label_asym_id 
_pdbx_struct_sheet_hbond.range_1_label_seq_id 
_pdbx_struct_sheet_hbond.range_1_PDB_ins_code 
_pdbx_struct_sheet_hbond.range_1_auth_atom_id 
_pdbx_struct_sheet_hbond.range_1_auth_comp_id 
_pdbx_struct_sheet_hbond.range_1_auth_asym_id 
_pdbx_struct_sheet_hbond.range_1_auth_seq_id 
_pdbx_struct_sheet_hbond.range_2_label_atom_id 
_pdbx_struct_sheet_hbond.range_2_label_comp_id 
_pdbx_struct_sheet_hbond.range_2_label_asym_id 
_pdbx_struct_sheet_hbond.range_2_label_seq_id 
_pdbx_struct_sheet_hbond.range_2_PDB_ins_code 
_pdbx_struct_sheet_hbond.range_2_auth_atom_id 
_pdbx_struct_sheet_hbond.range_2_auth_comp_id 
_pdbx_struct_sheet_hbond.range_2_auth_asym_id 
_pdbx_struct_sheet_hbond.range_2_auth_seq_id 
A 1 2  O ALA A 72 ? O ALA A 69 N VAL A 64 ? N VAL A 61 
A 2 3  O ILE A 57 ? O ILE A 54 N ILE A 50 ? N ILE A 47 
A 3 4  O TYR A 45 ? O TYR A 42 N GLU A 37 ? N GLU A 34 
A 4 5  N GLU A 36 ? N GLU A 33 O GLU B 36 ? O GLU B 33 
A 5 6  N GLU B 37 ? N GLU B 34 O TYR B 45 ? O TYR B 42 
A 6 7  N ILE B 50 ? N ILE B 47 O ILE B 57 ? O ILE B 54 
A 7 8  N VAL B 64 ? N VAL B 61 O ALA B 72 ? O ALA B 69 
B 1 2  O LYS A 87 ? O LYS A 84 N VAL A 80 ? N VAL A 77 
B 2 3  O ARG A 81 ? O ARG A 78 N THR A 58 ? N THR A 55 
B 3 4  O ILE A 57 ? O ILE A 54 N ILE A 50 ? N ILE A 47 
B 4 5  O TYR A 45 ? O TYR A 42 N GLU A 37 ? N GLU A 34 
B 5 6  N GLU A 36 ? N GLU A 33 O GLU B 36 ? O GLU B 33 
B 6 7  N GLU B 37 ? N GLU B 34 O TYR B 45 ? O TYR B 42 
B 7 8  N ILE B 50 ? N ILE B 47 O ILE B 57 ? O ILE B 54 
B 8 9  N THR B 58 ? N THR B 55 O ARG B 81 ? O ARG B 78 
B 9 10 N TRP B 78 ? N TRP B 75 O PHE B 90 ? O PHE B 87 
# 
_pdbx_entry_details.entry_id                   1YLX 
_pdbx_entry_details.compound_details           ? 
_pdbx_entry_details.source_details             ? 
_pdbx_entry_details.nonpolymer_details         ? 
_pdbx_entry_details.sequence_details           ? 
_pdbx_entry_details.has_ligand_of_interest     ? 
_pdbx_entry_details.has_protein_modification   Y 
# 
loop_
_pdbx_validate_torsion.id 
_pdbx_validate_torsion.PDB_model_num 
_pdbx_validate_torsion.auth_comp_id 
_pdbx_validate_torsion.auth_asym_id 
_pdbx_validate_torsion.auth_seq_id 
_pdbx_validate_torsion.PDB_ins_code 
_pdbx_validate_torsion.label_alt_id 
_pdbx_validate_torsion.phi 
_pdbx_validate_torsion.psi 
1 1 ASP A 51 ? ? 74.78   -14.08  
2 1 LYS A 85 ? ? -120.32 -166.59 
3 1 ASP B 51 ? ? 73.45   -2.97   
4 1 LYS B 85 ? ? -112.06 -166.02 
# 
_pdbx_SG_project.id                    1 
_pdbx_SG_project.project_name          'PSI, Protein Structure Initiative' 
_pdbx_SG_project.full_name_of_center   'Midwest Center for Structural Genomics' 
_pdbx_SG_project.initial_of_center     MCSG 
# 
loop_
_pdbx_struct_mod_residue.id 
_pdbx_struct_mod_residue.label_asym_id 
_pdbx_struct_mod_residue.label_comp_id 
_pdbx_struct_mod_residue.label_seq_id 
_pdbx_struct_mod_residue.auth_asym_id 
_pdbx_struct_mod_residue.auth_comp_id 
_pdbx_struct_mod_residue.auth_seq_id 
_pdbx_struct_mod_residue.PDB_ins_code 
_pdbx_struct_mod_residue.parent_comp_id 
_pdbx_struct_mod_residue.details 
1  A MSE 4  A MSE 1  ? MET SELENOMETHIONINE 
2  A MSE 23 A MSE 20 ? MET SELENOMETHIONINE 
3  A MSE 24 A MSE 21 ? MET SELENOMETHIONINE 
4  A MSE 56 A MSE 53 ? MET SELENOMETHIONINE 
5  A MSE 61 A MSE 58 ? MET SELENOMETHIONINE 
6  A MSE 97 A MSE 94 ? MET SELENOMETHIONINE 
7  B MSE 4  B MSE 1  ? MET SELENOMETHIONINE 
8  B MSE 23 B MSE 20 ? MET SELENOMETHIONINE 
9  B MSE 24 B MSE 21 ? MET SELENOMETHIONINE 
10 B MSE 56 B MSE 53 ? MET SELENOMETHIONINE 
11 B MSE 61 B MSE 58 ? MET SELENOMETHIONINE 
12 B MSE 97 B MSE 94 ? MET SELENOMETHIONINE 
# 
_pdbx_database_remark.id     999 
_pdbx_database_remark.text   
;SEQUENCE
THERE IS NO SUITABLE SEQUENCE DATABASE 
REFERENCE AT THE TIME OF PROCESSING.
;
# 
loop_
_pdbx_unobs_or_zero_occ_residues.id 
_pdbx_unobs_or_zero_occ_residues.PDB_model_num 
_pdbx_unobs_or_zero_occ_residues.polymer_flag 
_pdbx_unobs_or_zero_occ_residues.occupancy_flag 
_pdbx_unobs_or_zero_occ_residues.auth_asym_id 
_pdbx_unobs_or_zero_occ_residues.auth_comp_id 
_pdbx_unobs_or_zero_occ_residues.auth_seq_id 
_pdbx_unobs_or_zero_occ_residues.PDB_ins_code 
_pdbx_unobs_or_zero_occ_residues.label_asym_id 
_pdbx_unobs_or_zero_occ_residues.label_comp_id 
_pdbx_unobs_or_zero_occ_residues.label_seq_id 
1 1 Y 1 A SER -2 ? A SER 1 
2 1 Y 1 A ASN -1 ? A ASN 2 
3 1 Y 1 A ALA 0  ? A ALA 3 
4 1 Y 1 B SER -2 ? B SER 1 
5 1 Y 1 B ASN -1 ? B ASN 2 
6 1 Y 1 B ALA 0  ? B ALA 3 
# 
loop_
_chem_comp_atom.comp_id 
_chem_comp_atom.atom_id 
_chem_comp_atom.type_symbol 
_chem_comp_atom.pdbx_aromatic_flag 
_chem_comp_atom.pdbx_stereo_config 
_chem_comp_atom.pdbx_ordinal 
ALA N    N  N N 1   
ALA CA   C  N S 2   
ALA C    C  N N 3   
ALA O    O  N N 4   
ALA CB   C  N N 5   
ALA OXT  O  N N 6   
ALA H    H  N N 7   
ALA H2   H  N N 8   
ALA HA   H  N N 9   
ALA HB1  H  N N 10  
ALA HB2  H  N N 11  
ALA HB3  H  N N 12  
ALA HXT  H  N N 13  
ARG N    N  N N 14  
ARG CA   C  N S 15  
ARG C    C  N N 16  
ARG O    O  N N 17  
ARG CB   C  N N 18  
ARG CG   C  N N 19  
ARG CD   C  N N 20  
ARG NE   N  N N 21  
ARG CZ   C  N N 22  
ARG NH1  N  N N 23  
ARG NH2  N  N N 24  
ARG OXT  O  N N 25  
ARG H    H  N N 26  
ARG H2   H  N N 27  
ARG HA   H  N N 28  
ARG HB2  H  N N 29  
ARG HB3  H  N N 30  
ARG HG2  H  N N 31  
ARG HG3  H  N N 32  
ARG HD2  H  N N 33  
ARG HD3  H  N N 34  
ARG HE   H  N N 35  
ARG HH11 H  N N 36  
ARG HH12 H  N N 37  
ARG HH21 H  N N 38  
ARG HH22 H  N N 39  
ARG HXT  H  N N 40  
ASN N    N  N N 41  
ASN CA   C  N S 42  
ASN C    C  N N 43  
ASN O    O  N N 44  
ASN CB   C  N N 45  
ASN CG   C  N N 46  
ASN OD1  O  N N 47  
ASN ND2  N  N N 48  
ASN OXT  O  N N 49  
ASN H    H  N N 50  
ASN H2   H  N N 51  
ASN HA   H  N N 52  
ASN HB2  H  N N 53  
ASN HB3  H  N N 54  
ASN HD21 H  N N 55  
ASN HD22 H  N N 56  
ASN HXT  H  N N 57  
ASP N    N  N N 58  
ASP CA   C  N S 59  
ASP C    C  N N 60  
ASP O    O  N N 61  
ASP CB   C  N N 62  
ASP CG   C  N N 63  
ASP OD1  O  N N 64  
ASP OD2  O  N N 65  
ASP OXT  O  N N 66  
ASP H    H  N N 67  
ASP H2   H  N N 68  
ASP HA   H  N N 69  
ASP HB2  H  N N 70  
ASP HB3  H  N N 71  
ASP HD2  H  N N 72  
ASP HXT  H  N N 73  
GLN N    N  N N 74  
GLN CA   C  N S 75  
GLN C    C  N N 76  
GLN O    O  N N 77  
GLN CB   C  N N 78  
GLN CG   C  N N 79  
GLN CD   C  N N 80  
GLN OE1  O  N N 81  
GLN NE2  N  N N 82  
GLN OXT  O  N N 83  
GLN H    H  N N 84  
GLN H2   H  N N 85  
GLN HA   H  N N 86  
GLN HB2  H  N N 87  
GLN HB3  H  N N 88  
GLN HG2  H  N N 89  
GLN HG3  H  N N 90  
GLN HE21 H  N N 91  
GLN HE22 H  N N 92  
GLN HXT  H  N N 93  
GLU N    N  N N 94  
GLU CA   C  N S 95  
GLU C    C  N N 96  
GLU O    O  N N 97  
GLU CB   C  N N 98  
GLU CG   C  N N 99  
GLU CD   C  N N 100 
GLU OE1  O  N N 101 
GLU OE2  O  N N 102 
GLU OXT  O  N N 103 
GLU H    H  N N 104 
GLU H2   H  N N 105 
GLU HA   H  N N 106 
GLU HB2  H  N N 107 
GLU HB3  H  N N 108 
GLU HG2  H  N N 109 
GLU HG3  H  N N 110 
GLU HE2  H  N N 111 
GLU HXT  H  N N 112 
GLY N    N  N N 113 
GLY CA   C  N N 114 
GLY C    C  N N 115 
GLY O    O  N N 116 
GLY OXT  O  N N 117 
GLY H    H  N N 118 
GLY H2   H  N N 119 
GLY HA2  H  N N 120 
GLY HA3  H  N N 121 
GLY HXT  H  N N 122 
HIS N    N  N N 123 
HIS CA   C  N S 124 
HIS C    C  N N 125 
HIS O    O  N N 126 
HIS CB   C  N N 127 
HIS CG   C  Y N 128 
HIS ND1  N  Y N 129 
HIS CD2  C  Y N 130 
HIS CE1  C  Y N 131 
HIS NE2  N  Y N 132 
HIS OXT  O  N N 133 
HIS H    H  N N 134 
HIS H2   H  N N 135 
HIS HA   H  N N 136 
HIS HB2  H  N N 137 
HIS HB3  H  N N 138 
HIS HD1  H  N N 139 
HIS HD2  H  N N 140 
HIS HE1  H  N N 141 
HIS HE2  H  N N 142 
HIS HXT  H  N N 143 
HOH O    O  N N 144 
HOH H1   H  N N 145 
HOH H2   H  N N 146 
ILE N    N  N N 147 
ILE CA   C  N S 148 
ILE C    C  N N 149 
ILE O    O  N N 150 
ILE CB   C  N S 151 
ILE CG1  C  N N 152 
ILE CG2  C  N N 153 
ILE CD1  C  N N 154 
ILE OXT  O  N N 155 
ILE H    H  N N 156 
ILE H2   H  N N 157 
ILE HA   H  N N 158 
ILE HB   H  N N 159 
ILE HG12 H  N N 160 
ILE HG13 H  N N 161 
ILE HG21 H  N N 162 
ILE HG22 H  N N 163 
ILE HG23 H  N N 164 
ILE HD11 H  N N 165 
ILE HD12 H  N N 166 
ILE HD13 H  N N 167 
ILE HXT  H  N N 168 
LEU N    N  N N 169 
LEU CA   C  N S 170 
LEU C    C  N N 171 
LEU O    O  N N 172 
LEU CB   C  N N 173 
LEU CG   C  N N 174 
LEU CD1  C  N N 175 
LEU CD2  C  N N 176 
LEU OXT  O  N N 177 
LEU H    H  N N 178 
LEU H2   H  N N 179 
LEU HA   H  N N 180 
LEU HB2  H  N N 181 
LEU HB3  H  N N 182 
LEU HG   H  N N 183 
LEU HD11 H  N N 184 
LEU HD12 H  N N 185 
LEU HD13 H  N N 186 
LEU HD21 H  N N 187 
LEU HD22 H  N N 188 
LEU HD23 H  N N 189 
LEU HXT  H  N N 190 
LYS N    N  N N 191 
LYS CA   C  N S 192 
LYS C    C  N N 193 
LYS O    O  N N 194 
LYS CB   C  N N 195 
LYS CG   C  N N 196 
LYS CD   C  N N 197 
LYS CE   C  N N 198 
LYS NZ   N  N N 199 
LYS OXT  O  N N 200 
LYS H    H  N N 201 
LYS H2   H  N N 202 
LYS HA   H  N N 203 
LYS HB2  H  N N 204 
LYS HB3  H  N N 205 
LYS HG2  H  N N 206 
LYS HG3  H  N N 207 
LYS HD2  H  N N 208 
LYS HD3  H  N N 209 
LYS HE2  H  N N 210 
LYS HE3  H  N N 211 
LYS HZ1  H  N N 212 
LYS HZ2  H  N N 213 
LYS HZ3  H  N N 214 
LYS HXT  H  N N 215 
MSE N    N  N N 216 
MSE CA   C  N S 217 
MSE C    C  N N 218 
MSE O    O  N N 219 
MSE OXT  O  N N 220 
MSE CB   C  N N 221 
MSE CG   C  N N 222 
MSE SE   SE N N 223 
MSE CE   C  N N 224 
MSE H    H  N N 225 
MSE H2   H  N N 226 
MSE HA   H  N N 227 
MSE HXT  H  N N 228 
MSE HB2  H  N N 229 
MSE HB3  H  N N 230 
MSE HG2  H  N N 231 
MSE HG3  H  N N 232 
MSE HE1  H  N N 233 
MSE HE2  H  N N 234 
MSE HE3  H  N N 235 
PHE N    N  N N 236 
PHE CA   C  N S 237 
PHE C    C  N N 238 
PHE O    O  N N 239 
PHE CB   C  N N 240 
PHE CG   C  Y N 241 
PHE CD1  C  Y N 242 
PHE CD2  C  Y N 243 
PHE CE1  C  Y N 244 
PHE CE2  C  Y N 245 
PHE CZ   C  Y N 246 
PHE OXT  O  N N 247 
PHE H    H  N N 248 
PHE H2   H  N N 249 
PHE HA   H  N N 250 
PHE HB2  H  N N 251 
PHE HB3  H  N N 252 
PHE HD1  H  N N 253 
PHE HD2  H  N N 254 
PHE HE1  H  N N 255 
PHE HE2  H  N N 256 
PHE HZ   H  N N 257 
PHE HXT  H  N N 258 
PRO N    N  N N 259 
PRO CA   C  N S 260 
PRO C    C  N N 261 
PRO O    O  N N 262 
PRO CB   C  N N 263 
PRO CG   C  N N 264 
PRO CD   C  N N 265 
PRO OXT  O  N N 266 
PRO H    H  N N 267 
PRO HA   H  N N 268 
PRO HB2  H  N N 269 
PRO HB3  H  N N 270 
PRO HG2  H  N N 271 
PRO HG3  H  N N 272 
PRO HD2  H  N N 273 
PRO HD3  H  N N 274 
PRO HXT  H  N N 275 
SER N    N  N N 276 
SER CA   C  N S 277 
SER C    C  N N 278 
SER O    O  N N 279 
SER CB   C  N N 280 
SER OG   O  N N 281 
SER OXT  O  N N 282 
SER H    H  N N 283 
SER H2   H  N N 284 
SER HA   H  N N 285 
SER HB2  H  N N 286 
SER HB3  H  N N 287 
SER HG   H  N N 288 
SER HXT  H  N N 289 
THR N    N  N N 290 
THR CA   C  N S 291 
THR C    C  N N 292 
THR O    O  N N 293 
THR CB   C  N R 294 
THR OG1  O  N N 295 
THR CG2  C  N N 296 
THR OXT  O  N N 297 
THR H    H  N N 298 
THR H2   H  N N 299 
THR HA   H  N N 300 
THR HB   H  N N 301 
THR HG1  H  N N 302 
THR HG21 H  N N 303 
THR HG22 H  N N 304 
THR HG23 H  N N 305 
THR HXT  H  N N 306 
TRP N    N  N N 307 
TRP CA   C  N S 308 
TRP C    C  N N 309 
TRP O    O  N N 310 
TRP CB   C  N N 311 
TRP CG   C  Y N 312 
TRP CD1  C  Y N 313 
TRP CD2  C  Y N 314 
TRP NE1  N  Y N 315 
TRP CE2  C  Y N 316 
TRP CE3  C  Y N 317 
TRP CZ2  C  Y N 318 
TRP CZ3  C  Y N 319 
TRP CH2  C  Y N 320 
TRP OXT  O  N N 321 
TRP H    H  N N 322 
TRP H2   H  N N 323 
TRP HA   H  N N 324 
TRP HB2  H  N N 325 
TRP HB3  H  N N 326 
TRP HD1  H  N N 327 
TRP HE1  H  N N 328 
TRP HE3  H  N N 329 
TRP HZ2  H  N N 330 
TRP HZ3  H  N N 331 
TRP HH2  H  N N 332 
TRP HXT  H  N N 333 
TYR N    N  N N 334 
TYR CA   C  N S 335 
TYR C    C  N N 336 
TYR O    O  N N 337 
TYR CB   C  N N 338 
TYR CG   C  Y N 339 
TYR CD1  C  Y N 340 
TYR CD2  C  Y N 341 
TYR CE1  C  Y N 342 
TYR CE2  C  Y N 343 
TYR CZ   C  Y N 344 
TYR OH   O  N N 345 
TYR OXT  O  N N 346 
TYR H    H  N N 347 
TYR H2   H  N N 348 
TYR HA   H  N N 349 
TYR HB2  H  N N 350 
TYR HB3  H  N N 351 
TYR HD1  H  N N 352 
TYR HD2  H  N N 353 
TYR HE1  H  N N 354 
TYR HE2  H  N N 355 
TYR HH   H  N N 356 
TYR HXT  H  N N 357 
VAL N    N  N N 358 
VAL CA   C  N S 359 
VAL C    C  N N 360 
VAL O    O  N N 361 
VAL CB   C  N N 362 
VAL CG1  C  N N 363 
VAL CG2  C  N N 364 
VAL OXT  O  N N 365 
VAL H    H  N N 366 
VAL H2   H  N N 367 
VAL HA   H  N N 368 
VAL HB   H  N N 369 
VAL HG11 H  N N 370 
VAL HG12 H  N N 371 
VAL HG13 H  N N 372 
VAL HG21 H  N N 373 
VAL HG22 H  N N 374 
VAL HG23 H  N N 375 
VAL HXT  H  N N 376 
# 
loop_
_chem_comp_bond.comp_id 
_chem_comp_bond.atom_id_1 
_chem_comp_bond.atom_id_2 
_chem_comp_bond.value_order 
_chem_comp_bond.pdbx_aromatic_flag 
_chem_comp_bond.pdbx_stereo_config 
_chem_comp_bond.pdbx_ordinal 
ALA N   CA   sing N N 1   
ALA N   H    sing N N 2   
ALA N   H2   sing N N 3   
ALA CA  C    sing N N 4   
ALA CA  CB   sing N N 5   
ALA CA  HA   sing N N 6   
ALA C   O    doub N N 7   
ALA C   OXT  sing N N 8   
ALA CB  HB1  sing N N 9   
ALA CB  HB2  sing N N 10  
ALA CB  HB3  sing N N 11  
ALA OXT HXT  sing N N 12  
ARG N   CA   sing N N 13  
ARG N   H    sing N N 14  
ARG N   H2   sing N N 15  
ARG CA  C    sing N N 16  
ARG CA  CB   sing N N 17  
ARG CA  HA   sing N N 18  
ARG C   O    doub N N 19  
ARG C   OXT  sing N N 20  
ARG CB  CG   sing N N 21  
ARG CB  HB2  sing N N 22  
ARG CB  HB3  sing N N 23  
ARG CG  CD   sing N N 24  
ARG CG  HG2  sing N N 25  
ARG CG  HG3  sing N N 26  
ARG CD  NE   sing N N 27  
ARG CD  HD2  sing N N 28  
ARG CD  HD3  sing N N 29  
ARG NE  CZ   sing N N 30  
ARG NE  HE   sing N N 31  
ARG CZ  NH1  sing N N 32  
ARG CZ  NH2  doub N N 33  
ARG NH1 HH11 sing N N 34  
ARG NH1 HH12 sing N N 35  
ARG NH2 HH21 sing N N 36  
ARG NH2 HH22 sing N N 37  
ARG OXT HXT  sing N N 38  
ASN N   CA   sing N N 39  
ASN N   H    sing N N 40  
ASN N   H2   sing N N 41  
ASN CA  C    sing N N 42  
ASN CA  CB   sing N N 43  
ASN CA  HA   sing N N 44  
ASN C   O    doub N N 45  
ASN C   OXT  sing N N 46  
ASN CB  CG   sing N N 47  
ASN CB  HB2  sing N N 48  
ASN CB  HB3  sing N N 49  
ASN CG  OD1  doub N N 50  
ASN CG  ND2  sing N N 51  
ASN ND2 HD21 sing N N 52  
ASN ND2 HD22 sing N N 53  
ASN OXT HXT  sing N N 54  
ASP N   CA   sing N N 55  
ASP N   H    sing N N 56  
ASP N   H2   sing N N 57  
ASP CA  C    sing N N 58  
ASP CA  CB   sing N N 59  
ASP CA  HA   sing N N 60  
ASP C   O    doub N N 61  
ASP C   OXT  sing N N 62  
ASP CB  CG   sing N N 63  
ASP CB  HB2  sing N N 64  
ASP CB  HB3  sing N N 65  
ASP CG  OD1  doub N N 66  
ASP CG  OD2  sing N N 67  
ASP OD2 HD2  sing N N 68  
ASP OXT HXT  sing N N 69  
GLN N   CA   sing N N 70  
GLN N   H    sing N N 71  
GLN N   H2   sing N N 72  
GLN CA  C    sing N N 73  
GLN CA  CB   sing N N 74  
GLN CA  HA   sing N N 75  
GLN C   O    doub N N 76  
GLN C   OXT  sing N N 77  
GLN CB  CG   sing N N 78  
GLN CB  HB2  sing N N 79  
GLN CB  HB3  sing N N 80  
GLN CG  CD   sing N N 81  
GLN CG  HG2  sing N N 82  
GLN CG  HG3  sing N N 83  
GLN CD  OE1  doub N N 84  
GLN CD  NE2  sing N N 85  
GLN NE2 HE21 sing N N 86  
GLN NE2 HE22 sing N N 87  
GLN OXT HXT  sing N N 88  
GLU N   CA   sing N N 89  
GLU N   H    sing N N 90  
GLU N   H2   sing N N 91  
GLU CA  C    sing N N 92  
GLU CA  CB   sing N N 93  
GLU CA  HA   sing N N 94  
GLU C   O    doub N N 95  
GLU C   OXT  sing N N 96  
GLU CB  CG   sing N N 97  
GLU CB  HB2  sing N N 98  
GLU CB  HB3  sing N N 99  
GLU CG  CD   sing N N 100 
GLU CG  HG2  sing N N 101 
GLU CG  HG3  sing N N 102 
GLU CD  OE1  doub N N 103 
GLU CD  OE2  sing N N 104 
GLU OE2 HE2  sing N N 105 
GLU OXT HXT  sing N N 106 
GLY N   CA   sing N N 107 
GLY N   H    sing N N 108 
GLY N   H2   sing N N 109 
GLY CA  C    sing N N 110 
GLY CA  HA2  sing N N 111 
GLY CA  HA3  sing N N 112 
GLY C   O    doub N N 113 
GLY C   OXT  sing N N 114 
GLY OXT HXT  sing N N 115 
HIS N   CA   sing N N 116 
HIS N   H    sing N N 117 
HIS N   H2   sing N N 118 
HIS CA  C    sing N N 119 
HIS CA  CB   sing N N 120 
HIS CA  HA   sing N N 121 
HIS C   O    doub N N 122 
HIS C   OXT  sing N N 123 
HIS CB  CG   sing N N 124 
HIS CB  HB2  sing N N 125 
HIS CB  HB3  sing N N 126 
HIS CG  ND1  sing Y N 127 
HIS CG  CD2  doub Y N 128 
HIS ND1 CE1  doub Y N 129 
HIS ND1 HD1  sing N N 130 
HIS CD2 NE2  sing Y N 131 
HIS CD2 HD2  sing N N 132 
HIS CE1 NE2  sing Y N 133 
HIS CE1 HE1  sing N N 134 
HIS NE2 HE2  sing N N 135 
HIS OXT HXT  sing N N 136 
HOH O   H1   sing N N 137 
HOH O   H2   sing N N 138 
ILE N   CA   sing N N 139 
ILE N   H    sing N N 140 
ILE N   H2   sing N N 141 
ILE CA  C    sing N N 142 
ILE CA  CB   sing N N 143 
ILE CA  HA   sing N N 144 
ILE C   O    doub N N 145 
ILE C   OXT  sing N N 146 
ILE CB  CG1  sing N N 147 
ILE CB  CG2  sing N N 148 
ILE CB  HB   sing N N 149 
ILE CG1 CD1  sing N N 150 
ILE CG1 HG12 sing N N 151 
ILE CG1 HG13 sing N N 152 
ILE CG2 HG21 sing N N 153 
ILE CG2 HG22 sing N N 154 
ILE CG2 HG23 sing N N 155 
ILE CD1 HD11 sing N N 156 
ILE CD1 HD12 sing N N 157 
ILE CD1 HD13 sing N N 158 
ILE OXT HXT  sing N N 159 
LEU N   CA   sing N N 160 
LEU N   H    sing N N 161 
LEU N   H2   sing N N 162 
LEU CA  C    sing N N 163 
LEU CA  CB   sing N N 164 
LEU CA  HA   sing N N 165 
LEU C   O    doub N N 166 
LEU C   OXT  sing N N 167 
LEU CB  CG   sing N N 168 
LEU CB  HB2  sing N N 169 
LEU CB  HB3  sing N N 170 
LEU CG  CD1  sing N N 171 
LEU CG  CD2  sing N N 172 
LEU CG  HG   sing N N 173 
LEU CD1 HD11 sing N N 174 
LEU CD1 HD12 sing N N 175 
LEU CD1 HD13 sing N N 176 
LEU CD2 HD21 sing N N 177 
LEU CD2 HD22 sing N N 178 
LEU CD2 HD23 sing N N 179 
LEU OXT HXT  sing N N 180 
LYS N   CA   sing N N 181 
LYS N   H    sing N N 182 
LYS N   H2   sing N N 183 
LYS CA  C    sing N N 184 
LYS CA  CB   sing N N 185 
LYS CA  HA   sing N N 186 
LYS C   O    doub N N 187 
LYS C   OXT  sing N N 188 
LYS CB  CG   sing N N 189 
LYS CB  HB2  sing N N 190 
LYS CB  HB3  sing N N 191 
LYS CG  CD   sing N N 192 
LYS CG  HG2  sing N N 193 
LYS CG  HG3  sing N N 194 
LYS CD  CE   sing N N 195 
LYS CD  HD2  sing N N 196 
LYS CD  HD3  sing N N 197 
LYS CE  NZ   sing N N 198 
LYS CE  HE2  sing N N 199 
LYS CE  HE3  sing N N 200 
LYS NZ  HZ1  sing N N 201 
LYS NZ  HZ2  sing N N 202 
LYS NZ  HZ3  sing N N 203 
LYS OXT HXT  sing N N 204 
MSE N   CA   sing N N 205 
MSE N   H    sing N N 206 
MSE N   H2   sing N N 207 
MSE CA  C    sing N N 208 
MSE CA  CB   sing N N 209 
MSE CA  HA   sing N N 210 
MSE C   O    doub N N 211 
MSE C   OXT  sing N N 212 
MSE OXT HXT  sing N N 213 
MSE CB  CG   sing N N 214 
MSE CB  HB2  sing N N 215 
MSE CB  HB3  sing N N 216 
MSE CG  SE   sing N N 217 
MSE CG  HG2  sing N N 218 
MSE CG  HG3  sing N N 219 
MSE SE  CE   sing N N 220 
MSE CE  HE1  sing N N 221 
MSE CE  HE2  sing N N 222 
MSE CE  HE3  sing N N 223 
PHE N   CA   sing N N 224 
PHE N   H    sing N N 225 
PHE N   H2   sing N N 226 
PHE CA  C    sing N N 227 
PHE CA  CB   sing N N 228 
PHE CA  HA   sing N N 229 
PHE C   O    doub N N 230 
PHE C   OXT  sing N N 231 
PHE CB  CG   sing N N 232 
PHE CB  HB2  sing N N 233 
PHE CB  HB3  sing N N 234 
PHE CG  CD1  doub Y N 235 
PHE CG  CD2  sing Y N 236 
PHE CD1 CE1  sing Y N 237 
PHE CD1 HD1  sing N N 238 
PHE CD2 CE2  doub Y N 239 
PHE CD2 HD2  sing N N 240 
PHE CE1 CZ   doub Y N 241 
PHE CE1 HE1  sing N N 242 
PHE CE2 CZ   sing Y N 243 
PHE CE2 HE2  sing N N 244 
PHE CZ  HZ   sing N N 245 
PHE OXT HXT  sing N N 246 
PRO N   CA   sing N N 247 
PRO N   CD   sing N N 248 
PRO N   H    sing N N 249 
PRO CA  C    sing N N 250 
PRO CA  CB   sing N N 251 
PRO CA  HA   sing N N 252 
PRO C   O    doub N N 253 
PRO C   OXT  sing N N 254 
PRO CB  CG   sing N N 255 
PRO CB  HB2  sing N N 256 
PRO CB  HB3  sing N N 257 
PRO CG  CD   sing N N 258 
PRO CG  HG2  sing N N 259 
PRO CG  HG3  sing N N 260 
PRO CD  HD2  sing N N 261 
PRO CD  HD3  sing N N 262 
PRO OXT HXT  sing N N 263 
SER N   CA   sing N N 264 
SER N   H    sing N N 265 
SER N   H2   sing N N 266 
SER CA  C    sing N N 267 
SER CA  CB   sing N N 268 
SER CA  HA   sing N N 269 
SER C   O    doub N N 270 
SER C   OXT  sing N N 271 
SER CB  OG   sing N N 272 
SER CB  HB2  sing N N 273 
SER CB  HB3  sing N N 274 
SER OG  HG   sing N N 275 
SER OXT HXT  sing N N 276 
THR N   CA   sing N N 277 
THR N   H    sing N N 278 
THR N   H2   sing N N 279 
THR CA  C    sing N N 280 
THR CA  CB   sing N N 281 
THR CA  HA   sing N N 282 
THR C   O    doub N N 283 
THR C   OXT  sing N N 284 
THR CB  OG1  sing N N 285 
THR CB  CG2  sing N N 286 
THR CB  HB   sing N N 287 
THR OG1 HG1  sing N N 288 
THR CG2 HG21 sing N N 289 
THR CG2 HG22 sing N N 290 
THR CG2 HG23 sing N N 291 
THR OXT HXT  sing N N 292 
TRP N   CA   sing N N 293 
TRP N   H    sing N N 294 
TRP N   H2   sing N N 295 
TRP CA  C    sing N N 296 
TRP CA  CB   sing N N 297 
TRP CA  HA   sing N N 298 
TRP C   O    doub N N 299 
TRP C   OXT  sing N N 300 
TRP CB  CG   sing N N 301 
TRP CB  HB2  sing N N 302 
TRP CB  HB3  sing N N 303 
TRP CG  CD1  doub Y N 304 
TRP CG  CD2  sing Y N 305 
TRP CD1 NE1  sing Y N 306 
TRP CD1 HD1  sing N N 307 
TRP CD2 CE2  doub Y N 308 
TRP CD2 CE3  sing Y N 309 
TRP NE1 CE2  sing Y N 310 
TRP NE1 HE1  sing N N 311 
TRP CE2 CZ2  sing Y N 312 
TRP CE3 CZ3  doub Y N 313 
TRP CE3 HE3  sing N N 314 
TRP CZ2 CH2  doub Y N 315 
TRP CZ2 HZ2  sing N N 316 
TRP CZ3 CH2  sing Y N 317 
TRP CZ3 HZ3  sing N N 318 
TRP CH2 HH2  sing N N 319 
TRP OXT HXT  sing N N 320 
TYR N   CA   sing N N 321 
TYR N   H    sing N N 322 
TYR N   H2   sing N N 323 
TYR CA  C    sing N N 324 
TYR CA  CB   sing N N 325 
TYR CA  HA   sing N N 326 
TYR C   O    doub N N 327 
TYR C   OXT  sing N N 328 
TYR CB  CG   sing N N 329 
TYR CB  HB2  sing N N 330 
TYR CB  HB3  sing N N 331 
TYR CG  CD1  doub Y N 332 
TYR CG  CD2  sing Y N 333 
TYR CD1 CE1  sing Y N 334 
TYR CD1 HD1  sing N N 335 
TYR CD2 CE2  doub Y N 336 
TYR CD2 HD2  sing N N 337 
TYR CE1 CZ   doub Y N 338 
TYR CE1 HE1  sing N N 339 
TYR CE2 CZ   sing Y N 340 
TYR CE2 HE2  sing N N 341 
TYR CZ  OH   sing N N 342 
TYR OH  HH   sing N N 343 
TYR OXT HXT  sing N N 344 
VAL N   CA   sing N N 345 
VAL N   H    sing N N 346 
VAL N   H2   sing N N 347 
VAL CA  C    sing N N 348 
VAL CA  CB   sing N N 349 
VAL CA  HA   sing N N 350 
VAL C   O    doub N N 351 
VAL C   OXT  sing N N 352 
VAL CB  CG1  sing N N 353 
VAL CB  CG2  sing N N 354 
VAL CB  HB   sing N N 355 
VAL CG1 HG11 sing N N 356 
VAL CG1 HG12 sing N N 357 
VAL CG1 HG13 sing N N 358 
VAL CG2 HG21 sing N N 359 
VAL CG2 HG22 sing N N 360 
VAL CG2 HG23 sing N N 361 
VAL OXT HXT  sing N N 362 
# 
_atom_sites.entry_id                    1YLX 
_atom_sites.fract_transf_matrix[1][1]   -0.00476267 
_atom_sites.fract_transf_matrix[1][2]   0.00475589 
_atom_sites.fract_transf_matrix[1][3]   -0.02846406 
_atom_sites.fract_transf_matrix[2][1]   0.01036783 
_atom_sites.fract_transf_matrix[2][2]   -0.00921738 
_atom_sites.fract_transf_matrix[2][3]   -0.00327484 
_atom_sites.fract_transf_matrix[3][1]   -0.00819386 
_atom_sites.fract_transf_matrix[3][2]   -0.00915991 
_atom_sites.fract_transf_matrix[3][3]   -0.00015946 
_atom_sites.fract_transf_vector[1]      0.501053 
_atom_sites.fract_transf_vector[2]      0.493523 
_atom_sites.fract_transf_vector[3]      0.100259 
# 
loop_
_atom_type.symbol 
C  
N  
O  
SE 
# 
loop_
_atom_site.group_PDB 
_atom_site.id 
_atom_site.type_symbol 
_atom_site.label_atom_id 
_atom_site.label_alt_id 
_atom_site.label_comp_id 
_atom_site.label_asym_id 
_atom_site.label_entity_id 
_atom_site.label_seq_id 
_atom_site.pdbx_PDB_ins_code 
_atom_site.Cartn_x 
_atom_site.Cartn_y 
_atom_site.Cartn_z 
_atom_site.occupancy 
_atom_site.B_iso_or_equiv 
_atom_site.pdbx_formal_charge 
_atom_site.auth_seq_id 
_atom_site.auth_comp_id 
_atom_site.auth_asym_id 
_atom_site.auth_atom_id 
_atom_site.pdbx_PDB_model_num 
HETATM 1    N  N   . MSE A 1 4   ? 12.605  2.344   -20.673 1.00 44.48 ? 1   MSE A N   1 
HETATM 2    C  CA  . MSE A 1 4   ? 12.707  2.875   -19.282 1.00 44.31 ? 1   MSE A CA  1 
HETATM 3    C  C   . MSE A 1 4   ? 13.857  2.205   -18.535 1.00 42.64 ? 1   MSE A C   1 
HETATM 4    O  O   . MSE A 1 4   ? 14.408  1.206   -18.997 1.00 42.74 ? 1   MSE A O   1 
HETATM 5    C  CB  . MSE A 1 4   ? 11.391  2.636   -18.535 1.00 46.23 ? 1   MSE A CB  1 
HETATM 6    C  CG  . MSE A 1 4   ? 10.184  3.303   -19.177 1.00 48.79 ? 1   MSE A CG  1 
HETATM 7    SE SE  . MSE A 1 4   ? 8.523   2.907   -18.265 1.00 53.80 ? 1   MSE A SE  1 
HETATM 8    C  CE  . MSE A 1 4   ? 8.082   1.264   -19.177 1.00 51.15 ? 1   MSE A CE  1 
ATOM   9    N  N   . GLU A 1 5   ? 14.216  2.761   -17.381 1.00 40.55 ? 2   GLU A N   1 
ATOM   10   C  CA  . GLU A 1 5   ? 15.303  2.218   -16.571 1.00 37.85 ? 2   GLU A CA  1 
ATOM   11   C  C   . GLU A 1 5   ? 14.795  1.242   -15.514 1.00 34.19 ? 2   GLU A C   1 
ATOM   12   O  O   . GLU A 1 5   ? 14.425  1.643   -14.410 1.00 35.26 ? 2   GLU A O   1 
ATOM   13   C  CB  . GLU A 1 5   ? 16.075  3.359   -15.897 1.00 40.48 ? 2   GLU A CB  1 
ATOM   14   C  CG  . GLU A 1 5   ? 15.192  4.374   -15.190 1.00 44.33 ? 2   GLU A CG  1 
ATOM   15   C  CD  . GLU A 1 5   ? 15.991  5.443   -14.467 1.00 47.10 ? 2   GLU A CD  1 
ATOM   16   O  OE1 . GLU A 1 5   ? 16.805  6.129   -15.123 1.00 48.58 ? 2   GLU A OE1 1 
ATOM   17   O  OE2 . GLU A 1 5   ? 15.803  5.599   -13.241 1.00 48.92 ? 2   GLU A OE2 1 
ATOM   18   N  N   . PHE A 1 6   ? 14.788  -0.041  -15.857 1.00 29.92 ? 3   PHE A N   1 
ATOM   19   C  CA  . PHE A 1 6   ? 14.326  -1.078  -14.943 1.00 26.00 ? 3   PHE A CA  1 
ATOM   20   C  C   . PHE A 1 6   ? 15.369  -1.480  -13.909 1.00 24.75 ? 3   PHE A C   1 
ATOM   21   O  O   . PHE A 1 6   ? 16.569  -1.531  -14.193 1.00 23.40 ? 3   PHE A O   1 
ATOM   22   C  CB  . PHE A 1 6   ? 13.886  -2.317  -15.729 1.00 24.91 ? 3   PHE A CB  1 
ATOM   23   C  CG  . PHE A 1 6   ? 12.548  -2.165  -16.402 1.00 25.65 ? 3   PHE A CG  1 
ATOM   24   C  CD1 . PHE A 1 6   ? 11.379  -2.124  -15.651 1.00 23.10 ? 3   PHE A CD1 1 
ATOM   25   C  CD2 . PHE A 1 6   ? 12.458  -2.047  -17.785 1.00 25.40 ? 3   PHE A CD2 1 
ATOM   26   C  CE1 . PHE A 1 6   ? 10.141  -1.966  -16.263 1.00 24.93 ? 3   PHE A CE1 1 
ATOM   27   C  CE2 . PHE A 1 6   ? 11.223  -1.889  -18.409 1.00 25.74 ? 3   PHE A CE2 1 
ATOM   28   C  CZ  . PHE A 1 6   ? 10.062  -1.848  -17.645 1.00 24.38 ? 3   PHE A CZ  1 
ATOM   29   N  N   . ALA A 1 7   ? 14.892  -1.764  -12.702 1.00 21.49 ? 4   ALA A N   1 
ATOM   30   C  CA  . ALA A 1 7   ? 15.741  -2.186  -11.599 1.00 19.62 ? 4   ALA A CA  1 
ATOM   31   C  C   . ALA A 1 7   ? 14.928  -3.135  -10.731 1.00 18.87 ? 4   ALA A C   1 
ATOM   32   O  O   . ALA A 1 7   ? 13.703  -3.020  -10.657 1.00 17.73 ? 4   ALA A O   1 
ATOM   33   C  CB  . ALA A 1 7   ? 16.187  -0.979  -10.785 1.00 18.91 ? 4   ALA A CB  1 
ATOM   34   N  N   . PRO A 1 8   ? 15.593  -4.094  -10.070 1.00 17.50 ? 5   PRO A N   1 
ATOM   35   C  CA  . PRO A 1 8   ? 14.885  -5.047  -9.211  1.00 17.19 ? 5   PRO A CA  1 
ATOM   36   C  C   . PRO A 1 8   ? 14.052  -4.306  -8.175  1.00 16.55 ? 5   PRO A C   1 
ATOM   37   O  O   . PRO A 1 8   ? 14.417  -3.210  -7.748  1.00 15.43 ? 5   PRO A O   1 
ATOM   38   C  CB  . PRO A 1 8   ? 16.019  -5.843  -8.577  1.00 17.66 ? 5   PRO A CB  1 
ATOM   39   C  CG  . PRO A 1 8   ? 17.071  -5.823  -9.647  1.00 19.12 ? 5   PRO A CG  1 
ATOM   40   C  CD  . PRO A 1 8   ? 17.036  -4.388  -10.096 1.00 17.96 ? 5   PRO A CD  1 
ATOM   41   N  N   . ARG A 1 9   ? 12.932  -4.898  -7.778  1.00 15.39 ? 6   ARG A N   1 
ATOM   42   C  CA  . ARG A 1 9   ? 12.066  -4.266  -6.792  1.00 15.14 ? 6   ARG A CA  1 
ATOM   43   C  C   . ARG A 1 9   ? 12.837  -3.871  -5.535  1.00 15.62 ? 6   ARG A C   1 
ATOM   44   O  O   . ARG A 1 9   ? 12.663  -2.770  -5.016  1.00 14.90 ? 6   ARG A O   1 
ATOM   45   C  CB  . ARG A 1 9   ? 10.919  -5.198  -6.411  1.00 14.68 ? 6   ARG A CB  1 
ATOM   46   C  CG  . ARG A 1 9   ? 10.180  -4.736  -5.166  1.00 17.10 ? 6   ARG A CG  1 
ATOM   47   C  CD  . ARG A 1 9   ? 9.026   -5.638  -4.796  1.00 19.05 ? 6   ARG A CD  1 
ATOM   48   N  NE  . ARG A 1 9   ? 8.523   -5.290  -3.475  1.00 18.83 ? 6   ARG A NE  1 
ATOM   49   C  CZ  . ARG A 1 9   ? 9.115   -5.632  -2.336  1.00 19.27 ? 6   ARG A CZ  1 
ATOM   50   N  NH1 . ARG A 1 9   ? 10.235  -6.346  -2.353  1.00 24.07 ? 6   ARG A NH1 1 
ATOM   51   N  NH2 . ARG A 1 9   ? 8.599   -5.242  -1.180  1.00 21.36 ? 6   ARG A NH2 1 
ATOM   52   N  N   . SER A 1 10  ? 13.688  -4.774  -5.051  1.00 15.00 ? 7   SER A N   1 
ATOM   53   C  CA  . SER A 1 10  ? 14.470  -4.513  -3.843  1.00 15.71 ? 7   SER A CA  1 
ATOM   54   C  C   . SER A 1 10  ? 15.283  -3.227  -3.940  1.00 15.32 ? 7   SER A C   1 
ATOM   55   O  O   . SER A 1 10  ? 15.416  -2.495  -2.962  1.00 15.59 ? 7   SER A O   1 
ATOM   56   C  CB  . SER A 1 10  ? 15.402  -5.694  -3.549  1.00 16.42 ? 7   SER A CB  1 
ATOM   57   O  OG  . SER A 1 10  ? 16.350  -5.872  -4.586  1.00 17.99 ? 7   SER A OG  1 
ATOM   58   N  N   . VAL A 1 11  ? 15.826  -2.955  -5.124  1.00 14.71 ? 8   VAL A N   1 
ATOM   59   C  CA  . VAL A 1 11  ? 16.621  -1.751  -5.344  1.00 14.28 ? 8   VAL A CA  1 
ATOM   60   C  C   . VAL A 1 11  ? 15.743  -0.509  -5.235  1.00 13.55 ? 8   VAL A C   1 
ATOM   61   O  O   . VAL A 1 11  ? 16.119  0.475   -4.601  1.00 13.63 ? 8   VAL A O   1 
ATOM   62   C  CB  . VAL A 1 11  ? 17.295  -1.780  -6.737  1.00 15.29 ? 8   VAL A CB  1 
ATOM   63   C  CG1 . VAL A 1 11  ? 17.898  -0.423  -7.064  1.00 14.79 ? 8   VAL A CG1 1 
ATOM   64   C  CG2 . VAL A 1 11  ? 18.373  -2.854  -6.760  1.00 15.61 ? 8   VAL A CG2 1 
ATOM   65   N  N   . VAL A 1 12  ? 14.571  -0.562  -5.860  1.00 11.40 ? 9   VAL A N   1 
ATOM   66   C  CA  . VAL A 1 12  ? 13.635  0.558   -5.824  1.00 12.21 ? 9   VAL A CA  1 
ATOM   67   C  C   . VAL A 1 12  ? 13.171  0.830   -4.394  1.00 11.59 ? 9   VAL A C   1 
ATOM   68   O  O   . VAL A 1 12  ? 13.167  1.980   -3.940  1.00 10.03 ? 9   VAL A O   1 
ATOM   69   C  CB  . VAL A 1 12  ? 12.415  0.269   -6.721  1.00 13.27 ? 9   VAL A CB  1 
ATOM   70   C  CG1 . VAL A 1 12  ? 11.450  1.443   -6.692  1.00 13.40 ? 9   VAL A CG1 1 
ATOM   71   C  CG2 . VAL A 1 12  ? 12.887  -0.008  -8.148  1.00 14.83 ? 9   VAL A CG2 1 
ATOM   72   N  N   . ILE A 1 13  ? 12.795  -0.228  -3.682  1.00 11.25 ? 10  ILE A N   1 
ATOM   73   C  CA  . ILE A 1 13  ? 12.340  -0.085  -2.303  1.00 12.88 ? 10  ILE A CA  1 
ATOM   74   C  C   . ILE A 1 13  ? 13.421  0.559   -1.440  1.00 13.72 ? 10  ILE A C   1 
ATOM   75   O  O   . ILE A 1 13  ? 13.145  1.481   -0.682  1.00 12.57 ? 10  ILE A O   1 
ATOM   76   C  CB  . ILE A 1 13  ? 11.954  -1.452  -1.685  1.00 13.41 ? 10  ILE A CB  1 
ATOM   77   C  CG1 . ILE A 1 13  ? 10.735  -2.029  -2.411  1.00 14.40 ? 10  ILE A CG1 1 
ATOM   78   C  CG2 . ILE A 1 13  ? 11.649  -1.292  -0.199  1.00 16.73 ? 10  ILE A CG2 1 
ATOM   79   C  CD1 . ILE A 1 13  ? 9.483   -1.159  -2.311  1.00 16.54 ? 10  ILE A CD1 1 
ATOM   80   N  N   . GLU A 1 14  ? 14.654  0.076   -1.554  1.00 13.28 ? 11  GLU A N   1 
ATOM   81   C  CA  . GLU A 1 14  ? 15.740  0.644   -0.765  1.00 14.15 ? 11  GLU A CA  1 
ATOM   82   C  C   . GLU A 1 14  ? 15.957  2.129   -1.044  1.00 12.82 ? 11  GLU A C   1 
ATOM   83   O  O   . GLU A 1 14  ? 16.326  2.880   -0.144  1.00 13.08 ? 11  GLU A O   1 
ATOM   84   C  CB  . GLU A 1 14  ? 17.037  -0.131  -1.000  1.00 17.72 ? 11  GLU A CB  1 
ATOM   85   C  CG  . GLU A 1 14  ? 17.027  -1.521  -0.385  1.00 23.78 ? 11  GLU A CG  1 
ATOM   86   C  CD  . GLU A 1 14  ? 16.663  -1.496  1.093   1.00 28.29 ? 11  GLU A CD  1 
ATOM   87   O  OE1 . GLU A 1 14  ? 17.303  -0.737  1.852   1.00 31.18 ? 11  GLU A OE1 1 
ATOM   88   O  OE2 . GLU A 1 14  ? 15.741  -2.236  1.495   1.00 30.77 ? 11  GLU A OE2 1 
ATOM   89   N  N   . GLU A 1 15  ? 15.732  2.566   -2.280  1.00 12.24 ? 12  GLU A N   1 
ATOM   90   C  CA  . GLU A 1 15  ? 15.903  3.976   -2.595  1.00 13.04 ? 12  GLU A CA  1 
ATOM   91   C  C   . GLU A 1 15  ? 14.820  4.792   -1.884  1.00 12.13 ? 12  GLU A C   1 
ATOM   92   O  O   . GLU A 1 15  ? 15.066  5.916   -1.441  1.00 11.25 ? 12  GLU A O   1 
ATOM   93   C  CB  . GLU A 1 15  ? 15.840  4.195   -4.105  1.00 16.28 ? 12  GLU A CB  1 
ATOM   94   C  CG  . GLU A 1 15  ? 16.877  3.372   -4.851  1.00 21.93 ? 12  GLU A CG  1 
ATOM   95   C  CD  . GLU A 1 15  ? 16.885  3.640   -6.340  1.00 24.17 ? 12  GLU A CD  1 
ATOM   96   O  OE1 . GLU A 1 15  ? 15.792  3.790   -6.924  1.00 25.18 ? 12  GLU A OE1 1 
ATOM   97   O  OE2 . GLU A 1 15  ? 17.988  3.685   -6.929  1.00 25.58 ? 12  GLU A OE2 1 
ATOM   98   N  N   . PHE A 1 16  ? 13.620  4.232   -1.774  1.00 10.96 ? 13  PHE A N   1 
ATOM   99   C  CA  . PHE A 1 16  ? 12.554  4.943   -1.076  1.00 9.57  ? 13  PHE A CA  1 
ATOM   100  C  C   . PHE A 1 16  ? 12.869  4.942   0.415   1.00 11.08 ? 13  PHE A C   1 
ATOM   101  O  O   . PHE A 1 16  ? 12.599  5.915   1.117   1.00 12.19 ? 13  PHE A O   1 
ATOM   102  C  CB  . PHE A 1 16  ? 11.194  4.282   -1.331  1.00 9.20  ? 13  PHE A CB  1 
ATOM   103  C  CG  . PHE A 1 16  ? 10.512  4.771   -2.571  1.00 9.93  ? 13  PHE A CG  1 
ATOM   104  C  CD1 . PHE A 1 16  ? 9.615   5.835   -2.512  1.00 11.13 ? 13  PHE A CD1 1 
ATOM   105  C  CD2 . PHE A 1 16  ? 10.784  4.192   -3.805  1.00 11.59 ? 13  PHE A CD2 1 
ATOM   106  C  CE1 . PHE A 1 16  ? 9.002   6.315   -3.666  1.00 10.96 ? 13  PHE A CE1 1 
ATOM   107  C  CE2 . PHE A 1 16  ? 10.176  4.664   -4.968  1.00 11.24 ? 13  PHE A CE2 1 
ATOM   108  C  CZ  . PHE A 1 16  ? 9.284   5.726   -4.900  1.00 12.11 ? 13  PHE A CZ  1 
ATOM   109  N  N   . ILE A 1 17  ? 13.448  3.848   0.900   1.00 10.93 ? 14  ILE A N   1 
ATOM   110  C  CA  . ILE A 1 17  ? 13.795  3.763   2.312   1.00 12.13 ? 14  ILE A CA  1 
ATOM   111  C  C   . ILE A 1 17  ? 14.872  4.790   2.664   1.00 13.09 ? 14  ILE A C   1 
ATOM   112  O  O   . ILE A 1 17  ? 14.858  5.354   3.761   1.00 12.79 ? 14  ILE A O   1 
ATOM   113  C  CB  . ILE A 1 17  ? 14.265  2.332   2.679   1.00 12.29 ? 14  ILE A CB  1 
ATOM   114  C  CG1 . ILE A 1 17  ? 13.058  1.388   2.660   1.00 12.34 ? 14  ILE A CG1 1 
ATOM   115  C  CG2 . ILE A 1 17  ? 14.953  2.323   4.050   1.00 14.16 ? 14  ILE A CG2 1 
ATOM   116  C  CD1 . ILE A 1 17  ? 13.388  -0.067  2.902   1.00 17.32 ? 14  ILE A CD1 1 
ATOM   117  N  N   . ASP A 1 18  ? 15.787  5.058   1.735   1.00 13.55 ? 15  ASP A N   1 
ATOM   118  C  CA  . ASP A 1 18  ? 16.850  6.032   1.994   1.00 16.80 ? 15  ASP A CA  1 
ATOM   119  C  C   . ASP A 1 18  ? 16.313  7.433   2.260   1.00 17.05 ? 15  ASP A C   1 
ATOM   120  O  O   . ASP A 1 18  ? 16.903  8.200   3.019   1.00 17.29 ? 15  ASP A O   1 
ATOM   121  C  CB  . ASP A 1 18  ? 17.829  6.119   0.821   1.00 20.07 ? 15  ASP A CB  1 
ATOM   122  C  CG  . ASP A 1 18  ? 18.617  4.847   0.616   1.00 25.07 ? 15  ASP A CG  1 
ATOM   123  O  OD1 . ASP A 1 18  ? 19.019  4.218   1.618   1.00 28.26 ? 15  ASP A OD1 1 
ATOM   124  O  OD2 . ASP A 1 18  ? 18.847  4.488   -0.557  1.00 28.52 ? 15  ASP A OD2 1 
ATOM   125  N  N   . THR A 1 19  ? 15.196  7.771   1.626   1.00 15.79 ? 16  THR A N   1 
ATOM   126  C  CA  . THR A 1 19  ? 14.604  9.091   1.785   1.00 16.14 ? 16  THR A CA  1 
ATOM   127  C  C   . THR A 1 19  ? 13.635  9.175   2.965   1.00 15.07 ? 16  THR A C   1 
ATOM   128  O  O   . THR A 1 19  ? 13.242  10.266  3.377   1.00 15.21 ? 16  THR A O   1 
ATOM   129  C  CB  . THR A 1 19  ? 13.892  9.504   0.472   1.00 17.57 ? 16  THR A CB  1 
ATOM   130  O  OG1 . THR A 1 19  ? 14.872  9.633   -0.567  1.00 19.74 ? 16  THR A OG1 1 
ATOM   131  C  CG2 . THR A 1 19  ? 13.146  10.815  0.629   1.00 18.24 ? 16  THR A CG2 1 
ATOM   132  N  N   . LEU A 1 20  ? 13.284  8.023   3.528   1.00 15.96 ? 17  LEU A N   1 
ATOM   133  C  CA  . LEU A 1 20  ? 12.343  7.963   4.643   1.00 16.66 ? 17  LEU A CA  1 
ATOM   134  C  C   . LEU A 1 20  ? 12.722  8.835   5.846   1.00 16.17 ? 17  LEU A C   1 
ATOM   135  O  O   . LEU A 1 20  ? 11.976  9.741   6.217   1.00 15.42 ? 17  LEU A O   1 
ATOM   136  C  CB  . LEU A 1 20  ? 12.157  6.507   5.087   1.00 17.50 ? 17  LEU A CB  1 
ATOM   137  C  CG  . LEU A 1 20  ? 11.053  6.184   6.092   1.00 21.50 ? 17  LEU A CG  1 
ATOM   138  C  CD1 . LEU A 1 20  ? 9.707   6.652   5.552   1.00 20.53 ? 17  LEU A CD1 1 
ATOM   139  C  CD2 . LEU A 1 20  ? 11.027  4.676   6.349   1.00 22.19 ? 17  LEU A CD2 1 
ATOM   140  N  N   . GLU A 1 21  ? 13.873  8.562   6.456   1.00 17.27 ? 18  GLU A N   1 
ATOM   141  C  CA  . GLU A 1 21  ? 14.320  9.331   7.619   1.00 18.29 ? 18  GLU A CA  1 
ATOM   142  C  C   . GLU A 1 21  ? 14.500  10.819  7.303   1.00 16.72 ? 18  GLU A C   1 
ATOM   143  O  O   . GLU A 1 21  ? 14.081  11.678  8.080   1.00 17.53 ? 18  GLU A O   1 
ATOM   144  C  CB  . GLU A 1 21  ? 15.625  8.747   8.169   1.00 19.61 ? 18  GLU A CB  1 
ATOM   145  C  CG  . GLU A 1 21  ? 16.151  9.440   9.426   1.00 24.62 ? 18  GLU A CG  1 
ATOM   146  C  CD  . GLU A 1 21  ? 15.121  9.498   10.542  1.00 29.00 ? 18  GLU A CD  1 
ATOM   147  O  OE1 . GLU A 1 21  ? 14.417  8.490   10.763  1.00 32.60 ? 18  GLU A OE1 1 
ATOM   148  O  OE2 . GLU A 1 21  ? 15.022  10.551  11.207  1.00 32.10 ? 18  GLU A OE2 1 
ATOM   149  N  N   . PRO A 1 22  ? 15.136  11.146  6.167   1.00 16.57 ? 19  PRO A N   1 
ATOM   150  C  CA  . PRO A 1 22  ? 15.321  12.561  5.828   1.00 15.54 ? 19  PRO A CA  1 
ATOM   151  C  C   . PRO A 1 22  ? 13.985  13.291  5.691   1.00 16.49 ? 19  PRO A C   1 
ATOM   152  O  O   . PRO A 1 22  ? 13.835  14.434  6.131   1.00 14.00 ? 19  PRO A O   1 
ATOM   153  C  CB  . PRO A 1 22  ? 16.076  12.499  4.504   1.00 16.65 ? 19  PRO A CB  1 
ATOM   154  C  CG  . PRO A 1 22  ? 16.909  11.265  4.664   1.00 17.23 ? 19  PRO A CG  1 
ATOM   155  C  CD  . PRO A 1 22  ? 15.921  10.286  5.261   1.00 16.80 ? 19  PRO A CD  1 
HETATM 156  N  N   . MSE A 1 23  ? 13.013  12.619  5.082   1.00 14.84 ? 20  MSE A N   1 
HETATM 157  C  CA  . MSE A 1 23  ? 11.693  13.199  4.884   1.00 16.97 ? 20  MSE A CA  1 
HETATM 158  C  C   . MSE A 1 23  ? 10.983  13.387  6.220   1.00 16.60 ? 20  MSE A C   1 
HETATM 159  O  O   . MSE A 1 23  ? 10.335  14.408  6.453   1.00 16.05 ? 20  MSE A O   1 
HETATM 160  C  CB  . MSE A 1 23  ? 10.861  12.290  3.979   1.00 19.73 ? 20  MSE A CB  1 
HETATM 161  C  CG  . MSE A 1 23  ? 9.490   12.823  3.644   1.00 25.19 ? 20  MSE A CG  1 
HETATM 162  SE SE  . MSE A 1 23  ? 8.484   11.515  2.654   1.00 34.98 ? 20  MSE A SE  1 
HETATM 163  C  CE  . MSE A 1 23  ? 7.503   10.741  4.119   1.00 31.97 ? 20  MSE A CE  1 
HETATM 164  N  N   . MSE A 1 24  ? 11.104  12.395  7.096   1.00 15.67 ? 21  MSE A N   1 
HETATM 165  C  CA  . MSE A 1 24  ? 10.464  12.471  8.401   1.00 15.79 ? 21  MSE A CA  1 
HETATM 166  C  C   . MSE A 1 24  ? 11.043  13.617  9.221   1.00 14.70 ? 21  MSE A C   1 
HETATM 167  O  O   . MSE A 1 24  ? 10.310  14.342  9.890   1.00 15.69 ? 21  MSE A O   1 
HETATM 168  C  CB  . MSE A 1 24  ? 10.629  11.146  9.145   1.00 15.50 ? 21  MSE A CB  1 
HETATM 169  C  CG  . MSE A 1 24  ? 9.891   9.997   8.478   1.00 16.92 ? 21  MSE A CG  1 
HETATM 170  SE SE  . MSE A 1 24  ? 10.156  8.312   9.361   1.00 22.09 ? 21  MSE A SE  1 
HETATM 171  C  CE  . MSE A 1 24  ? 9.120   8.667   10.937  1.00 20.46 ? 21  MSE A CE  1 
ATOM   172  N  N   . GLU A 1 25  ? 12.360  13.788  9.159   1.00 13.88 ? 22  GLU A N   1 
ATOM   173  C  CA  . GLU A 1 25  ? 13.012  14.856  9.908   1.00 13.10 ? 22  GLU A CA  1 
ATOM   174  C  C   . GLU A 1 25  ? 12.637  16.219  9.343   1.00 12.99 ? 22  GLU A C   1 
ATOM   175  O  O   . GLU A 1 25  ? 12.346  17.147  10.091  1.00 13.97 ? 22  GLU A O   1 
ATOM   176  C  CB  . GLU A 1 25  ? 14.542  14.690  9.868   1.00 12.01 ? 22  GLU A CB  1 
ATOM   177  C  CG  . GLU A 1 25  ? 15.305  15.784  10.614  1.00 14.28 ? 22  GLU A CG  1 
ATOM   178  C  CD  . GLU A 1 25  ? 16.820  15.615  10.537  1.00 17.43 ? 22  GLU A CD  1 
ATOM   179  O  OE1 . GLU A 1 25  ? 17.314  14.532  10.915  1.00 16.85 ? 22  GLU A OE1 1 
ATOM   180  O  OE2 . GLU A 1 25  ? 17.513  16.566  10.107  1.00 15.58 ? 22  GLU A OE2 1 
ATOM   181  N  N   . ALA A 1 26  ? 12.636  16.336  8.020   1.00 13.07 ? 23  ALA A N   1 
ATOM   182  C  CA  . ALA A 1 26  ? 12.312  17.601  7.369   1.00 14.97 ? 23  ALA A CA  1 
ATOM   183  C  C   . ALA A 1 26  ? 10.895  18.094  7.644   1.00 15.70 ? 23  ALA A C   1 
ATOM   184  O  O   . ALA A 1 26  ? 10.667  19.301  7.767   1.00 16.27 ? 23  ALA A O   1 
ATOM   185  C  CB  . ALA A 1 26  ? 12.535  17.483  5.868   1.00 15.24 ? 23  ALA A CB  1 
ATOM   186  N  N   . TYR A 1 27  ? 9.942   17.172  7.745   1.00 14.95 ? 24  TYR A N   1 
ATOM   187  C  CA  . TYR A 1 27  ? 8.552   17.557  7.979   1.00 15.29 ? 24  TYR A CA  1 
ATOM   188  C  C   . TYR A 1 27  ? 8.035   17.244  9.380   1.00 16.62 ? 24  TYR A C   1 
ATOM   189  O  O   . TYR A 1 27  ? 6.843   17.396  9.657   1.00 17.33 ? 24  TYR A O   1 
ATOM   190  C  CB  . TYR A 1 27  ? 7.663   16.899  6.917   1.00 15.04 ? 24  TYR A CB  1 
ATOM   191  C  CG  . TYR A 1 27  ? 7.939   17.418  5.522   1.00 16.88 ? 24  TYR A CG  1 
ATOM   192  C  CD1 . TYR A 1 27  ? 7.390   18.623  5.083   1.00 17.55 ? 24  TYR A CD1 1 
ATOM   193  C  CD2 . TYR A 1 27  ? 8.797   16.732  4.659   1.00 18.27 ? 24  TYR A CD2 1 
ATOM   194  C  CE1 . TYR A 1 27  ? 7.686   19.134  3.819   1.00 17.71 ? 24  TYR A CE1 1 
ATOM   195  C  CE2 . TYR A 1 27  ? 9.104   17.237  3.394   1.00 19.36 ? 24  TYR A CE2 1 
ATOM   196  C  CZ  . TYR A 1 27  ? 8.545   18.436  2.981   1.00 19.53 ? 24  TYR A CZ  1 
ATOM   197  O  OH  . TYR A 1 27  ? 8.844   18.935  1.731   1.00 22.74 ? 24  TYR A OH  1 
ATOM   198  N  N   . GLY A 1 28  ? 8.935   16.825  10.265  1.00 17.14 ? 25  GLY A N   1 
ATOM   199  C  CA  . GLY A 1 28  ? 8.551   16.512  11.632  1.00 17.61 ? 25  GLY A CA  1 
ATOM   200  C  C   . GLY A 1 28  ? 7.507   15.416  11.731  1.00 19.49 ? 25  GLY A C   1 
ATOM   201  O  O   . GLY A 1 28  ? 6.585   15.494  12.544  1.00 19.74 ? 25  GLY A O   1 
ATOM   202  N  N   . LEU A 1 29  ? 7.658   14.385  10.906  1.00 18.86 ? 26  LEU A N   1 
ATOM   203  C  CA  . LEU A 1 29  ? 6.715   13.274  10.892  1.00 19.39 ? 26  LEU A CA  1 
ATOM   204  C  C   . LEU A 1 29  ? 7.150   12.205  11.881  1.00 20.52 ? 26  LEU A C   1 
ATOM   205  O  O   . LEU A 1 29  ? 8.326   11.844  11.949  1.00 21.03 ? 26  LEU A O   1 
ATOM   206  C  CB  . LEU A 1 29  ? 6.626   12.682  9.484   1.00 20.27 ? 26  LEU A CB  1 
ATOM   207  C  CG  . LEU A 1 29  ? 6.387   13.717  8.383   1.00 20.90 ? 26  LEU A CG  1 
ATOM   208  C  CD1 . LEU A 1 29  ? 6.402   13.032  7.029   1.00 19.49 ? 26  LEU A CD1 1 
ATOM   209  C  CD2 . LEU A 1 29  ? 5.064   14.422  8.616   1.00 20.68 ? 26  LEU A CD2 1 
ATOM   210  N  N   . ASP A 1 30  ? 6.185   11.697  12.638  1.00 21.38 ? 27  ASP A N   1 
ATOM   211  C  CA  . ASP A 1 30  ? 6.443   10.684  13.653  1.00 22.25 ? 27  ASP A CA  1 
ATOM   212  C  C   . ASP A 1 30  ? 6.331   9.238   13.171  1.00 20.08 ? 27  ASP A C   1 
ATOM   213  O  O   . ASP A 1 30  ? 7.094   8.376   13.605  1.00 22.28 ? 27  ASP A O   1 
ATOM   214  C  CB  . ASP A 1 30  ? 5.484   10.900  14.829  1.00 23.57 ? 27  ASP A CB  1 
ATOM   215  C  CG  . ASP A 1 30  ? 5.700   9.907   15.950  1.00 26.93 ? 27  ASP A CG  1 
ATOM   216  O  OD1 . ASP A 1 30  ? 6.836   9.829   16.464  1.00 30.18 ? 27  ASP A OD1 1 
ATOM   217  O  OD2 . ASP A 1 30  ? 4.735   9.205   16.322  1.00 28.19 ? 27  ASP A OD2 1 
ATOM   218  N  N   . GLN A 1 31  ? 5.385   8.967   12.280  1.00 19.29 ? 28  GLN A N   1 
ATOM   219  C  CA  . GLN A 1 31  ? 5.184   7.606   11.798  1.00 17.95 ? 28  GLN A CA  1 
ATOM   220  C  C   . GLN A 1 31  ? 4.937   7.550   10.295  1.00 15.69 ? 28  GLN A C   1 
ATOM   221  O  O   . GLN A 1 31  ? 3.897   7.989   9.805   1.00 14.43 ? 28  GLN A O   1 
ATOM   222  C  CB  . GLN A 1 31  ? 4.007   6.967   12.541  1.00 20.88 ? 28  GLN A CB  1 
ATOM   223  C  CG  . GLN A 1 31  ? 3.823   5.481   12.269  1.00 27.08 ? 28  GLN A CG  1 
ATOM   224  C  CD  . GLN A 1 31  ? 2.628   4.897   12.999  1.00 30.35 ? 28  GLN A CD  1 
ATOM   225  O  OE1 . GLN A 1 31  ? 2.532   4.986   14.225  1.00 32.98 ? 28  GLN A OE1 1 
ATOM   226  N  NE2 . GLN A 1 31  ? 1.711   4.294   12.249  1.00 30.62 ? 28  GLN A NE2 1 
ATOM   227  N  N   . VAL A 1 32  ? 5.905   7.001   9.570   1.00 14.34 ? 29  VAL A N   1 
ATOM   228  C  CA  . VAL A 1 32  ? 5.812   6.886   8.118   1.00 12.73 ? 29  VAL A CA  1 
ATOM   229  C  C   . VAL A 1 32  ? 6.383   5.546   7.687   1.00 12.64 ? 29  VAL A C   1 
ATOM   230  O  O   . VAL A 1 32  ? 7.357   5.059   8.266   1.00 12.65 ? 29  VAL A O   1 
ATOM   231  C  CB  . VAL A 1 32  ? 6.619   8.001   7.409   1.00 11.63 ? 29  VAL A CB  1 
ATOM   232  C  CG1 . VAL A 1 32  ? 6.471   7.874   5.890   1.00 12.19 ? 29  VAL A CG1 1 
ATOM   233  C  CG2 . VAL A 1 32  ? 6.149   9.371   7.874   1.00 13.59 ? 29  VAL A CG2 1 
ATOM   234  N  N   . GLY A 1 33  ? 5.778   4.949   6.667   1.00 11.17 ? 30  GLY A N   1 
ATOM   235  C  CA  . GLY A 1 33  ? 6.271   3.677   6.179   1.00 10.42 ? 30  GLY A CA  1 
ATOM   236  C  C   . GLY A 1 33  ? 6.224   3.634   4.665   1.00 8.97  ? 30  GLY A C   1 
ATOM   237  O  O   . GLY A 1 33  ? 5.718   4.564   4.036   1.00 9.56  ? 30  GLY A O   1 
ATOM   238  N  N   . ILE A 1 34  ? 6.761   2.564   4.083   1.00 7.78  ? 31  ILE A N   1 
ATOM   239  C  CA  . ILE A 1 34  ? 6.760   2.398   2.631   1.00 7.18  ? 31  ILE A CA  1 
ATOM   240  C  C   . ILE A 1 34  ? 5.437   1.797   2.177   1.00 7.17  ? 31  ILE A C   1 
ATOM   241  O  O   . ILE A 1 34  ? 4.904   0.887   2.807   1.00 9.04  ? 31  ILE A O   1 
ATOM   242  C  CB  . ILE A 1 34  ? 7.907   1.472   2.172   1.00 10.84 ? 31  ILE A CB  1 
ATOM   243  C  CG1 . ILE A 1 34  ? 9.251   2.023   2.652   1.00 12.41 ? 31  ILE A CG1 1 
ATOM   244  C  CG2 . ILE A 1 34  ? 7.886   1.337   0.652   1.00 11.08 ? 31  ILE A CG2 1 
ATOM   245  C  CD1 . ILE A 1 34  ? 9.598   3.387   2.092   1.00 15.14 ? 31  ILE A CD1 1 
ATOM   246  N  N   . PHE A 1 35  ? 4.928   2.312   1.064   1.00 7.15  ? 32  PHE A N   1 
ATOM   247  C  CA  . PHE A 1 35  ? 3.664   1.876   0.482   1.00 8.36  ? 32  PHE A CA  1 
ATOM   248  C  C   . PHE A 1 35  ? 3.887   1.291   -0.911  1.00 8.40  ? 32  PHE A C   1 
ATOM   249  O  O   . PHE A 1 35  ? 4.653   1.841   -1.703  1.00 9.90  ? 32  PHE A O   1 
ATOM   250  C  CB  . PHE A 1 35  ? 2.728   3.091   0.387   1.00 7.75  ? 32  PHE A CB  1 
ATOM   251  C  CG  . PHE A 1 35  ? 1.574   2.917   -0.564  1.00 8.98  ? 32  PHE A CG  1 
ATOM   252  C  CD1 . PHE A 1 35  ? 0.391   2.322   -0.146  1.00 8.91  ? 32  PHE A CD1 1 
ATOM   253  C  CD2 . PHE A 1 35  ? 1.667   3.385   -1.876  1.00 10.24 ? 32  PHE A CD2 1 
ATOM   254  C  CE1 . PHE A 1 35  ? -0.692  2.199   -1.022  1.00 9.52  ? 32  PHE A CE1 1 
ATOM   255  C  CE2 . PHE A 1 35  ? 0.593   3.265   -2.759  1.00 12.15 ? 32  PHE A CE2 1 
ATOM   256  C  CZ  . PHE A 1 35  ? -0.589  2.673   -2.331  1.00 12.44 ? 32  PHE A CZ  1 
ATOM   257  N  N   . GLU A 1 36  ? 3.218   0.178   -1.199  1.00 8.02  ? 33  GLU A N   1 
ATOM   258  C  CA  . GLU A 1 36  ? 3.305   -0.458  -2.513  1.00 9.45  ? 33  GLU A CA  1 
ATOM   259  C  C   . GLU A 1 36  ? 1.932   -0.970  -2.917  1.00 10.64 ? 33  GLU A C   1 
ATOM   260  O  O   . GLU A 1 36  ? 1.180   -1.481  -2.092  1.00 10.92 ? 33  GLU A O   1 
ATOM   261  C  CB  . GLU A 1 36  ? 4.241   -1.666  -2.499  1.00 11.02 ? 33  GLU A CB  1 
ATOM   262  C  CG  . GLU A 1 36  ? 5.691   -1.393  -2.206  1.00 15.89 ? 33  GLU A CG  1 
ATOM   263  C  CD  . GLU A 1 36  ? 6.499   -2.675  -2.234  1.00 16.77 ? 33  GLU A CD  1 
ATOM   264  O  OE1 . GLU A 1 36  ? 6.694   -3.234  -3.337  1.00 17.43 ? 33  GLU A OE1 1 
ATOM   265  O  OE2 . GLU A 1 36  ? 6.925   -3.129  -1.154  1.00 17.18 ? 33  GLU A OE2 1 
ATOM   266  N  N   . GLU A 1 37  ? 1.601   -0.831  -4.191  1.00 9.18  ? 34  GLU A N   1 
ATOM   267  C  CA  . GLU A 1 37  ? 0.336   -1.345  -4.678  1.00 10.64 ? 34  GLU A CA  1 
ATOM   268  C  C   . GLU A 1 37  ? 0.566   -1.925  -6.061  1.00 12.35 ? 34  GLU A C   1 
ATOM   269  O  O   . GLU A 1 37  ? 1.261   -1.326  -6.883  1.00 11.50 ? 34  GLU A O   1 
ATOM   270  C  CB  . GLU A 1 37  ? -0.734  -0.247  -4.709  1.00 11.43 ? 34  GLU A CB  1 
ATOM   271  C  CG  . GLU A 1 37  ? -1.716  -0.373  -3.550  1.00 12.81 ? 34  GLU A CG  1 
ATOM   272  C  CD  . GLU A 1 37  ? -2.811  0.686   -3.540  1.00 13.34 ? 34  GLU A CD  1 
ATOM   273  O  OE1 . GLU A 1 37  ? -3.106  1.281   -4.598  1.00 13.74 ? 34  GLU A OE1 1 
ATOM   274  O  OE2 . GLU A 1 37  ? -3.389  0.908   -2.461  1.00 12.38 ? 34  GLU A OE2 1 
ATOM   275  N  N   . HIS A 1 38  ? 0.013   -3.112  -6.293  1.00 12.95 ? 35  HIS A N   1 
ATOM   276  C  CA  . HIS A 1 38  ? 0.146   -3.784  -7.582  1.00 16.28 ? 35  HIS A CA  1 
ATOM   277  C  C   . HIS A 1 38  ? -1.091  -3.416  -8.381  1.00 19.19 ? 35  HIS A C   1 
ATOM   278  O  O   . HIS A 1 38  ? -2.199  -3.829  -8.039  1.00 18.64 ? 35  HIS A O   1 
ATOM   279  C  CB  . HIS A 1 38  ? 0.202   -5.306  -7.408  1.00 18.48 ? 35  HIS A CB  1 
ATOM   280  C  CG  . HIS A 1 38  ? 1.213   -5.771  -6.404  1.00 18.91 ? 35  HIS A CG  1 
ATOM   281  N  ND1 . HIS A 1 38  ? 1.779   -7.026  -6.448  1.00 21.88 ? 35  HIS A ND1 1 
ATOM   282  C  CD2 . HIS A 1 38  ? 1.737   -5.161  -5.316  1.00 20.57 ? 35  HIS A CD2 1 
ATOM   283  C  CE1 . HIS A 1 38  ? 2.607   -7.170  -5.430  1.00 21.59 ? 35  HIS A CE1 1 
ATOM   284  N  NE2 . HIS A 1 38  ? 2.601   -6.052  -4.727  1.00 21.67 ? 35  HIS A NE2 1 
ATOM   285  N  N   . GLY A 1 39  ? -0.901  -2.629  -9.435  1.00 20.38 ? 36  GLY A N   1 
ATOM   286  C  CA  . GLY A 1 39  ? -2.023  -2.206  -10.254 1.00 22.58 ? 36  GLY A CA  1 
ATOM   287  C  C   . GLY A 1 39  ? -2.379  -3.199  -11.341 1.00 23.95 ? 36  GLY A C   1 
ATOM   288  O  O   . GLY A 1 39  ? -1.827  -4.297  -11.399 1.00 24.27 ? 36  GLY A O   1 
ATOM   289  N  N   . GLU A 1 40  ? -3.311  -2.811  -12.205 1.00 26.82 ? 37  GLU A N   1 
ATOM   290  C  CA  . GLU A 1 40  ? -3.731  -3.676  -13.302 1.00 27.79 ? 37  GLU A CA  1 
ATOM   291  C  C   . GLU A 1 40  ? -2.707  -3.590  -14.424 1.00 26.24 ? 37  GLU A C   1 
ATOM   292  O  O   . GLU A 1 40  ? -2.039  -2.566  -14.588 1.00 27.36 ? 37  GLU A O   1 
ATOM   293  C  CB  . GLU A 1 40  ? -5.108  -3.248  -13.815 1.00 30.15 ? 37  GLU A CB  1 
ATOM   294  C  CG  . GLU A 1 40  ? -6.199  -3.304  -12.758 1.00 33.83 ? 37  GLU A CG  1 
ATOM   295  C  CD  . GLU A 1 40  ? -7.551  -2.876  -13.286 1.00 35.79 ? 37  GLU A CD  1 
ATOM   296  O  OE1 . GLU A 1 40  ? -7.653  -1.747  -13.812 1.00 37.28 ? 37  GLU A OE1 1 
ATOM   297  O  OE2 . GLU A 1 40  ? -8.512  -3.668  -13.171 1.00 37.32 ? 37  GLU A OE2 1 
ATOM   298  N  N   . GLY A 1 41  ? -2.585  -4.663  -15.197 1.00 24.18 ? 38  GLY A N   1 
ATOM   299  C  CA  . GLY A 1 41  ? -1.630  -4.668  -16.287 1.00 22.98 ? 38  GLY A CA  1 
ATOM   300  C  C   . GLY A 1 41  ? -0.212  -4.564  -15.761 1.00 22.32 ? 38  GLY A C   1 
ATOM   301  O  O   . GLY A 1 41  ? 0.178   -5.304  -14.861 1.00 21.49 ? 38  GLY A O   1 
ATOM   302  N  N   . ASN A 1 42  ? 0.562   -3.636  -16.310 1.00 22.01 ? 39  ASN A N   1 
ATOM   303  C  CA  . ASN A 1 42  ? 1.943   -3.463  -15.873 1.00 23.46 ? 39  ASN A CA  1 
ATOM   304  C  C   . ASN A 1 42  ? 2.108   -2.336  -14.854 1.00 23.69 ? 39  ASN A C   1 
ATOM   305  O  O   . ASN A 1 42  ? 3.227   -1.911  -14.569 1.00 25.06 ? 39  ASN A O   1 
ATOM   306  C  CB  . ASN A 1 42  ? 2.848   -3.196  -17.083 1.00 22.67 ? 39  ASN A CB  1 
ATOM   307  C  CG  . ASN A 1 42  ? 2.472   -1.930  -17.827 1.00 23.62 ? 39  ASN A CG  1 
ATOM   308  O  OD1 . ASN A 1 42  ? 1.684   -1.115  -17.338 1.00 25.77 ? 39  ASN A OD1 1 
ATOM   309  N  ND2 . ASN A 1 42  ? 3.044   -1.748  -19.012 1.00 22.32 ? 39  ASN A ND2 1 
ATOM   310  N  N   . ARG A 1 43  ? 0.999   -1.863  -14.292 1.00 22.75 ? 40  ARG A N   1 
ATOM   311  C  CA  . ARG A 1 43  ? 1.055   -0.766  -13.331 1.00 18.70 ? 40  ARG A CA  1 
ATOM   312  C  C   . ARG A 1 43  ? 1.478   -1.189  -11.919 1.00 17.38 ? 40  ARG A C   1 
ATOM   313  O  O   . ARG A 1 43  ? 1.058   -2.227  -11.404 1.00 15.40 ? 40  ARG A O   1 
ATOM   314  C  CB  . ARG A 1 43  ? -0.300  -0.053  -13.264 1.00 20.82 ? 40  ARG A CB  1 
ATOM   315  C  CG  . ARG A 1 43  ? -0.805  0.517   -14.592 1.00 25.37 ? 40  ARG A CG  1 
ATOM   316  C  CD  . ARG A 1 43  ? -2.054  1.358   -14.349 1.00 28.46 ? 40  ARG A CD  1 
ATOM   317  N  NE  . ARG A 1 43  ? -2.673  1.869   -15.570 1.00 30.91 ? 40  ARG A NE  1 
ATOM   318  C  CZ  . ARG A 1 43  ? -3.251  1.111   -16.495 1.00 33.91 ? 40  ARG A CZ  1 
ATOM   319  N  NH1 . ARG A 1 43  ? -3.293  -0.209  -16.350 1.00 34.26 ? 40  ARG A NH1 1 
ATOM   320  N  NH2 . ARG A 1 43  ? -3.813  1.674   -17.556 1.00 34.18 ? 40  ARG A NH2 1 
ATOM   321  N  N   . TYR A 1 44  ? 2.320   -0.366  -11.303 1.00 14.40 ? 41  TYR A N   1 
ATOM   322  C  CA  . TYR A 1 44  ? 2.804   -0.622  -9.948  1.00 13.80 ? 41  TYR A CA  1 
ATOM   323  C  C   . TYR A 1 44  ? 2.982   0.740   -9.296  1.00 12.37 ? 41  TYR A C   1 
ATOM   324  O  O   . TYR A 1 44  ? 3.390   1.699   -9.951  1.00 15.20 ? 41  TYR A O   1 
ATOM   325  C  CB  . TYR A 1 44  ? 4.148   -1.347  -9.985  1.00 15.26 ? 41  TYR A CB  1 
ATOM   326  C  CG  . TYR A 1 44  ? 4.441   -2.161  -8.748  1.00 14.61 ? 41  TYR A CG  1 
ATOM   327  C  CD1 . TYR A 1 44  ? 3.963   -3.465  -8.620  1.00 16.28 ? 41  TYR A CD1 1 
ATOM   328  C  CD2 . TYR A 1 44  ? 5.204   -1.634  -7.706  1.00 15.44 ? 41  TYR A CD2 1 
ATOM   329  C  CE1 . TYR A 1 44  ? 4.241   -4.227  -7.494  1.00 16.05 ? 41  TYR A CE1 1 
ATOM   330  C  CE2 . TYR A 1 44  ? 5.486   -2.386  -6.571  1.00 14.71 ? 41  TYR A CE2 1 
ATOM   331  C  CZ  . TYR A 1 44  ? 5.003   -3.683  -6.473  1.00 16.31 ? 41  TYR A CZ  1 
ATOM   332  O  OH  . TYR A 1 44  ? 5.295   -4.447  -5.368  1.00 18.54 ? 41  TYR A OH  1 
ATOM   333  N  N   . TYR A 1 45  ? 2.683   0.836   -8.008  1.00 9.72  ? 42  TYR A N   1 
ATOM   334  C  CA  . TYR A 1 45  ? 2.800   2.113   -7.327  1.00 8.60  ? 42  TYR A CA  1 
ATOM   335  C  C   . TYR A 1 45  ? 3.654   1.991   -6.081  1.00 8.85  ? 42  TYR A C   1 
ATOM   336  O  O   . TYR A 1 45  ? 3.511   1.043   -5.307  1.00 9.98  ? 42  TYR A O   1 
ATOM   337  C  CB  . TYR A 1 45  ? 1.403   2.616   -6.966  1.00 9.08  ? 42  TYR A CB  1 
ATOM   338  C  CG  . TYR A 1 45  ? 0.468   2.625   -8.151  1.00 13.94 ? 42  TYR A CG  1 
ATOM   339  C  CD1 . TYR A 1 45  ? 0.456   3.695   -9.045  1.00 14.94 ? 42  TYR A CD1 1 
ATOM   340  C  CD2 . TYR A 1 45  ? -0.373  1.543   -8.404  1.00 14.33 ? 42  TYR A CD2 1 
ATOM   341  C  CE1 . TYR A 1 45  ? -0.369  3.687   -10.161 1.00 16.53 ? 42  TYR A CE1 1 
ATOM   342  C  CE2 . TYR A 1 45  ? -1.202  1.522   -9.525  1.00 18.26 ? 42  TYR A CE2 1 
ATOM   343  C  CZ  . TYR A 1 45  ? -1.194  2.599   -10.397 1.00 17.96 ? 42  TYR A CZ  1 
ATOM   344  O  OH  . TYR A 1 45  ? -2.011  2.589   -11.506 1.00 20.74 ? 42  TYR A OH  1 
ATOM   345  N  N   . VAL A 1 46  ? 4.560   2.945   -5.904  1.00 7.94  ? 43  VAL A N   1 
ATOM   346  C  CA  . VAL A 1 46  ? 5.433   2.950   -4.738  1.00 7.52  ? 43  VAL A CA  1 
ATOM   347  C  C   . VAL A 1 46  ? 5.472   4.336   -4.129  1.00 6.77  ? 43  VAL A C   1 
ATOM   348  O  O   . VAL A 1 46  ? 5.538   5.345   -4.835  1.00 7.40  ? 43  VAL A O   1 
ATOM   349  C  CB  . VAL A 1 46  ? 6.873   2.526   -5.108  1.00 7.00  ? 43  VAL A CB  1 
ATOM   350  C  CG1 . VAL A 1 46  ? 7.726   2.408   -3.849  1.00 10.98 ? 43  VAL A CG1 1 
ATOM   351  C  CG2 . VAL A 1 46  ? 6.844   1.206   -5.863  1.00 10.42 ? 43  VAL A CG2 1 
ATOM   352  N  N   . GLY A 1 47  ? 5.435   4.386   -2.806  1.00 6.21  ? 44  GLY A N   1 
ATOM   353  C  CA  . GLY A 1 47  ? 5.471   5.666   -2.137  1.00 7.29  ? 44  GLY A CA  1 
ATOM   354  C  C   . GLY A 1 47  ? 5.551   5.518   -0.636  1.00 5.92  ? 44  GLY A C   1 
ATOM   355  O  O   . GLY A 1 47  ? 6.168   4.589   -0.120  1.00 6.43  ? 44  GLY A O   1 
ATOM   356  N  N   . TYR A 1 48  ? 4.897   6.438   0.060   1.00 7.21  ? 45  TYR A N   1 
ATOM   357  C  CA  . TYR A 1 48  ? 4.900   6.449   1.513   1.00 7.22  ? 45  TYR A CA  1 
ATOM   358  C  C   . TYR A 1 48  ? 3.500   6.609   2.067   1.00 9.61  ? 45  TYR A C   1 
ATOM   359  O  O   . TYR A 1 48  ? 2.639   7.197   1.427   1.00 8.83  ? 45  TYR A O   1 
ATOM   360  C  CB  . TYR A 1 48  ? 5.709   7.639   2.013   1.00 8.49  ? 45  TYR A CB  1 
ATOM   361  C  CG  . TYR A 1 48  ? 7.127   7.683   1.519   1.00 7.92  ? 45  TYR A CG  1 
ATOM   362  C  CD1 . TYR A 1 48  ? 8.086   6.810   2.027   1.00 9.21  ? 45  TYR A CD1 1 
ATOM   363  C  CD2 . TYR A 1 48  ? 7.515   8.608   0.552   1.00 8.03  ? 45  TYR A CD2 1 
ATOM   364  C  CE1 . TYR A 1 48  ? 9.399   6.858   1.587   1.00 10.25 ? 45  TYR A CE1 1 
ATOM   365  C  CE2 . TYR A 1 48  ? 8.831   8.665   0.103   1.00 8.73  ? 45  TYR A CE2 1 
ATOM   366  C  CZ  . TYR A 1 48  ? 9.765   7.788   0.629   1.00 9.87  ? 45  TYR A CZ  1 
ATOM   367  O  OH  . TYR A 1 48  ? 11.075  7.853   0.212   1.00 10.79 ? 45  TYR A OH  1 
ATOM   368  N  N   . THR A 1 49  ? 3.280   6.068   3.260   1.00 9.32  ? 46  THR A N   1 
ATOM   369  C  CA  . THR A 1 49  ? 2.004   6.256   3.928   1.00 9.78  ? 46  THR A CA  1 
ATOM   370  C  C   . THR A 1 49  ? 2.375   6.895   5.246   1.00 10.65 ? 46  THR A C   1 
ATOM   371  O  O   . THR A 1 49  ? 3.212   6.385   5.989   1.00 9.51  ? 46  THR A O   1 
ATOM   372  C  CB  . THR A 1 49  ? 1.246   4.949   4.172   1.00 9.38  ? 46  THR A CB  1 
ATOM   373  O  OG1 . THR A 1 49  ? 0.772   4.447   2.918   1.00 9.53  ? 46  THR A OG1 1 
ATOM   374  C  CG2 . THR A 1 49  ? 0.049   5.202   5.089   1.00 10.97 ? 46  THR A CG2 1 
ATOM   375  N  N   . ILE A 1 50  ? 1.769   8.047   5.495   1.00 11.29 ? 47  ILE A N   1 
ATOM   376  C  CA  . ILE A 1 50  ? 2.012   8.822   6.694   1.00 13.86 ? 47  ILE A CA  1 
ATOM   377  C  C   . ILE A 1 50  ? 0.829   8.690   7.632   1.00 15.00 ? 47  ILE A C   1 
ATOM   378  O  O   . ILE A 1 50  ? -0.322  8.764   7.202   1.00 15.24 ? 47  ILE A O   1 
ATOM   379  C  CB  . ILE A 1 50  ? 2.175   10.317  6.348   1.00 13.80 ? 47  ILE A CB  1 
ATOM   380  C  CG1 . ILE A 1 50  ? 3.361   10.507  5.403   1.00 14.78 ? 47  ILE A CG1 1 
ATOM   381  C  CG2 . ILE A 1 50  ? 2.362   11.139  7.625   1.00 15.39 ? 47  ILE A CG2 1 
ATOM   382  C  CD1 . ILE A 1 50  ? 3.511   11.922  4.904   1.00 19.63 ? 47  ILE A CD1 1 
ATOM   383  N  N   . ASN A 1 51  ? 1.120   8.478   8.909   1.00 16.85 ? 48  ASN A N   1 
ATOM   384  C  CA  . ASN A 1 51  ? 0.075   8.386   9.911   1.00 19.73 ? 48  ASN A CA  1 
ATOM   385  C  C   . ASN A 1 51  ? 0.123   9.725   10.625  1.00 21.88 ? 48  ASN A C   1 
ATOM   386  O  O   . ASN A 1 51  ? 0.974   9.944   11.485  1.00 23.55 ? 48  ASN A O   1 
ATOM   387  C  CB  . ASN A 1 51  ? 0.359   7.269   10.915  1.00 19.99 ? 48  ASN A CB  1 
ATOM   388  C  CG  . ASN A 1 51  ? -0.669  7.223   12.040  1.00 22.64 ? 48  ASN A CG  1 
ATOM   389  O  OD1 . ASN A 1 51  ? -1.037  8.255   12.600  1.00 24.48 ? 48  ASN A OD1 1 
ATOM   390  N  ND2 . ASN A 1 51  ? -1.123  6.023   12.383  1.00 24.25 ? 48  ASN A ND2 1 
ATOM   391  N  N   . LYS A 1 52  ? -0.768  10.628  10.239  1.00 24.61 ? 49  LYS A N   1 
ATOM   392  C  CA  . LYS A 1 52  ? -0.830  11.943  10.857  1.00 28.82 ? 49  LYS A CA  1 
ATOM   393  C  C   . LYS A 1 52  ? -2.010  11.948  11.818  1.00 29.60 ? 49  LYS A C   1 
ATOM   394  O  O   . LYS A 1 52  ? -3.158  12.141  11.411  1.00 29.65 ? 49  LYS A O   1 
ATOM   395  C  CB  . LYS A 1 52  ? -1.007  13.023  9.789   1.00 29.75 ? 49  LYS A CB  1 
ATOM   396  C  CG  . LYS A 1 52  ? -0.925  14.443  10.329  1.00 32.71 ? 49  LYS A CG  1 
ATOM   397  C  CD  . LYS A 1 52  ? -0.996  15.477  9.210   1.00 34.94 ? 49  LYS A CD  1 
ATOM   398  C  CE  . LYS A 1 52  ? -2.332  15.430  8.481   1.00 35.82 ? 49  LYS A CE  1 
ATOM   399  N  NZ  . LYS A 1 52  ? -3.479  15.657  9.405   1.00 37.07 ? 49  LYS A NZ  1 
ATOM   400  N  N   . ASP A 1 53  ? -1.717  11.714  13.091  1.00 31.91 ? 50  ASP A N   1 
ATOM   401  C  CA  . ASP A 1 53  ? -2.734  11.678  14.133  1.00 33.97 ? 50  ASP A CA  1 
ATOM   402  C  C   . ASP A 1 53  ? -3.879  10.741  13.758  1.00 33.90 ? 50  ASP A C   1 
ATOM   403  O  O   . ASP A 1 53  ? -5.038  11.148  13.688  1.00 34.32 ? 50  ASP A O   1 
ATOM   404  C  CB  . ASP A 1 53  ? -3.277  13.086  14.393  1.00 37.17 ? 50  ASP A CB  1 
ATOM   405  C  CG  . ASP A 1 53  ? -4.204  13.137  15.593  1.00 39.97 ? 50  ASP A CG  1 
ATOM   406  O  OD1 . ASP A 1 53  ? -3.758  12.775  16.703  1.00 41.98 ? 50  ASP A OD1 1 
ATOM   407  O  OD2 . ASP A 1 53  ? -5.376  13.538  15.425  1.00 42.68 ? 50  ASP A OD2 1 
ATOM   408  N  N   . ASP A 1 54  ? -3.531  9.482   13.510  1.00 33.48 ? 51  ASP A N   1 
ATOM   409  C  CA  . ASP A 1 54  ? -4.496  8.447   13.153  1.00 32.56 ? 51  ASP A CA  1 
ATOM   410  C  C   . ASP A 1 54  ? -5.030  8.535   11.728  1.00 29.47 ? 51  ASP A C   1 
ATOM   411  O  O   . ASP A 1 54  ? -5.647  7.587   11.241  1.00 29.24 ? 51  ASP A O   1 
ATOM   412  C  CB  . ASP A 1 54  ? -5.662  8.445   14.146  1.00 36.17 ? 51  ASP A CB  1 
ATOM   413  C  CG  . ASP A 1 54  ? -5.207  8.214   15.574  1.00 38.49 ? 51  ASP A CG  1 
ATOM   414  O  OD1 . ASP A 1 54  ? -4.503  7.212   15.821  1.00 41.53 ? 51  ASP A OD1 1 
ATOM   415  O  OD2 . ASP A 1 54  ? -5.556  9.033   16.452  1.00 41.65 ? 51  ASP A OD2 1 
ATOM   416  N  N   . GLU A 1 55  ? -4.812  9.662   11.059  1.00 26.01 ? 52  GLU A N   1 
ATOM   417  C  CA  . GLU A 1 55  ? -5.267  9.787   9.678   1.00 23.24 ? 52  GLU A CA  1 
ATOM   418  C  C   . GLU A 1 55  ? -4.172  9.237   8.771   1.00 20.73 ? 52  GLU A C   1 
ATOM   419  O  O   . GLU A 1 55  ? -3.013  9.638   8.876   1.00 19.82 ? 52  GLU A O   1 
ATOM   420  C  CB  . GLU A 1 55  ? -5.538  11.242  9.300   1.00 24.54 ? 52  GLU A CB  1 
ATOM   421  C  CG  . GLU A 1 55  ? -5.997  11.378  7.851   1.00 27.07 ? 52  GLU A CG  1 
ATOM   422  C  CD  . GLU A 1 55  ? -6.175  12.813  7.404   1.00 28.75 ? 52  GLU A CD  1 
ATOM   423  O  OE1 . GLU A 1 55  ? -6.599  13.020  6.247   1.00 28.17 ? 52  GLU A OE1 1 
ATOM   424  O  OE2 . GLU A 1 55  ? -5.890  13.732  8.203   1.00 31.06 ? 52  GLU A OE2 1 
HETATM 425  N  N   . MSE A 1 56  ? -4.542  8.320   7.884   1.00 17.64 ? 53  MSE A N   1 
HETATM 426  C  CA  . MSE A 1 56  ? -3.578  7.716   6.971   1.00 16.98 ? 53  MSE A CA  1 
HETATM 427  C  C   . MSE A 1 56  ? -3.586  8.454   5.639   1.00 13.68 ? 53  MSE A C   1 
HETATM 428  O  O   . MSE A 1 56  ? -4.614  8.532   4.968   1.00 14.40 ? 53  MSE A O   1 
HETATM 429  C  CB  . MSE A 1 56  ? -3.925  6.240   6.743   1.00 18.86 ? 53  MSE A CB  1 
HETATM 430  C  CG  . MSE A 1 56  ? -4.239  5.475   8.015   1.00 23.64 ? 53  MSE A CG  1 
HETATM 431  SE SE  . MSE A 1 56  ? -2.780  5.515   9.273   1.00 30.63 ? 53  MSE A SE  1 
HETATM 432  C  CE  . MSE A 1 56  ? -2.492  3.616   9.464   1.00 30.43 ? 53  MSE A CE  1 
ATOM   433  N  N   . ILE A 1 57  ? -2.437  9.007   5.265   1.00 12.44 ? 54  ILE A N   1 
ATOM   434  C  CA  . ILE A 1 57  ? -2.316  9.727   4.005   1.00 11.66 ? 54  ILE A CA  1 
ATOM   435  C  C   . ILE A 1 57  ? -1.202  9.060   3.215   1.00 10.84 ? 54  ILE A C   1 
ATOM   436  O  O   . ILE A 1 57  ? -0.104  8.851   3.732   1.00 13.35 ? 54  ILE A O   1 
ATOM   437  C  CB  . ILE A 1 57  ? -1.977  11.208  4.242   1.00 14.95 ? 54  ILE A CB  1 
ATOM   438  C  CG1 . ILE A 1 57  ? -3.067  11.849  5.108   1.00 15.33 ? 54  ILE A CG1 1 
ATOM   439  C  CG2 . ILE A 1 57  ? -1.858  11.933  2.911   1.00 14.20 ? 54  ILE A CG2 1 
ATOM   440  C  CD1 . ILE A 1 57  ? -2.744  13.267  5.551   1.00 20.49 ? 54  ILE A CD1 1 
ATOM   441  N  N   . THR A 1 58  ? -1.493  8.712   1.969   1.00 9.72  ? 55  THR A N   1 
ATOM   442  C  CA  . THR A 1 58  ? -0.514  8.036   1.128   1.00 10.08 ? 55  THR A CA  1 
ATOM   443  C  C   . THR A 1 58  ? -0.128  8.858   -0.093  1.00 11.29 ? 55  THR A C   1 
ATOM   444  O  O   . THR A 1 58  ? -0.969  9.498   -0.721  1.00 12.18 ? 55  THR A O   1 
ATOM   445  C  CB  . THR A 1 58  ? -1.059  6.674   0.653   1.00 10.73 ? 55  THR A CB  1 
ATOM   446  O  OG1 . THR A 1 58  ? -1.323  5.846   1.792   1.00 9.59  ? 55  THR A OG1 1 
ATOM   447  C  CG2 . THR A 1 58  ? -0.061  5.978   -0.259  1.00 12.14 ? 55  THR A CG2 1 
ATOM   448  N  N   . ILE A 1 59  ? 1.157   8.845   -0.420  1.00 12.62 ? 56  ILE A N   1 
ATOM   449  C  CA  . ILE A 1 59  ? 1.636   9.554   -1.595  1.00 12.83 ? 56  ILE A CA  1 
ATOM   450  C  C   . ILE A 1 59  ? 2.424   8.534   -2.403  1.00 11.36 ? 56  ILE A C   1 
ATOM   451  O  O   . ILE A 1 59  ? 3.178   7.741   -1.845  1.00 11.62 ? 56  ILE A O   1 
ATOM   452  C  CB  . ILE A 1 59  ? 2.519   10.775  -1.223  1.00 12.57 ? 56  ILE A CB  1 
ATOM   453  C  CG1 . ILE A 1 59  ? 3.682   10.356  -0.325  1.00 13.38 ? 56  ILE A CG1 1 
ATOM   454  C  CG2 . ILE A 1 59  ? 1.671   11.828  -0.526  1.00 12.26 ? 56  ILE A CG2 1 
ATOM   455  C  CD1 . ILE A 1 59  ? 4.650   11.492  -0.039  1.00 14.10 ? 56  ILE A CD1 1 
ATOM   456  N  N   . HIS A 1 60  ? 2.242   8.524   -3.716  1.00 9.11  ? 57  HIS A N   1 
ATOM   457  C  CA  . HIS A 1 60  ? 2.959   7.537   -4.506  1.00 8.74  ? 57  HIS A CA  1 
ATOM   458  C  C   . HIS A 1 60  ? 3.287   7.966   -5.920  1.00 9.69  ? 57  HIS A C   1 
ATOM   459  O  O   . HIS A 1 60  ? 2.718   8.926   -6.440  1.00 10.51 ? 57  HIS A O   1 
ATOM   460  C  CB  . HIS A 1 60  ? 2.165   6.222   -4.528  1.00 9.65  ? 57  HIS A CB  1 
ATOM   461  C  CG  . HIS A 1 60  ? 0.769   6.364   -5.048  1.00 11.63 ? 57  HIS A CG  1 
ATOM   462  N  ND1 . HIS A 1 60  ? 0.484   6.499   -6.390  1.00 12.03 ? 57  HIS A ND1 1 
ATOM   463  C  CD2 . HIS A 1 60  ? -0.421  6.416   -4.403  1.00 11.63 ? 57  HIS A CD2 1 
ATOM   464  C  CE1 . HIS A 1 60  ? -0.822  6.626   -6.549  1.00 14.28 ? 57  HIS A CE1 1 
ATOM   465  N  NE2 . HIS A 1 60  ? -1.394  6.579   -5.361  1.00 12.63 ? 57  HIS A NE2 1 
HETATM 466  N  N   . MSE A 1 61  ? 4.226   7.242   -6.522  1.00 8.87  ? 58  MSE A N   1 
HETATM 467  C  CA  . MSE A 1 61  ? 4.668   7.490   -7.889  1.00 9.59  ? 58  MSE A CA  1 
HETATM 468  C  C   . MSE A 1 61  ? 4.319   6.269   -8.718  1.00 10.84 ? 58  MSE A C   1 
HETATM 469  O  O   . MSE A 1 61  ? 4.223   5.153   -8.198  1.00 10.62 ? 58  MSE A O   1 
HETATM 470  C  CB  . MSE A 1 61  ? 6.179   7.708   -7.946  1.00 10.82 ? 58  MSE A CB  1 
HETATM 471  C  CG  . MSE A 1 61  ? 6.671   8.866   -7.119  1.00 9.77  ? 58  MSE A CG  1 
HETATM 472  SE SE  . MSE A 1 61  ? 8.507   9.281   -7.549  1.00 15.37 ? 58  MSE A SE  1 
HETATM 473  C  CE  . MSE A 1 61  ? 8.140   10.445  -9.048  1.00 10.54 ? 58  MSE A CE  1 
ATOM   474  N  N   . PRO A 1 62  ? 4.136   6.462   -10.031 1.00 11.31 ? 59  PRO A N   1 
ATOM   475  C  CA  . PRO A 1 62  ? 3.790   5.378   -10.949 1.00 11.80 ? 59  PRO A CA  1 
ATOM   476  C  C   . PRO A 1 62  ? 4.993   4.656   -11.553 1.00 13.60 ? 59  PRO A C   1 
ATOM   477  O  O   . PRO A 1 62  ? 5.929   5.286   -12.053 1.00 14.32 ? 59  PRO A O   1 
ATOM   478  C  CB  . PRO A 1 62  ? 2.951   6.093   -11.997 1.00 13.55 ? 59  PRO A CB  1 
ATOM   479  C  CG  . PRO A 1 62  ? 3.686   7.394   -12.139 1.00 11.74 ? 59  PRO A CG  1 
ATOM   480  C  CD  . PRO A 1 62  ? 4.029   7.774   -10.699 1.00 11.92 ? 59  PRO A CD  1 
ATOM   481  N  N   . PHE A 1 63  ? 4.951   3.330   -11.501 1.00 13.21 ? 60  PHE A N   1 
ATOM   482  C  CA  . PHE A 1 63  ? 6.006   2.487   -12.039 1.00 14.44 ? 60  PHE A CA  1 
ATOM   483  C  C   . PHE A 1 63  ? 5.423   1.485   -13.017 1.00 16.40 ? 60  PHE A C   1 
ATOM   484  O  O   . PHE A 1 63  ? 4.216   1.219   -13.023 1.00 15.13 ? 60  PHE A O   1 
ATOM   485  C  CB  . PHE A 1 63  ? 6.708   1.723   -10.910 1.00 15.99 ? 60  PHE A CB  1 
ATOM   486  C  CG  . PHE A 1 63  ? 7.576   2.586   -10.046 1.00 14.84 ? 60  PHE A CG  1 
ATOM   487  C  CD1 . PHE A 1 63  ? 8.944   2.680   -10.287 1.00 14.72 ? 60  PHE A CD1 1 
ATOM   488  C  CD2 . PHE A 1 63  ? 7.018   3.348   -9.026  1.00 15.48 ? 60  PHE A CD2 1 
ATOM   489  C  CE1 . PHE A 1 63  ? 9.742   3.529   -9.526  1.00 14.77 ? 60  PHE A CE1 1 
ATOM   490  C  CE2 . PHE A 1 63  ? 7.806   4.199   -8.260  1.00 15.04 ? 60  PHE A CE2 1 
ATOM   491  C  CZ  . PHE A 1 63  ? 9.175   4.291   -8.512  1.00 16.55 ? 60  PHE A CZ  1 
ATOM   492  N  N   . VAL A 1 64  ? 6.294   0.944   -13.854 1.00 18.21 ? 61  VAL A N   1 
ATOM   493  C  CA  . VAL A 1 64  ? 5.916   -0.065  -14.820 1.00 19.27 ? 61  VAL A CA  1 
ATOM   494  C  C   . VAL A 1 64  ? 6.701   -1.296  -14.401 1.00 19.48 ? 61  VAL A C   1 
ATOM   495  O  O   . VAL A 1 64  ? 7.894   -1.203  -14.103 1.00 19.04 ? 61  VAL A O   1 
ATOM   496  C  CB  . VAL A 1 64  ? 6.327   0.329   -16.255 1.00 20.97 ? 61  VAL A CB  1 
ATOM   497  C  CG1 . VAL A 1 64  ? 6.014   -0.803  -17.210 1.00 22.31 ? 61  VAL A CG1 1 
ATOM   498  C  CG2 . VAL A 1 64  ? 5.597   1.596   -16.677 1.00 22.93 ? 61  VAL A CG2 1 
ATOM   499  N  N   . LYS A 1 65  ? 6.027   -2.436  -14.340 1.00 20.08 ? 62  LYS A N   1 
ATOM   500  C  CA  . LYS A 1 65  ? 6.679   -3.677  -13.965 1.00 21.98 ? 62  LYS A CA  1 
ATOM   501  C  C   . LYS A 1 65  ? 6.785   -4.539  -15.215 1.00 24.40 ? 62  LYS A C   1 
ATOM   502  O  O   . LYS A 1 65  ? 5.780   -4.813  -15.865 1.00 25.18 ? 62  LYS A O   1 
ATOM   503  C  CB  . LYS A 1 65  ? 5.856   -4.401  -12.894 1.00 23.66 ? 62  LYS A CB  1 
ATOM   504  C  CG  . LYS A 1 65  ? 6.485   -5.686  -12.384 1.00 26.32 ? 62  LYS A CG  1 
ATOM   505  C  CD  . LYS A 1 65  ? 5.657   -6.302  -11.267 1.00 30.47 ? 62  LYS A CD  1 
ATOM   506  C  CE  . LYS A 1 65  ? 6.330   -7.543  -10.706 1.00 33.12 ? 62  LYS A CE  1 
ATOM   507  N  NZ  . LYS A 1 65  ? 5.501   -8.213  -9.664  1.00 36.16 ? 62  LYS A NZ  1 
ATOM   508  N  N   . ASN A 1 66  ? 7.999   -4.952  -15.572 1.00 24.97 ? 63  ASN A N   1 
ATOM   509  C  CA  . ASN A 1 66  ? 8.157   -5.789  -16.756 1.00 26.44 ? 63  ASN A CA  1 
ATOM   510  C  C   . ASN A 1 66  ? 7.974   -7.258  -16.394 1.00 27.15 ? 63  ASN A C   1 
ATOM   511  O  O   . ASN A 1 66  ? 7.755   -7.594  -15.229 1.00 25.09 ? 63  ASN A O   1 
ATOM   512  C  CB  . ASN A 1 66  ? 9.527   -5.572  -17.419 1.00 26.78 ? 63  ASN A CB  1 
ATOM   513  C  CG  . ASN A 1 66  ? 10.690  -5.887  -16.500 1.00 26.81 ? 63  ASN A CG  1 
ATOM   514  O  OD1 . ASN A 1 66  ? 10.588  -6.728  -15.609 1.00 25.84 ? 63  ASN A OD1 1 
ATOM   515  N  ND2 . ASN A 1 66  ? 11.819  -5.225  -16.733 1.00 28.06 ? 63  ASN A ND2 1 
ATOM   516  N  N   . GLU A 1 67  ? 8.051   -8.131  -17.396 1.00 29.51 ? 64  GLU A N   1 
ATOM   517  C  CA  . GLU A 1 67  ? 7.881   -9.563  -17.176 1.00 31.18 ? 64  GLU A CA  1 
ATOM   518  C  C   . GLU A 1 67  ? 8.943   -10.163 -16.260 1.00 31.38 ? 64  GLU A C   1 
ATOM   519  O  O   . GLU A 1 67  ? 8.787   -11.284 -15.774 1.00 31.45 ? 64  GLU A O   1 
ATOM   520  C  CB  . GLU A 1 67  ? 7.877   -10.316 -18.510 1.00 33.53 ? 64  GLU A CB  1 
ATOM   521  C  CG  . GLU A 1 67  ? 6.560   -10.238 -19.268 1.00 36.04 ? 64  GLU A CG  1 
ATOM   522  C  CD  . GLU A 1 67  ? 6.492   -11.212 -20.434 1.00 37.43 ? 64  GLU A CD  1 
ATOM   523  O  OE1 . GLU A 1 67  ? 7.189   -10.990 -21.446 1.00 38.30 ? 64  GLU A OE1 1 
ATOM   524  O  OE2 . GLU A 1 67  ? 5.744   -12.208 -20.333 1.00 38.88 ? 64  GLU A OE2 1 
ATOM   525  N  N   . ARG A 1 68  ? 10.017  -9.417  -16.025 1.00 31.10 ? 65  ARG A N   1 
ATOM   526  C  CA  . ARG A 1 68  ? 11.099  -9.889  -15.168 1.00 30.66 ? 65  ARG A CA  1 
ATOM   527  C  C   . ARG A 1 68  ? 10.905  -9.465  -13.712 1.00 29.76 ? 65  ARG A C   1 
ATOM   528  O  O   . ARG A 1 68  ? 11.740  -9.754  -12.856 1.00 30.89 ? 65  ARG A O   1 
ATOM   529  C  CB  . ARG A 1 68  ? 12.442  -9.370  -15.690 1.00 31.52 ? 65  ARG A CB  1 
ATOM   530  C  CG  . ARG A 1 68  ? 12.779  -9.854  -17.094 1.00 32.58 ? 65  ARG A CG  1 
ATOM   531  C  CD  . ARG A 1 68  ? 14.023  -9.170  -17.654 1.00 32.94 ? 65  ARG A CD  1 
ATOM   532  N  NE  . ARG A 1 68  ? 14.285  -9.571  -19.034 1.00 33.94 ? 65  ARG A NE  1 
ATOM   533  C  CZ  . ARG A 1 68  ? 14.672  -10.790 -19.402 1.00 34.32 ? 65  ARG A CZ  1 
ATOM   534  N  NH1 . ARG A 1 68  ? 14.850  -11.737 -18.489 1.00 34.73 ? 65  ARG A NH1 1 
ATOM   535  N  NH2 . ARG A 1 68  ? 14.869  -11.067 -20.684 1.00 32.08 ? 65  ARG A NH2 1 
ATOM   536  N  N   . GLY A 1 69  ? 9.802   -8.776  -13.438 1.00 28.72 ? 66  GLY A N   1 
ATOM   537  C  CA  . GLY A 1 69  ? 9.522   -8.337  -12.082 1.00 26.84 ? 66  GLY A CA  1 
ATOM   538  C  C   . GLY A 1 69  ? 10.239  -7.059  -11.688 1.00 25.06 ? 66  GLY A C   1 
ATOM   539  O  O   . GLY A 1 69  ? 10.124  -6.605  -10.551 1.00 24.84 ? 66  GLY A O   1 
ATOM   540  N  N   . GLU A 1 70  ? 10.986  -6.482  -12.623 1.00 23.83 ? 67  GLU A N   1 
ATOM   541  C  CA  . GLU A 1 70  ? 11.712  -5.245  -12.362 1.00 21.55 ? 67  GLU A CA  1 
ATOM   542  C  C   . GLU A 1 70  ? 10.781  -4.044  -12.468 1.00 19.03 ? 67  GLU A C   1 
ATOM   543  O  O   . GLU A 1 70  ? 9.721   -4.115  -13.094 1.00 18.75 ? 67  GLU A O   1 
ATOM   544  C  CB  . GLU A 1 70  ? 12.855  -5.074  -13.360 1.00 23.54 ? 67  GLU A CB  1 
ATOM   545  C  CG  . GLU A 1 70  ? 13.916  -6.145  -13.287 1.00 25.94 ? 67  GLU A CG  1 
ATOM   546  C  CD  . GLU A 1 70  ? 15.040  -5.887  -14.265 1.00 29.09 ? 67  GLU A CD  1 
ATOM   547  O  OE1 . GLU A 1 70  ? 14.780  -5.907  -15.489 1.00 30.63 ? 67  GLU A OE1 1 
ATOM   548  O  OE2 . GLU A 1 70  ? 16.179  -5.654  -13.809 1.00 30.83 ? 67  GLU A OE2 1 
ATOM   549  N  N   . LEU A 1 71  ? 11.196  -2.932  -11.875 1.00 15.14 ? 68  LEU A N   1 
ATOM   550  C  CA  . LEU A 1 71  ? 10.394  -1.720  -11.895 1.00 15.08 ? 68  LEU A CA  1 
ATOM   551  C  C   . LEU A 1 71  ? 11.115  -0.550  -12.537 1.00 15.59 ? 68  LEU A C   1 
ATOM   552  O  O   . LEU A 1 71  ? 12.327  -0.387  -12.382 1.00 15.50 ? 68  LEU A O   1 
ATOM   553  C  CB  . LEU A 1 71  ? 10.002  -1.319  -10.474 1.00 14.61 ? 68  LEU A CB  1 
ATOM   554  C  CG  . LEU A 1 71  ? 9.204   -2.320  -9.643  1.00 16.09 ? 68  LEU A CG  1 
ATOM   555  C  CD1 . LEU A 1 71  ? 8.953   -1.730  -8.266  1.00 14.58 ? 68  LEU A CD1 1 
ATOM   556  C  CD2 . LEU A 1 71  ? 7.894   -2.643  -10.337 1.00 16.33 ? 68  LEU A CD2 1 
ATOM   557  N  N   . ALA A 1 72  ? 10.344  0.270   -13.245 1.00 15.15 ? 69  ALA A N   1 
ATOM   558  C  CA  . ALA A 1 72  ? 10.861  1.460   -13.902 1.00 14.46 ? 69  ALA A CA  1 
ATOM   559  C  C   . ALA A 1 72  ? 9.892   2.605   -13.632 1.00 14.60 ? 69  ALA A C   1 
ATOM   560  O  O   . ALA A 1 72  ? 8.674   2.428   -13.740 1.00 15.94 ? 69  ALA A O   1 
ATOM   561  C  CB  . ALA A 1 72  ? 10.991  1.220   -15.408 1.00 14.97 ? 69  ALA A CB  1 
ATOM   562  N  N   . LEU A 1 73  ? 10.422  3.770   -13.267 1.00 14.58 ? 70  LEU A N   1 
ATOM   563  C  CA  . LEU A 1 73  ? 9.578   4.930   -13.005 1.00 16.32 ? 70  LEU A CA  1 
ATOM   564  C  C   . LEU A 1 73  ? 8.940   5.344   -14.327 1.00 18.29 ? 70  LEU A C   1 
ATOM   565  O  O   . LEU A 1 73  ? 9.633   5.537   -15.327 1.00 19.10 ? 70  LEU A O   1 
ATOM   566  C  CB  . LEU A 1 73  ? 10.407  6.087   -12.440 1.00 16.30 ? 70  LEU A CB  1 
ATOM   567  C  CG  . LEU A 1 73  ? 9.640   7.357   -12.061 1.00 17.09 ? 70  LEU A CG  1 
ATOM   568  C  CD1 . LEU A 1 73  ? 8.620   7.053   -10.966 1.00 17.22 ? 70  LEU A CD1 1 
ATOM   569  C  CD2 . LEU A 1 73  ? 10.618  8.424   -11.595 1.00 18.60 ? 70  LEU A CD2 1 
ATOM   570  N  N   . GLU A 1 74  ? 7.619   5.476   -14.325 1.00 17.53 ? 71  GLU A N   1 
ATOM   571  C  CA  . GLU A 1 74  ? 6.885   5.834   -15.533 1.00 20.74 ? 71  GLU A CA  1 
ATOM   572  C  C   . GLU A 1 74  ? 6.776   7.329   -15.791 1.00 21.06 ? 71  GLU A C   1 
ATOM   573  O  O   . GLU A 1 74  ? 6.781   7.764   -16.941 1.00 22.54 ? 71  GLU A O   1 
ATOM   574  C  CB  . GLU A 1 74  ? 5.473   5.247   -15.475 1.00 21.97 ? 71  GLU A CB  1 
ATOM   575  C  CG  . GLU A 1 74  ? 4.637   5.540   -16.708 1.00 26.10 ? 71  GLU A CG  1 
ATOM   576  C  CD  . GLU A 1 74  ? 3.156   5.330   -16.474 1.00 29.91 ? 71  GLU A CD  1 
ATOM   577  O  OE1 . GLU A 1 74  ? 2.766   4.231   -16.028 1.00 31.34 ? 71  GLU A OE1 1 
ATOM   578  O  OE2 . GLU A 1 74  ? 2.380   6.271   -16.739 1.00 33.94 ? 71  GLU A OE2 1 
ATOM   579  N  N   . LYS A 1 75  ? 6.683   8.116   -14.729 1.00 19.32 ? 72  LYS A N   1 
ATOM   580  C  CA  . LYS A 1 75  ? 6.527   9.555   -14.883 1.00 20.94 ? 72  LYS A CA  1 
ATOM   581  C  C   . LYS A 1 75  ? 6.932   10.285  -13.608 1.00 20.01 ? 72  LYS A C   1 
ATOM   582  O  O   . LYS A 1 75  ? 6.718   9.780   -12.508 1.00 19.54 ? 72  LYS A O   1 
ATOM   583  C  CB  . LYS A 1 75  ? 5.061   9.846   -15.217 1.00 23.55 ? 72  LYS A CB  1 
ATOM   584  C  CG  . LYS A 1 75  ? 4.703   11.297  -15.455 1.00 26.84 ? 72  LYS A CG  1 
ATOM   585  C  CD  . LYS A 1 75  ? 3.227   11.400  -15.811 1.00 30.87 ? 72  LYS A CD  1 
ATOM   586  C  CE  . LYS A 1 75  ? 2.797   12.833  -16.075 1.00 32.80 ? 72  LYS A CE  1 
ATOM   587  N  NZ  . LYS A 1 75  ? 1.355   12.888  -16.443 1.00 35.73 ? 72  LYS A NZ  1 
ATOM   588  N  N   . GLN A 1 76  ? 7.519   11.471  -13.760 1.00 17.00 ? 73  GLN A N   1 
ATOM   589  C  CA  . GLN A 1 76  ? 7.939   12.275  -12.615 1.00 15.32 ? 73  GLN A CA  1 
ATOM   590  C  C   . GLN A 1 76  ? 6.721   13.007  -12.065 1.00 16.06 ? 73  GLN A C   1 
ATOM   591  O  O   . GLN A 1 76  ? 6.545   14.206  -12.282 1.00 16.89 ? 73  GLN A O   1 
ATOM   592  C  CB  . GLN A 1 76  ? 9.018   13.281  -13.044 1.00 16.50 ? 73  GLN A CB  1 
ATOM   593  C  CG  . GLN A 1 76  ? 9.517   14.220  -11.946 1.00 15.69 ? 73  GLN A CG  1 
ATOM   594  C  CD  . GLN A 1 76  ? 9.992   13.490  -10.702 1.00 14.57 ? 73  GLN A CD  1 
ATOM   595  O  OE1 . GLN A 1 76  ? 10.700  12.488  -10.788 1.00 16.60 ? 73  GLN A OE1 1 
ATOM   596  N  NE2 . GLN A 1 76  ? 9.619   14.006  -9.538  1.00 15.48 ? 73  GLN A NE2 1 
ATOM   597  N  N   . GLU A 1 77  ? 5.873   12.271  -11.353 1.00 14.21 ? 74  GLU A N   1 
ATOM   598  C  CA  . GLU A 1 77  ? 4.662   12.841  -10.780 1.00 13.53 ? 74  GLU A CA  1 
ATOM   599  C  C   . GLU A 1 77  ? 4.228   12.052  -9.556  1.00 13.56 ? 74  GLU A C   1 
ATOM   600  O  O   . GLU A 1 77  ? 4.292   10.822  -9.545  1.00 13.22 ? 74  GLU A O   1 
ATOM   601  C  CB  . GLU A 1 77  ? 3.526   12.835  -11.812 1.00 16.14 ? 74  GLU A CB  1 
ATOM   602  C  CG  . GLU A 1 77  ? 2.164   13.225  -11.241 1.00 18.43 ? 74  GLU A CG  1 
ATOM   603  C  CD  . GLU A 1 77  ? 1.098   13.413  -12.307 1.00 20.53 ? 74  GLU A CD  1 
ATOM   604  O  OE1 . GLU A 1 77  ? 0.953   12.529  -13.177 1.00 23.35 ? 74  GLU A OE1 1 
ATOM   605  O  OE2 . GLU A 1 77  ? 0.398   14.446  -12.269 1.00 24.44 ? 74  GLU A OE2 1 
ATOM   606  N  N   . TRP A 1 78  ? 3.797   12.776  -8.530  1.00 12.54 ? 75  TRP A N   1 
ATOM   607  C  CA  . TRP A 1 78  ? 3.322   12.172  -7.297  1.00 12.96 ? 75  TRP A CA  1 
ATOM   608  C  C   . TRP A 1 78  ? 1.818   12.347  -7.202  1.00 13.77 ? 75  TRP A C   1 
ATOM   609  O  O   . TRP A 1 78  ? 1.272   13.356  -7.649  1.00 13.51 ? 75  TRP A O   1 
ATOM   610  C  CB  . TRP A 1 78  ? 3.967   12.836  -6.077  1.00 12.27 ? 75  TRP A CB  1 
ATOM   611  C  CG  . TRP A 1 78  ? 5.396   12.467  -5.864  1.00 10.76 ? 75  TRP A CG  1 
ATOM   612  C  CD1 . TRP A 1 78  ? 6.489   13.005  -6.486  1.00 12.01 ? 75  TRP A CD1 1 
ATOM   613  C  CD2 . TRP A 1 78  ? 5.895   11.484  -4.949  1.00 13.00 ? 75  TRP A CD2 1 
ATOM   614  N  NE1 . TRP A 1 78  ? 7.638   12.420  -6.006  1.00 10.82 ? 75  TRP A NE1 1 
ATOM   615  C  CE2 . TRP A 1 78  ? 7.303   11.483  -5.063  1.00 12.15 ? 75  TRP A CE2 1 
ATOM   616  C  CE3 . TRP A 1 78  ? 5.287   10.602  -4.041  1.00 11.21 ? 75  TRP A CE3 1 
ATOM   617  C  CZ2 . TRP A 1 78  ? 8.119   10.636  -4.300  1.00 11.88 ? 75  TRP A CZ2 1 
ATOM   618  C  CZ3 . TRP A 1 78  ? 6.099   9.758   -3.283  1.00 13.00 ? 75  TRP A CZ3 1 
ATOM   619  C  CH2 . TRP A 1 78  ? 7.500   9.784   -3.417  1.00 12.35 ? 75  TRP A CH2 1 
ATOM   620  N  N   . THR A 1 79  ? 1.157   11.352  -6.619  1.00 12.41 ? 76  THR A N   1 
ATOM   621  C  CA  . THR A 1 79  ? -0.283  11.371  -6.418  1.00 12.64 ? 76  THR A CA  1 
ATOM   622  C  C   . THR A 1 79  ? -0.495  11.353  -4.907  1.00 12.92 ? 76  THR A C   1 
ATOM   623  O  O   . THR A 1 79  ? 0.222   10.659  -4.190  1.00 13.81 ? 76  THR A O   1 
ATOM   624  C  CB  . THR A 1 79  ? -0.951  10.123  -7.032  1.00 13.47 ? 76  THR A CB  1 
ATOM   625  O  OG1 . THR A 1 79  ? -0.777  10.138  -8.454  1.00 14.00 ? 76  THR A OG1 1 
ATOM   626  C  CG2 . THR A 1 79  ? -2.443  10.093  -6.704  1.00 14.76 ? 76  THR A CG2 1 
ATOM   627  N  N   . VAL A 1 80  ? -1.456  12.131  -4.423  1.00 11.73 ? 77  VAL A N   1 
ATOM   628  C  CA  . VAL A 1 80  ? -1.736  12.173  -2.993  1.00 12.69 ? 77  VAL A CA  1 
ATOM   629  C  C   . VAL A 1 80  ? -3.112  11.572  -2.723  1.00 12.92 ? 77  VAL A C   1 
ATOM   630  O  O   . VAL A 1 80  ? -4.116  12.025  -3.268  1.00 12.67 ? 77  VAL A O   1 
ATOM   631  C  CB  . VAL A 1 80  ? -1.708  13.619  -2.438  1.00 12.93 ? 77  VAL A CB  1 
ATOM   632  C  CG1 . VAL A 1 80  ? -2.075  13.614  -0.961  1.00 13.70 ? 77  VAL A CG1 1 
ATOM   633  C  CG2 . VAL A 1 80  ? -0.325  14.229  -2.628  1.00 14.28 ? 77  VAL A CG2 1 
ATOM   634  N  N   . ARG A 1 81  ? -3.145  10.539  -1.888  1.00 12.66 ? 78  ARG A N   1 
ATOM   635  C  CA  . ARG A 1 81  ? -4.394  9.879   -1.540  1.00 13.44 ? 78  ARG A CA  1 
ATOM   636  C  C   . ARG A 1 81  ? -4.784  10.281  -0.121  1.00 13.78 ? 78  ARG A C   1 
ATOM   637  O  O   . ARG A 1 81  ? -4.154  9.870   0.852   1.00 13.53 ? 78  ARG A O   1 
ATOM   638  C  CB  . ARG A 1 81  ? -4.233  8.360   -1.637  1.00 11.28 ? 78  ARG A CB  1 
ATOM   639  C  CG  . ARG A 1 81  ? -5.525  7.584   -1.415  1.00 12.41 ? 78  ARG A CG  1 
ATOM   640  C  CD  . ARG A 1 81  ? -5.263  6.081   -1.370  1.00 10.85 ? 78  ARG A CD  1 
ATOM   641  N  NE  . ARG A 1 81  ? -4.740  5.579   -2.636  1.00 12.23 ? 78  ARG A NE  1 
ATOM   642  C  CZ  . ARG A 1 81  ? -4.378  4.317   -2.849  1.00 11.78 ? 78  ARG A CZ  1 
ATOM   643  N  NH1 . ARG A 1 81  ? -4.484  3.419   -1.877  1.00 11.64 ? 78  ARG A NH1 1 
ATOM   644  N  NH2 . ARG A 1 81  ? -3.911  3.951   -4.032  1.00 12.01 ? 78  ARG A NH2 1 
ATOM   645  N  N   . LYS A 1 82  ? -5.823  11.101  -0.013  1.00 15.42 ? 79  LYS A N   1 
ATOM   646  C  CA  . LYS A 1 82  ? -6.294  11.560  1.284   1.00 17.30 ? 79  LYS A CA  1 
ATOM   647  C  C   . LYS A 1 82  ? -7.807  11.389  1.337   1.00 18.06 ? 79  LYS A C   1 
ATOM   648  O  O   . LYS A 1 82  ? -8.496  11.604  0.340   1.00 15.46 ? 79  LYS A O   1 
ATOM   649  C  CB  . LYS A 1 82  ? -5.918  13.033  1.490   1.00 20.93 ? 79  LYS A CB  1 
ATOM   650  C  CG  . LYS A 1 82  ? -6.305  13.589  2.850   1.00 23.77 ? 79  LYS A CG  1 
ATOM   651  C  CD  . LYS A 1 82  ? -5.903  15.050  2.994   1.00 27.19 ? 79  LYS A CD  1 
ATOM   652  C  CE  . LYS A 1 82  ? -4.396  15.231  2.880   1.00 27.88 ? 79  LYS A CE  1 
ATOM   653  N  NZ  . LYS A 1 82  ? -4.003  16.663  2.993   1.00 29.95 ? 79  LYS A NZ  1 
ATOM   654  N  N   . ASP A 1 83  ? -8.311  10.996  2.502   1.00 17.53 ? 80  ASP A N   1 
ATOM   655  C  CA  . ASP A 1 83  ? -9.741  10.781  2.693   1.00 20.18 ? 80  ASP A CA  1 
ATOM   656  C  C   . ASP A 1 83  ? -10.325 9.814   1.659   1.00 20.06 ? 80  ASP A C   1 
ATOM   657  O  O   . ASP A 1 83  ? -11.489 9.933   1.276   1.00 20.77 ? 80  ASP A O   1 
ATOM   658  C  CB  . ASP A 1 83  ? -10.481 12.120  2.635   1.00 23.00 ? 80  ASP A CB  1 
ATOM   659  C  CG  . ASP A 1 83  ? -9.981  13.106  3.672   1.00 24.72 ? 80  ASP A CG  1 
ATOM   660  O  OD1 . ASP A 1 83  ? -10.016 12.775  4.877   1.00 28.11 ? 80  ASP A OD1 1 
ATOM   661  O  OD2 . ASP A 1 83  ? -9.551  14.214  3.285   1.00 28.46 ? 80  ASP A OD2 1 
ATOM   662  N  N   . GLY A 1 84  ? -9.509  8.868   1.201   1.00 18.79 ? 81  GLY A N   1 
ATOM   663  C  CA  . GLY A 1 84  ? -9.975  7.886   0.234   1.00 19.00 ? 81  GLY A CA  1 
ATOM   664  C  C   . GLY A 1 84  ? -10.030 8.313   -1.221  1.00 17.75 ? 81  GLY A C   1 
ATOM   665  O  O   . GLY A 1 84  ? -10.500 7.560   -2.073  1.00 20.03 ? 81  GLY A O   1 
ATOM   666  N  N   . ARG A 1 85  ? -9.553  9.517   -1.521  1.00 17.29 ? 82  ARG A N   1 
ATOM   667  C  CA  . ARG A 1 85  ? -9.568  10.011  -2.892  1.00 17.82 ? 82  ARG A CA  1 
ATOM   668  C  C   . ARG A 1 85  ? -8.184  10.490  -3.294  1.00 15.74 ? 82  ARG A C   1 
ATOM   669  O  O   . ARG A 1 85  ? -7.389  10.880  -2.445  1.00 17.26 ? 82  ARG A O   1 
ATOM   670  C  CB  . ARG A 1 85  ? -10.585 11.145  -3.034  1.00 21.43 ? 82  ARG A CB  1 
ATOM   671  C  CG  . ARG A 1 85  ? -12.027 10.681  -2.888  1.00 27.17 ? 82  ARG A CG  1 
ATOM   672  C  CD  . ARG A 1 85  ? -13.011 11.819  -3.093  1.00 32.91 ? 82  ARG A CD  1 
ATOM   673  N  NE  . ARG A 1 85  ? -14.394 11.351  -3.053  1.00 38.90 ? 82  ARG A NE  1 
ATOM   674  C  CZ  . ARG A 1 85  ? -14.928 10.514  -3.937  1.00 40.22 ? 82  ARG A CZ  1 
ATOM   675  N  NH1 . ARG A 1 85  ? -14.199 10.045  -4.942  1.00 41.62 ? 82  ARG A NH1 1 
ATOM   676  N  NH2 . ARG A 1 85  ? -16.195 10.143  -3.816  1.00 41.89 ? 82  ARG A NH2 1 
ATOM   677  N  N   . GLU A 1 86  ? -7.899  10.461  -4.590  1.00 16.47 ? 83  GLU A N   1 
ATOM   678  C  CA  . GLU A 1 86  ? -6.587  10.875  -5.062  1.00 16.39 ? 83  GLU A CA  1 
ATOM   679  C  C   . GLU A 1 86  ? -6.561  12.165  -5.862  1.00 19.39 ? 83  GLU A C   1 
ATOM   680  O  O   . GLU A 1 86  ? -7.534  12.536  -6.529  1.00 18.90 ? 83  GLU A O   1 
ATOM   681  C  CB  . GLU A 1 86  ? -5.953  9.759   -5.890  1.00 16.69 ? 83  GLU A CB  1 
ATOM   682  C  CG  . GLU A 1 86  ? -5.866  8.435   -5.152  1.00 17.59 ? 83  GLU A CG  1 
ATOM   683  C  CD  . GLU A 1 86  ? -4.912  7.458   -5.811  1.00 17.33 ? 83  GLU A CD  1 
ATOM   684  O  OE1 . GLU A 1 86  ? -4.914  7.367   -7.057  1.00 17.78 ? 83  GLU A OE1 1 
ATOM   685  O  OE2 . GLU A 1 86  ? -4.167  6.775   -5.073  1.00 17.33 ? 83  GLU A OE2 1 
ATOM   686  N  N   . LYS A 1 87  ? -5.420  12.839  -5.780  1.00 18.72 ? 84  LYS A N   1 
ATOM   687  C  CA  . LYS A 1 87  ? -5.179  14.089  -6.484  1.00 20.37 ? 84  LYS A CA  1 
ATOM   688  C  C   . LYS A 1 87  ? -3.757  14.006  -7.019  1.00 21.24 ? 84  LYS A C   1 
ATOM   689  O  O   . LYS A 1 87  ? -2.846  13.606  -6.297  1.00 19.37 ? 84  LYS A O   1 
ATOM   690  C  CB  . LYS A 1 87  ? -5.293  15.274  -5.524  1.00 21.07 ? 84  LYS A CB  1 
ATOM   691  C  CG  . LYS A 1 87  ? -6.683  15.487  -4.951  1.00 24.07 ? 84  LYS A CG  1 
ATOM   692  C  CD  . LYS A 1 87  ? -6.692  16.562  -3.869  1.00 27.59 ? 84  LYS A CD  1 
ATOM   693  C  CE  . LYS A 1 87  ? -6.250  17.916  -4.401  1.00 29.67 ? 84  LYS A CE  1 
ATOM   694  N  NZ  . LYS A 1 87  ? -6.312  18.967  -3.341  1.00 30.46 ? 84  LYS A NZ  1 
ATOM   695  N  N   . LYS A 1 88  ? -3.564  14.363  -8.282  1.00 22.47 ? 85  LYS A N   1 
ATOM   696  C  CA  . LYS A 1 88  ? -2.226  14.326  -8.852  1.00 24.24 ? 85  LYS A CA  1 
ATOM   697  C  C   . LYS A 1 88  ? -1.800  15.703  -9.338  1.00 23.39 ? 85  LYS A C   1 
ATOM   698  O  O   . LYS A 1 88  ? -2.423  16.707  -8.997  1.00 24.18 ? 85  LYS A O   1 
ATOM   699  C  CB  . LYS A 1 88  ? -2.148  13.317  -9.998  1.00 26.12 ? 85  LYS A CB  1 
ATOM   700  C  CG  . LYS A 1 88  ? -3.190  13.483  -11.086 1.00 28.86 ? 85  LYS A CG  1 
ATOM   701  C  CD  . LYS A 1 88  ? -2.790  12.691  -12.324 1.00 32.40 ? 85  LYS A CD  1 
ATOM   702  C  CE  . LYS A 1 88  ? -2.470  11.238  -11.985 1.00 34.27 ? 85  LYS A CE  1 
ATOM   703  N  NZ  . LYS A 1 88  ? -1.870  10.512  -13.139 1.00 36.31 ? 85  LYS A NZ  1 
ATOM   704  N  N   . GLY A 1 89  ? -0.725  15.745  -10.118 1.00 24.52 ? 86  GLY A N   1 
ATOM   705  C  CA  . GLY A 1 89  ? -0.236  17.012  -10.629 1.00 24.53 ? 86  GLY A CA  1 
ATOM   706  C  C   . GLY A 1 89  ? 0.993   17.503  -9.887  1.00 24.23 ? 86  GLY A C   1 
ATOM   707  O  O   . GLY A 1 89  ? 1.607   18.496  -10.279 1.00 26.46 ? 86  GLY A O   1 
ATOM   708  N  N   . PHE A 1 90  ? 1.352   16.809  -8.811  1.00 21.48 ? 87  PHE A N   1 
ATOM   709  C  CA  . PHE A 1 90  ? 2.518   17.175  -8.011  1.00 19.66 ? 87  PHE A CA  1 
ATOM   710  C  C   . PHE A 1 90  ? 3.743   16.614  -8.716  1.00 18.77 ? 87  PHE A C   1 
ATOM   711  O  O   . PHE A 1 90  ? 3.781   15.433  -9.059  1.00 18.94 ? 87  PHE A O   1 
ATOM   712  C  CB  . PHE A 1 90  ? 2.370   16.590  -6.605  1.00 19.50 ? 87  PHE A CB  1 
ATOM   713  C  CG  . PHE A 1 90  ? 1.065   16.941  -5.955  1.00 19.79 ? 87  PHE A CG  1 
ATOM   714  C  CD1 . PHE A 1 90  ? 0.844   18.222  -5.459  1.00 19.52 ? 87  PHE A CD1 1 
ATOM   715  C  CD2 . PHE A 1 90  ? 0.027   16.014  -5.904  1.00 19.00 ? 87  PHE A CD2 1 
ATOM   716  C  CE1 . PHE A 1 90  ? -0.393  18.580  -4.928  1.00 22.42 ? 87  PHE A CE1 1 
ATOM   717  C  CE2 . PHE A 1 90  ? -1.214  16.364  -5.375  1.00 19.57 ? 87  PHE A CE2 1 
ATOM   718  C  CZ  . PHE A 1 90  ? -1.425  17.647  -4.887  1.00 20.15 ? 87  PHE A CZ  1 
ATOM   719  N  N   . HIS A 1 91  ? 4.751   17.455  -8.931  1.00 17.45 ? 88  HIS A N   1 
ATOM   720  C  CA  . HIS A 1 91  ? 5.934   17.005  -9.653  1.00 17.82 ? 88  HIS A CA  1 
ATOM   721  C  C   . HIS A 1 91  ? 7.182   16.714  -8.838  1.00 15.71 ? 88  HIS A C   1 
ATOM   722  O  O   . HIS A 1 91  ? 8.236   16.427  -9.401  1.00 16.14 ? 88  HIS A O   1 
ATOM   723  C  CB  . HIS A 1 91  ? 6.250   18.004  -10.764 1.00 19.98 ? 88  HIS A CB  1 
ATOM   724  C  CG  . HIS A 1 91  ? 5.135   18.158  -11.750 1.00 24.82 ? 88  HIS A CG  1 
ATOM   725  N  ND1 . HIS A 1 91  ? 4.590   17.087  -12.426 1.00 26.22 ? 88  HIS A ND1 1 
ATOM   726  C  CD2 . HIS A 1 91  ? 4.442   19.249  -12.154 1.00 26.23 ? 88  HIS A CD2 1 
ATOM   727  C  CE1 . HIS A 1 91  ? 3.608   17.511  -13.201 1.00 27.26 ? 88  HIS A CE1 1 
ATOM   728  N  NE2 . HIS A 1 91  ? 3.497   18.819  -13.054 1.00 28.05 ? 88  HIS A NE2 1 
ATOM   729  N  N   . SER A 1 92  ? 7.061   16.778  -7.517  1.00 15.09 ? 89  SER A N   1 
ATOM   730  C  CA  . SER A 1 92  ? 8.185   16.487  -6.634  1.00 14.81 ? 89  SER A CA  1 
ATOM   731  C  C   . SER A 1 92  ? 7.642   16.043  -5.288  1.00 15.46 ? 89  SER A C   1 
ATOM   732  O  O   . SER A 1 92  ? 6.469   16.258  -4.985  1.00 14.53 ? 89  SER A O   1 
ATOM   733  C  CB  . SER A 1 92  ? 9.066   17.722  -6.436  1.00 13.75 ? 89  SER A CB  1 
ATOM   734  O  OG  . SER A 1 92  ? 8.401   18.702  -5.659  1.00 16.24 ? 89  SER A OG  1 
ATOM   735  N  N   . LEU A 1 93  ? 8.500   15.427  -4.486  1.00 15.64 ? 90  LEU A N   1 
ATOM   736  C  CA  . LEU A 1 93  ? 8.104   14.969  -3.161  1.00 15.59 ? 90  LEU A CA  1 
ATOM   737  C  C   . LEU A 1 93  ? 7.747   16.185  -2.318  1.00 15.18 ? 90  LEU A C   1 
ATOM   738  O  O   . LEU A 1 93  ? 6.809   16.151  -1.526  1.00 15.29 ? 90  LEU A O   1 
ATOM   739  C  CB  . LEU A 1 93  ? 9.252   14.188  -2.510  1.00 15.63 ? 90  LEU A CB  1 
ATOM   740  C  CG  . LEU A 1 93  ? 9.019   13.637  -1.098  1.00 15.90 ? 90  LEU A CG  1 
ATOM   741  C  CD1 . LEU A 1 93  ? 7.717   12.844  -1.054  1.00 15.31 ? 90  LEU A CD1 1 
ATOM   742  C  CD2 . LEU A 1 93  ? 10.201  12.755  -0.696  1.00 18.55 ? 90  LEU A CD2 1 
ATOM   743  N  N   . GLN A 1 94  ? 8.499   17.264  -2.504  1.00 16.99 ? 91  GLN A N   1 
ATOM   744  C  CA  . GLN A 1 94  ? 8.263   18.501  -1.768  1.00 17.33 ? 91  GLN A CA  1 
ATOM   745  C  C   . GLN A 1 94  ? 6.863   19.035  -2.058  1.00 17.48 ? 91  GLN A C   1 
ATOM   746  O  O   . GLN A 1 94  ? 6.158   19.480  -1.151  1.00 18.21 ? 91  GLN A O   1 
ATOM   747  C  CB  . GLN A 1 94  ? 9.314   19.548  -2.152  1.00 21.80 ? 91  GLN A CB  1 
ATOM   748  C  CG  . GLN A 1 94  ? 10.747  19.143  -1.821  1.00 27.36 ? 91  GLN A CG  1 
ATOM   749  C  CD  . GLN A 1 94  ? 11.170  17.848  -2.494  1.00 31.82 ? 91  GLN A CD  1 
ATOM   750  O  OE1 . GLN A 1 94  ? 11.152  17.733  -3.721  1.00 32.76 ? 91  GLN A OE1 1 
ATOM   751  N  NE2 . GLN A 1 94  ? 11.555  16.861  -1.690  1.00 34.89 ? 91  GLN A NE2 1 
ATOM   752  N  N   . GLU A 1 95  ? 6.465   18.993  -3.326  1.00 16.98 ? 92  GLU A N   1 
ATOM   753  C  CA  . GLU A 1 95  ? 5.140   19.463  -3.718  1.00 17.74 ? 92  GLU A CA  1 
ATOM   754  C  C   . GLU A 1 95  ? 4.069   18.581  -3.089  1.00 17.45 ? 92  GLU A C   1 
ATOM   755  O  O   . GLU A 1 95  ? 3.061   19.077  -2.587  1.00 18.30 ? 92  GLU A O   1 
ATOM   756  C  CB  . GLU A 1 95  ? 4.982   19.432  -5.238  1.00 19.79 ? 92  GLU A CB  1 
ATOM   757  C  CG  . GLU A 1 95  ? 5.730   20.524  -5.981  1.00 23.29 ? 92  GLU A CG  1 
ATOM   758  C  CD  . GLU A 1 95  ? 5.652   20.337  -7.484  1.00 26.01 ? 92  GLU A CD  1 
ATOM   759  O  OE1 . GLU A 1 95  ? 4.527   20.172  -8.003  1.00 22.65 ? 92  GLU A OE1 1 
ATOM   760  O  OE2 . GLU A 1 95  ? 6.716   20.355  -8.141  1.00 29.49 ? 92  GLU A OE2 1 
ATOM   761  N  N   . ALA A 1 96  ? 4.289   17.272  -3.124  1.00 17.38 ? 93  ALA A N   1 
ATOM   762  C  CA  . ALA A 1 96  ? 3.335   16.334  -2.553  1.00 17.40 ? 93  ALA A CA  1 
ATOM   763  C  C   . ALA A 1 96  ? 3.188   16.560  -1.052  1.00 18.37 ? 93  ALA A C   1 
ATOM   764  O  O   . ALA A 1 96  ? 2.073   16.582  -0.527  1.00 18.90 ? 93  ALA A O   1 
ATOM   765  C  CB  . ALA A 1 96  ? 3.774   14.895  -2.830  1.00 17.16 ? 93  ALA A CB  1 
HETATM 766  N  N   . MSE A 1 97  ? 4.310   16.734  -0.359  1.00 18.53 ? 94  MSE A N   1 
HETATM 767  C  CA  . MSE A 1 97  ? 4.265   16.951  1.083   1.00 20.43 ? 94  MSE A CA  1 
HETATM 768  C  C   . MSE A 1 97  ? 3.534   18.234  1.453   1.00 23.09 ? 94  MSE A C   1 
HETATM 769  O  O   . MSE A 1 97  ? 2.885   18.307  2.499   1.00 22.80 ? 94  MSE A O   1 
HETATM 770  C  CB  . MSE A 1 97  ? 5.677   16.962  1.677   1.00 20.72 ? 94  MSE A CB  1 
HETATM 771  C  CG  . MSE A 1 97  ? 6.311   15.582  1.791   1.00 19.75 ? 94  MSE A CG  1 
HETATM 772  SE SE  . MSE A 1 97  ? 5.203   14.304  2.752   1.00 23.19 ? 94  MSE A SE  1 
HETATM 773  C  CE  . MSE A 1 97  ? 5.063   15.237  4.436   1.00 22.26 ? 94  MSE A CE  1 
ATOM   774  N  N   . GLU A 1 98  ? 3.636   19.249  0.601   1.00 24.33 ? 95  GLU A N   1 
ATOM   775  C  CA  . GLU A 1 98  ? 2.944   20.501  0.865   1.00 27.93 ? 95  GLU A CA  1 
ATOM   776  C  C   . GLU A 1 98  ? 1.448   20.232  0.877   1.00 28.09 ? 95  GLU A C   1 
ATOM   777  O  O   . GLU A 1 98  ? 0.696   20.859  1.618   1.00 27.66 ? 95  GLU A O   1 
ATOM   778  C  CB  . GLU A 1 98  ? 3.289   21.541  -0.200  1.00 31.25 ? 95  GLU A CB  1 
ATOM   779  C  CG  . GLU A 1 98  ? 4.608   22.235  0.059   1.00 35.30 ? 95  GLU A CG  1 
ATOM   780  C  CD  . GLU A 1 98  ? 4.609   22.966  1.389   1.00 38.41 ? 95  GLU A CD  1 
ATOM   781  O  OE1 . GLU A 1 98  ? 3.829   23.931  1.534   1.00 39.94 ? 95  GLU A OE1 1 
ATOM   782  O  OE2 . GLU A 1 98  ? 5.382   22.572  2.290   1.00 39.70 ? 95  GLU A OE2 1 
ATOM   783  N  N   . GLU A 1 99  ? 1.024   19.284  0.050   1.00 28.34 ? 96  GLU A N   1 
ATOM   784  C  CA  . GLU A 1 99  ? -0.378  18.904  -0.032  1.00 28.22 ? 96  GLU A CA  1 
ATOM   785  C  C   . GLU A 1 99  ? -0.727  18.080  1.207   1.00 29.21 ? 96  GLU A C   1 
ATOM   786  O  O   . GLU A 1 99  ? -1.821  18.195  1.758   1.00 28.29 ? 96  GLU A O   1 
ATOM   787  C  CB  . GLU A 1 99  ? -0.618  18.081  -1.301  1.00 28.60 ? 96  GLU A CB  1 
ATOM   788  C  CG  . GLU A 1 99  ? -2.063  17.670  -1.534  1.00 30.12 ? 96  GLU A CG  1 
ATOM   789  C  CD  . GLU A 1 99  ? -2.995  18.859  -1.675  1.00 32.29 ? 96  GLU A CD  1 
ATOM   790  O  OE1 . GLU A 1 99  ? -2.612  19.841  -2.346  1.00 31.59 ? 96  GLU A OE1 1 
ATOM   791  O  OE2 . GLU A 1 99  ? -4.114  18.804  -1.126  1.00 32.36 ? 96  GLU A OE2 1 
ATOM   792  N  N   . VAL A 1 100 ? 0.219   17.253  1.643   1.00 29.01 ? 97  VAL A N   1 
ATOM   793  C  CA  . VAL A 1 100 ? 0.025   16.409  2.818   1.00 31.21 ? 97  VAL A CA  1 
ATOM   794  C  C   . VAL A 1 100 ? -0.030  17.238  4.099   1.00 33.57 ? 97  VAL A C   1 
ATOM   795  O  O   . VAL A 1 100 ? -0.925  17.064  4.924   1.00 32.87 ? 97  VAL A O   1 
ATOM   796  C  CB  . VAL A 1 100 ? 1.166   15.374  2.959   1.00 29.76 ? 97  VAL A CB  1 
ATOM   797  C  CG1 . VAL A 1 100 ? 1.001   14.586  4.254   1.00 29.33 ? 97  VAL A CG1 1 
ATOM   798  C  CG2 . VAL A 1 100 ? 1.167   14.433  1.763   1.00 28.49 ? 97  VAL A CG2 1 
ATOM   799  N  N   . ILE A 1 101 ? 0.935   18.139  4.256   1.00 36.88 ? 98  ILE A N   1 
ATOM   800  C  CA  . ILE A 1 101 ? 1.016   18.988  5.439   1.00 41.61 ? 98  ILE A CA  1 
ATOM   801  C  C   . ILE A 1 101 ? 0.034   20.154  5.388   1.00 44.91 ? 98  ILE A C   1 
ATOM   802  O  O   . ILE A 1 101 ? -0.827  20.286  6.257   1.00 44.83 ? 98  ILE A O   1 
ATOM   803  C  CB  . ILE A 1 101 ? 2.444   19.554  5.614   1.00 41.10 ? 98  ILE A CB  1 
ATOM   804  C  CG1 . ILE A 1 101 ? 3.448   18.404  5.729   1.00 41.11 ? 98  ILE A CG1 1 
ATOM   805  C  CG2 . ILE A 1 101 ? 2.510   20.444  6.847   1.00 42.01 ? 98  ILE A CG2 1 
ATOM   806  C  CD1 . ILE A 1 101 ? 3.183   17.463  6.891   1.00 41.51 ? 98  ILE A CD1 1 
ATOM   807  N  N   . HIS A 1 102 ? 0.173   21.000  4.371   1.00 49.12 ? 99  HIS A N   1 
ATOM   808  C  CA  . HIS A 1 102 ? -0.702  22.159  4.218   1.00 53.05 ? 99  HIS A CA  1 
ATOM   809  C  C   . HIS A 1 102 ? -2.099  21.755  3.756   1.00 54.56 ? 99  HIS A C   1 
ATOM   810  O  O   . HIS A 1 102 ? -2.568  22.189  2.702   1.00 54.63 ? 99  HIS A O   1 
ATOM   811  C  CB  . HIS A 1 102 ? -0.089  23.154  3.226   1.00 54.41 ? 99  HIS A CB  1 
ATOM   812  C  CG  . HIS A 1 102 ? 1.202   23.753  3.690   1.00 56.42 ? 99  HIS A CG  1 
ATOM   813  N  ND1 . HIS A 1 102 ? 2.308   22.992  3.999   1.00 57.76 ? 99  HIS A ND1 1 
ATOM   814  C  CD2 . HIS A 1 102 ? 1.560   25.041  3.906   1.00 57.32 ? 99  HIS A CD2 1 
ATOM   815  C  CE1 . HIS A 1 102 ? 3.293   23.784  4.386   1.00 57.72 ? 99  HIS A CE1 1 
ATOM   816  N  NE2 . HIS A 1 102 ? 2.865   25.033  4.338   1.00 57.86 ? 99  HIS A NE2 1 
ATOM   817  N  N   . SER A 1 103 ? -2.759  20.924  4.557   1.00 56.28 ? 100 SER A N   1 
ATOM   818  C  CA  . SER A 1 103 ? -4.105  20.457  4.249   1.00 57.94 ? 100 SER A CA  1 
ATOM   819  C  C   . SER A 1 103 ? -4.637  19.582  5.378   1.00 58.76 ? 100 SER A C   1 
ATOM   820  O  O   . SER A 1 103 ? -5.680  19.948  5.962   1.00 59.14 ? 100 SER A O   1 
ATOM   821  C  CB  . SER A 1 103 ? -4.104  19.665  2.938   1.00 58.50 ? 100 SER A CB  1 
ATOM   822  O  OG  . SER A 1 103 ? -5.405  19.206  2.615   1.00 59.85 ? 100 SER A OG  1 
ATOM   823  O  OXT . SER A 1 103 ? -4.004  18.543  5.665   1.00 59.25 ? 100 SER A OXT 1 
HETATM 824  N  N   . MSE B 1 4   ? 5.603   -18.245 15.112  1.00 41.03 ? 1   MSE B N   1 
HETATM 825  C  CA  . MSE B 1 4   ? 4.954   -17.954 13.801  1.00 40.51 ? 1   MSE B CA  1 
HETATM 826  C  C   . MSE B 1 4   ? 5.708   -18.621 12.658  1.00 39.03 ? 1   MSE B C   1 
HETATM 827  O  O   . MSE B 1 4   ? 6.931   -18.765 12.709  1.00 38.96 ? 1   MSE B O   1 
HETATM 828  C  CB  . MSE B 1 4   ? 4.907   -16.444 13.561  1.00 42.43 ? 1   MSE B CB  1 
HETATM 829  C  CG  . MSE B 1 4   ? 4.164   -15.663 14.629  1.00 43.78 ? 1   MSE B CG  1 
HETATM 830  SE SE  . MSE B 1 4   ? 4.222   -13.765 14.292  1.00 47.26 ? 1   MSE B SE  1 
HETATM 831  C  CE  . MSE B 1 4   ? 6.034   -13.436 14.863  1.00 44.40 ? 1   MSE B CE  1 
ATOM   832  N  N   . GLU B 1 5   ? 4.974   -19.028 11.627  1.00 36.49 ? 2   GLU B N   1 
ATOM   833  C  CA  . GLU B 1 5   ? 5.574   -19.671 10.467  1.00 34.22 ? 2   GLU B CA  1 
ATOM   834  C  C   . GLU B 1 5   ? 5.876   -18.635 9.389   1.00 29.86 ? 2   GLU B C   1 
ATOM   835  O  O   . GLU B 1 5   ? 4.976   -17.977 8.871   1.00 29.52 ? 2   GLU B O   1 
ATOM   836  C  CB  . GLU B 1 5   ? 4.639   -20.751 9.916   1.00 36.75 ? 2   GLU B CB  1 
ATOM   837  C  CG  . GLU B 1 5   ? 4.454   -21.935 10.855  1.00 41.80 ? 2   GLU B CG  1 
ATOM   838  C  CD  . GLU B 1 5   ? 3.533   -22.997 10.286  1.00 44.05 ? 2   GLU B CD  1 
ATOM   839  O  OE1 . GLU B 1 5   ? 2.332   -22.707 10.101  1.00 45.65 ? 2   GLU B OE1 1 
ATOM   840  O  OE2 . GLU B 1 5   ? 4.012   -24.121 10.021  1.00 46.36 ? 2   GLU B OE2 1 
ATOM   841  N  N   . PHE B 1 6   ? 7.155   -18.500 9.061   1.00 26.12 ? 3   PHE B N   1 
ATOM   842  C  CA  . PHE B 1 6   ? 7.600   -17.545 8.057   1.00 22.18 ? 3   PHE B CA  1 
ATOM   843  C  C   . PHE B 1 6   ? 7.670   -18.145 6.659   1.00 21.50 ? 3   PHE B C   1 
ATOM   844  O  O   . PHE B 1 6   ? 7.989   -19.321 6.487   1.00 21.93 ? 3   PHE B O   1 
ATOM   845  C  CB  . PHE B 1 6   ? 8.973   -16.995 8.447   1.00 20.45 ? 3   PHE B CB  1 
ATOM   846  C  CG  . PHE B 1 6   ? 8.936   -16.036 9.602   1.00 19.47 ? 3   PHE B CG  1 
ATOM   847  C  CD1 . PHE B 1 6   ? 8.741   -14.679 9.386   1.00 17.17 ? 3   PHE B CD1 1 
ATOM   848  C  CD2 . PHE B 1 6   ? 9.081   -16.493 10.909  1.00 19.03 ? 3   PHE B CD2 1 
ATOM   849  C  CE1 . PHE B 1 6   ? 8.690   -13.784 10.456  1.00 18.65 ? 3   PHE B CE1 1 
ATOM   850  C  CE2 . PHE B 1 6   ? 9.030   -15.606 11.986  1.00 19.49 ? 3   PHE B CE2 1 
ATOM   851  C  CZ  . PHE B 1 6   ? 8.834   -14.249 11.758  1.00 18.85 ? 3   PHE B CZ  1 
ATOM   852  N  N   . ALA B 1 7   ? 7.364   -17.322 5.663   1.00 18.30 ? 4   ALA B N   1 
ATOM   853  C  CA  . ALA B 1 7   ? 7.402   -17.736 4.268   1.00 15.69 ? 4   ALA B CA  1 
ATOM   854  C  C   . ALA B 1 7   ? 7.907   -16.558 3.447   1.00 14.93 ? 4   ALA B C   1 
ATOM   855  O  O   . ALA B 1 7   ? 7.738   -15.404 3.843   1.00 13.96 ? 4   ALA B O   1 
ATOM   856  C  CB  . ALA B 1 7   ? 6.012   -18.147 3.798   1.00 16.30 ? 4   ALA B CB  1 
ATOM   857  N  N   . PRO B 1 8   ? 8.559   -16.828 2.307   1.00 13.67 ? 5   PRO B N   1 
ATOM   858  C  CA  . PRO B 1 8   ? 9.061   -15.724 1.484   1.00 12.75 ? 5   PRO B CA  1 
ATOM   859  C  C   . PRO B 1 8   ? 7.926   -14.774 1.126   1.00 11.83 ? 5   PRO B C   1 
ATOM   860  O  O   . PRO B 1 8   ? 6.780   -15.201 0.985   1.00 10.33 ? 5   PRO B O   1 
ATOM   861  C  CB  . PRO B 1 8   ? 9.615   -16.436 0.252   1.00 14.46 ? 5   PRO B CB  1 
ATOM   862  C  CG  . PRO B 1 8   ? 10.091  -17.743 0.821   1.00 14.88 ? 5   PRO B CG  1 
ATOM   863  C  CD  . PRO B 1 8   ? 8.960   -18.130 1.743   1.00 13.44 ? 5   PRO B CD  1 
ATOM   864  N  N   . ARG B 1 9   ? 8.246   -13.492 0.984   1.00 13.34 ? 6   ARG B N   1 
ATOM   865  C  CA  . ARG B 1 9   ? 7.235   -12.502 0.631   1.00 11.95 ? 6   ARG B CA  1 
ATOM   866  C  C   . ARG B 1 9   ? 6.444   -12.915 -0.611  1.00 13.62 ? 6   ARG B C   1 
ATOM   867  O  O   . ARG B 1 9   ? 5.219   -12.804 -0.637  1.00 12.74 ? 6   ARG B O   1 
ATOM   868  C  CB  . ARG B 1 9   ? 7.882   -11.132 0.388   1.00 13.83 ? 6   ARG B CB  1 
ATOM   869  C  CG  . ARG B 1 9   ? 6.956   -10.150 -0.325  1.00 15.15 ? 6   ARG B CG  1 
ATOM   870  C  CD  . ARG B 1 9   ? 7.608   -8.802  -0.582  1.00 19.32 ? 6   ARG B CD  1 
ATOM   871  N  NE  . ARG B 1 9   ? 6.820   -8.006  -1.523  1.00 17.72 ? 6   ARG B NE  1 
ATOM   872  C  CZ  . ARG B 1 9   ? 6.787   -8.213  -2.835  1.00 19.48 ? 6   ARG B CZ  1 
ATOM   873  N  NH1 . ARG B 1 9   ? 7.506   -9.192  -3.376  1.00 23.61 ? 6   ARG B NH1 1 
ATOM   874  N  NH2 . ARG B 1 9   ? 6.032   -7.448  -3.612  1.00 20.34 ? 6   ARG B NH2 1 
ATOM   875  N  N   . SER B 1 10  ? 7.143   -13.399 -1.636  1.00 11.85 ? 7   SER B N   1 
ATOM   876  C  CA  . SER B 1 10  ? 6.485   -13.807 -2.877  1.00 12.42 ? 7   SER B CA  1 
ATOM   877  C  C   . SER B 1 10  ? 5.415   -14.875 -2.663  1.00 12.38 ? 7   SER B C   1 
ATOM   878  O  O   . SER B 1 10  ? 4.404   -14.893 -3.363  1.00 12.58 ? 7   SER B O   1 
ATOM   879  C  CB  . SER B 1 10  ? 7.521   -14.315 -3.886  1.00 14.00 ? 7   SER B CB  1 
ATOM   880  O  OG  . SER B 1 10  ? 8.174   -15.470 -3.396  1.00 15.74 ? 7   SER B OG  1 
ATOM   881  N  N   . VAL B 1 11  ? 5.641   -15.771 -1.705  1.00 12.90 ? 8   VAL B N   1 
ATOM   882  C  CA  . VAL B 1 11  ? 4.686   -16.833 -1.409  1.00 12.01 ? 8   VAL B CA  1 
ATOM   883  C  C   . VAL B 1 11  ? 3.411   -16.231 -0.823  1.00 11.93 ? 8   VAL B C   1 
ATOM   884  O  O   . VAL B 1 11  ? 2.307   -16.626 -1.191  1.00 11.89 ? 8   VAL B O   1 
ATOM   885  C  CB  . VAL B 1 11  ? 5.282   -17.851 -0.413  1.00 12.89 ? 8   VAL B CB  1 
ATOM   886  C  CG1 . VAL B 1 11  ? 4.210   -18.827 0.050   1.00 13.41 ? 8   VAL B CG1 1 
ATOM   887  C  CG2 . VAL B 1 11  ? 6.433   -18.609 -1.079  1.00 14.89 ? 8   VAL B CG2 1 
ATOM   888  N  N   . VAL B 1 12  ? 3.575   -15.276 0.089   1.00 11.41 ? 9   VAL B N   1 
ATOM   889  C  CA  . VAL B 1 12  ? 2.432   -14.606 0.701   1.00 10.52 ? 9   VAL B CA  1 
ATOM   890  C  C   . VAL B 1 12  ? 1.653   -13.808 -0.348  1.00 11.11 ? 9   VAL B C   1 
ATOM   891  O  O   . VAL B 1 12  ? 0.422   -13.886 -0.417  1.00 10.48 ? 9   VAL B O   1 
ATOM   892  C  CB  . VAL B 1 12  ? 2.894   -13.667 1.842   1.00 12.37 ? 9   VAL B CB  1 
ATOM   893  C  CG1 . VAL B 1 12  ? 1.712   -12.875 2.393   1.00 11.59 ? 9   VAL B CG1 1 
ATOM   894  C  CG2 . VAL B 1 12  ? 3.535   -14.492 2.948   1.00 12.93 ? 9   VAL B CG2 1 
ATOM   895  N  N   . ILE B 1 13  ? 2.366   -13.054 -1.176  1.00 10.58 ? 10  ILE B N   1 
ATOM   896  C  CA  . ILE B 1 13  ? 1.714   -12.263 -2.213  1.00 11.96 ? 10  ILE B CA  1 
ATOM   897  C  C   . ILE B 1 13  ? 0.896   -13.171 -3.125  1.00 13.72 ? 10  ILE B C   1 
ATOM   898  O  O   . ILE B 1 13  ? -0.242  -12.858 -3.456  1.00 12.67 ? 10  ILE B O   1 
ATOM   899  C  CB  . ILE B 1 13  ? 2.744   -11.479 -3.057  1.00 12.76 ? 10  ILE B CB  1 
ATOM   900  C  CG1 . ILE B 1 13  ? 3.508   -10.496 -2.165  1.00 15.55 ? 10  ILE B CG1 1 
ATOM   901  C  CG2 . ILE B 1 13  ? 2.041   -10.738 -4.189  1.00 14.29 ? 10  ILE B CG2 1 
ATOM   902  C  CD1 . ILE B 1 13  ? 2.639   -9.423  -1.534  1.00 14.24 ? 10  ILE B CD1 1 
ATOM   903  N  N   . GLU B 1 14  ? 1.474   -14.305 -3.517  1.00 12.41 ? 11  GLU B N   1 
ATOM   904  C  CA  . GLU B 1 14  ? 0.777   -15.246 -4.386  1.00 14.26 ? 11  GLU B CA  1 
ATOM   905  C  C   . GLU B 1 14  ? -0.522  -15.745 -3.763  1.00 13.70 ? 11  GLU B C   1 
ATOM   906  O  O   . GLU B 1 14  ? -1.503  -15.984 -4.461  1.00 13.40 ? 11  GLU B O   1 
ATOM   907  C  CB  . GLU B 1 14  ? 1.678   -16.440 -4.717  1.00 19.80 ? 11  GLU B CB  1 
ATOM   908  C  CG  . GLU B 1 14  ? 2.786   -16.130 -5.709  1.00 25.16 ? 11  GLU B CG  1 
ATOM   909  C  CD  . GLU B 1 14  ? 2.251   -15.643 -7.046  1.00 29.47 ? 11  GLU B CD  1 
ATOM   910  O  OE1 . GLU B 1 14  ? 1.421   -16.354 -7.649  1.00 32.67 ? 11  GLU B OE1 1 
ATOM   911  O  OE2 . GLU B 1 14  ? 2.660   -14.550 -7.495  1.00 32.81 ? 11  GLU B OE2 1 
ATOM   912  N  N   . GLU B 1 15  ? -0.533  -15.907 -2.446  1.00 12.80 ? 12  GLU B N   1 
ATOM   913  C  CA  . GLU B 1 15  ? -1.738  -16.373 -1.780  1.00 13.30 ? 12  GLU B CA  1 
ATOM   914  C  C   . GLU B 1 15  ? -2.831  -15.310 -1.903  1.00 13.13 ? 12  GLU B C   1 
ATOM   915  O  O   . GLU B 1 15  ? -4.001  -15.627 -2.120  1.00 13.09 ? 12  GLU B O   1 
ATOM   916  C  CB  . GLU B 1 15  ? -1.444  -16.677 -0.312  1.00 17.06 ? 12  GLU B CB  1 
ATOM   917  C  CG  . GLU B 1 15  ? -2.605  -17.313 0.428   1.00 24.26 ? 12  GLU B CG  1 
ATOM   918  C  CD  . GLU B 1 15  ? -2.162  -18.003 1.703   1.00 29.96 ? 12  GLU B CD  1 
ATOM   919  O  OE1 . GLU B 1 15  ? -1.344  -18.944 1.607   1.00 31.48 ? 12  GLU B OE1 1 
ATOM   920  O  OE2 . GLU B 1 15  ? -2.626  -17.605 2.795   1.00 32.90 ? 12  GLU B OE2 1 
ATOM   921  N  N   . PHE B 1 16  ? -2.449  -14.045 -1.760  1.00 10.24 ? 13  PHE B N   1 
ATOM   922  C  CA  . PHE B 1 16  ? -3.422  -12.970 -1.886  1.00 9.77  ? 13  PHE B CA  1 
ATOM   923  C  C   . PHE B 1 16  ? -3.885  -12.853 -3.336  1.00 11.00 ? 13  PHE B C   1 
ATOM   924  O  O   . PHE B 1 16  ? -5.051  -12.572 -3.607  1.00 11.30 ? 13  PHE B O   1 
ATOM   925  C  CB  . PHE B 1 16  ? -2.818  -11.654 -1.395  1.00 9.27  ? 13  PHE B CB  1 
ATOM   926  C  CG  . PHE B 1 16  ? -2.890  -11.484 0.092   1.00 9.83  ? 13  PHE B CG  1 
ATOM   927  C  CD1 . PHE B 1 16  ? -3.944  -10.783 0.674   1.00 10.33 ? 13  PHE B CD1 1 
ATOM   928  C  CD2 . PHE B 1 16  ? -1.931  -12.057 0.919   1.00 12.03 ? 13  PHE B CD2 1 
ATOM   929  C  CE1 . PHE B 1 16  ? -4.041  -10.658 2.055   1.00 10.83 ? 13  PHE B CE1 1 
ATOM   930  C  CE2 . PHE B 1 16  ? -2.019  -11.937 2.307   1.00 11.58 ? 13  PHE B CE2 1 
ATOM   931  C  CZ  . PHE B 1 16  ? -3.076  -11.236 2.875   1.00 12.40 ? 13  PHE B CZ  1 
ATOM   932  N  N   . ILE B 1 17  ? -2.974  -13.079 -4.274  1.00 10.85 ? 14  ILE B N   1 
ATOM   933  C  CA  . ILE B 1 17  ? -3.333  -13.012 -5.685  1.00 12.78 ? 14  ILE B CA  1 
ATOM   934  C  C   . ILE B 1 17  ? -4.338  -14.115 -6.037  1.00 14.15 ? 14  ILE B C   1 
ATOM   935  O  O   . ILE B 1 17  ? -5.272  -13.889 -6.811  1.00 13.14 ? 14  ILE B O   1 
ATOM   936  C  CB  . ILE B 1 17  ? -2.072  -13.132 -6.581  1.00 13.12 ? 14  ILE B CB  1 
ATOM   937  C  CG1 . ILE B 1 17  ? -1.239  -11.852 -6.458  1.00 14.67 ? 14  ILE B CG1 1 
ATOM   938  C  CG2 . ILE B 1 17  ? -2.469  -13.394 -8.038  1.00 13.79 ? 14  ILE B CG2 1 
ATOM   939  C  CD1 . ILE B 1 17  ? 0.073   -11.892 -7.220  1.00 16.74 ? 14  ILE B CD1 1 
ATOM   940  N  N   . ASP B 1 18  ? -4.166  -15.300 -5.457  1.00 14.17 ? 15  ASP B N   1 
ATOM   941  C  CA  . ASP B 1 18  ? -5.075  -16.414 -5.744  1.00 17.43 ? 15  ASP B CA  1 
ATOM   942  C  C   . ASP B 1 18  ? -6.510  -16.143 -5.310  1.00 16.69 ? 15  ASP B C   1 
ATOM   943  O  O   . ASP B 1 18  ? -7.452  -16.700 -5.873  1.00 18.38 ? 15  ASP B O   1 
ATOM   944  C  CB  . ASP B 1 18  ? -4.588  -17.702 -5.076  1.00 19.50 ? 15  ASP B CB  1 
ATOM   945  C  CG  . ASP B 1 18  ? -3.291  -18.211 -5.668  1.00 24.00 ? 15  ASP B CG  1 
ATOM   946  O  OD1 . ASP B 1 18  ? -3.080  -18.037 -6.886  1.00 28.01 ? 15  ASP B OD1 1 
ATOM   947  O  OD2 . ASP B 1 18  ? -2.488  -18.796 -4.916  1.00 28.87 ? 15  ASP B OD2 1 
ATOM   948  N  N   . THR B 1 19  ? -6.681  -15.286 -4.311  1.00 14.76 ? 16  THR B N   1 
ATOM   949  C  CA  . THR B 1 19  ? -8.014  -14.961 -3.819  1.00 15.38 ? 16  THR B CA  1 
ATOM   950  C  C   . THR B 1 19  ? -8.601  -13.736 -4.523  1.00 14.05 ? 16  THR B C   1 
ATOM   951  O  O   . THR B 1 19  ? -9.806  -13.489 -4.463  1.00 15.84 ? 16  THR B O   1 
ATOM   952  C  CB  . THR B 1 19  ? -7.978  -14.734 -2.287  1.00 16.56 ? 16  THR B CB  1 
ATOM   953  O  OG1 . THR B 1 19  ? -7.809  -15.998 -1.633  1.00 18.60 ? 16  THR B OG1 1 
ATOM   954  C  CG2 . THR B 1 19  ? -9.258  -14.074 -1.788  1.00 15.97 ? 16  THR B CG2 1 
ATOM   955  N  N   . LEU B 1 20  ? -7.746  -12.994 -5.219  1.00 14.56 ? 17  LEU B N   1 
ATOM   956  C  CA  . LEU B 1 20  ? -8.153  -11.784 -5.927  1.00 15.55 ? 17  LEU B CA  1 
ATOM   957  C  C   . LEU B 1 20  ? -9.357  -11.945 -6.859  1.00 16.56 ? 17  LEU B C   1 
ATOM   958  O  O   . LEU B 1 20  ? -10.400 -11.327 -6.644  1.00 14.16 ? 17  LEU B O   1 
ATOM   959  C  CB  . LEU B 1 20  ? -6.959  -11.228 -6.714  1.00 18.26 ? 17  LEU B CB  1 
ATOM   960  C  CG  . LEU B 1 20  ? -7.099  -9.895  -7.452  1.00 19.50 ? 17  LEU B CG  1 
ATOM   961  C  CD1 . LEU B 1 20  ? -7.495  -8.793  -6.478  1.00 20.09 ? 17  LEU B CD1 1 
ATOM   962  C  CD2 . LEU B 1 20  ? -5.772  -9.553  -8.126  1.00 21.69 ? 17  LEU B CD2 1 
ATOM   963  N  N   . GLU B 1 21  ? -9.214  -12.770 -7.894  1.00 17.40 ? 18  GLU B N   1 
ATOM   964  C  CA  . GLU B 1 21  ? -10.298 -12.979 -8.850  1.00 18.32 ? 18  GLU B CA  1 
ATOM   965  C  C   . GLU B 1 21  ? -11.566 -13.530 -8.190  1.00 16.30 ? 18  GLU B C   1 
ATOM   966  O  O   . GLU B 1 21  ? -12.670 -13.063 -8.474  1.00 16.34 ? 18  GLU B O   1 
ATOM   967  C  CB  . GLU B 1 21  ? -9.838  -13.907 -9.981  1.00 22.00 ? 18  GLU B CB  1 
ATOM   968  C  CG  . GLU B 1 21  ? -10.870 -14.110 -11.083 1.00 26.95 ? 18  GLU B CG  1 
ATOM   969  C  CD  . GLU B 1 21  ? -11.425 -12.803 -11.622 1.00 31.21 ? 18  GLU B CD  1 
ATOM   970  O  OE1 . GLU B 1 21  ? -10.624 -11.902 -11.958 1.00 32.84 ? 18  GLU B OE1 1 
ATOM   971  O  OE2 . GLU B 1 21  ? -12.666 -12.678 -11.712 1.00 32.71 ? 18  GLU B OE2 1 
ATOM   972  N  N   . PRO B 1 22  ? -11.430 -14.543 -7.315  1.00 15.73 ? 19  PRO B N   1 
ATOM   973  C  CA  . PRO B 1 22  ? -12.628 -15.082 -6.663  1.00 15.86 ? 19  PRO B CA  1 
ATOM   974  C  C   . PRO B 1 22  ? -13.362 -14.000 -5.871  1.00 15.50 ? 19  PRO B C   1 
ATOM   975  O  O   . PRO B 1 22  ? -14.589 -13.927 -5.881  1.00 15.55 ? 19  PRO B O   1 
ATOM   976  C  CB  . PRO B 1 22  ? -12.066 -16.167 -5.756  1.00 16.43 ? 19  PRO B CB  1 
ATOM   977  C  CG  . PRO B 1 22  ? -10.898 -16.680 -6.550  1.00 16.21 ? 19  PRO B CG  1 
ATOM   978  C  CD  . PRO B 1 22  ? -10.261 -15.407 -7.060  1.00 15.11 ? 19  PRO B CD  1 
HETATM 979  N  N   . MSE B 1 23  ? -12.600 -13.156 -5.182  1.00 13.70 ? 20  MSE B N   1 
HETATM 980  C  CA  . MSE B 1 23  ? -13.182 -12.088 -4.383  1.00 15.66 ? 20  MSE B CA  1 
HETATM 981  C  C   . MSE B 1 23  ? -13.875 -11.047 -5.262  1.00 14.75 ? 20  MSE B C   1 
HETATM 982  O  O   . MSE B 1 23  ? -14.957 -10.558 -4.929  1.00 15.12 ? 20  MSE B O   1 
HETATM 983  C  CB  . MSE B 1 23  ? -12.091 -11.427 -3.538  1.00 17.45 ? 20  MSE B CB  1 
HETATM 984  C  CG  . MSE B 1 23  ? -12.541 -10.216 -2.760  1.00 22.54 ? 20  MSE B CG  1 
HETATM 985  SE SE  . MSE B 1 23  ? -11.036 -9.435  -1.835  1.00 31.12 ? 20  MSE B SE  1 
HETATM 986  C  CE  . MSE B 1 23  ? -10.003 -8.902  -3.373  1.00 29.07 ? 20  MSE B CE  1 
HETATM 987  N  N   . MSE B 1 24  ? -13.254 -10.715 -6.387  1.00 13.93 ? 21  MSE B N   1 
HETATM 988  C  CA  . MSE B 1 24  ? -13.827 -9.735  -7.299  1.00 14.30 ? 21  MSE B CA  1 
HETATM 989  C  C   . MSE B 1 24  ? -15.127 -10.251 -7.908  1.00 13.76 ? 21  MSE B C   1 
HETATM 990  O  O   . MSE B 1 24  ? -16.081 -9.493  -8.076  1.00 14.20 ? 21  MSE B O   1 
HETATM 991  C  CB  . MSE B 1 24  ? -12.828 -9.397  -8.405  1.00 14.17 ? 21  MSE B CB  1 
HETATM 992  C  CG  . MSE B 1 24  ? -11.611 -8.622  -7.920  1.00 15.76 ? 21  MSE B CG  1 
HETATM 993  SE SE  . MSE B 1 24  ? -10.304 -8.354  -9.309  1.00 21.17 ? 21  MSE B SE  1 
HETATM 994  C  CE  . MSE B 1 24  ? -11.154 -6.886  -10.202 1.00 21.01 ? 21  MSE B CE  1 
ATOM   995  N  N   . GLU B 1 25  ? -15.165 -11.539 -8.237  1.00 14.06 ? 22  GLU B N   1 
ATOM   996  C  CA  . GLU B 1 25  ? -16.365 -12.130 -8.823  1.00 14.37 ? 22  GLU B CA  1 
ATOM   997  C  C   . GLU B 1 25  ? -17.492 -12.195 -7.792  1.00 14.00 ? 22  GLU B C   1 
ATOM   998  O  O   . GLU B 1 25  ? -18.630 -11.819 -8.075  1.00 15.07 ? 22  GLU B O   1 
ATOM   999  C  CB  . GLU B 1 25  ? -16.070 -13.539 -9.346  1.00 13.80 ? 22  GLU B CB  1 
ATOM   1000 C  CG  . GLU B 1 25  ? -17.277 -14.234 -9.971  1.00 15.92 ? 22  GLU B CG  1 
ATOM   1001 C  CD  . GLU B 1 25  ? -16.954 -15.627 -10.472 1.00 16.57 ? 22  GLU B CD  1 
ATOM   1002 O  OE1 . GLU B 1 25  ? -16.024 -15.763 -11.293 1.00 19.58 ? 22  GLU B OE1 1 
ATOM   1003 O  OE2 . GLU B 1 25  ? -17.631 -16.584 -10.044 1.00 17.71 ? 22  GLU B OE2 1 
ATOM   1004 N  N   . ALA B 1 26  ? -17.167 -12.668 -6.595  1.00 14.22 ? 23  ALA B N   1 
ATOM   1005 C  CA  . ALA B 1 26  ? -18.153 -12.789 -5.528  1.00 15.44 ? 23  ALA B CA  1 
ATOM   1006 C  C   . ALA B 1 26  ? -18.791 -11.457 -5.144  1.00 15.05 ? 23  ALA B C   1 
ATOM   1007 O  O   . ALA B 1 26  ? -19.993 -11.393 -4.889  1.00 16.15 ? 23  ALA B O   1 
ATOM   1008 C  CB  . ALA B 1 26  ? -17.512 -13.430 -4.297  1.00 17.28 ? 23  ALA B CB  1 
ATOM   1009 N  N   . TYR B 1 27  ? -17.993 -10.394 -5.109  1.00 14.39 ? 24  TYR B N   1 
ATOM   1010 C  CA  . TYR B 1 27  ? -18.498 -9.082  -4.721  1.00 15.11 ? 24  TYR B CA  1 
ATOM   1011 C  C   . TYR B 1 27  ? -18.763 -8.125  -5.879  1.00 16.68 ? 24  TYR B C   1 
ATOM   1012 O  O   . TYR B 1 27  ? -19.110 -6.957  -5.664  1.00 17.81 ? 24  TYR B O   1 
ATOM   1013 C  CB  . TYR B 1 27  ? -17.533 -8.451  -3.711  1.00 15.53 ? 24  TYR B CB  1 
ATOM   1014 C  CG  . TYR B 1 27  ? -17.524 -9.189  -2.392  1.00 17.02 ? 24  TYR B CG  1 
ATOM   1015 C  CD1 . TYR B 1 27  ? -18.573 -9.042  -1.484  1.00 18.41 ? 24  TYR B CD1 1 
ATOM   1016 C  CD2 . TYR B 1 27  ? -16.505 -10.089 -2.079  1.00 17.99 ? 24  TYR B CD2 1 
ATOM   1017 C  CE1 . TYR B 1 27  ? -18.606 -9.779  -0.297  1.00 19.67 ? 24  TYR B CE1 1 
ATOM   1018 C  CE2 . TYR B 1 27  ? -16.532 -10.826 -0.901  1.00 19.28 ? 24  TYR B CE2 1 
ATOM   1019 C  CZ  . TYR B 1 27  ? -17.582 -10.669 -0.017  1.00 19.08 ? 24  TYR B CZ  1 
ATOM   1020 O  OH  . TYR B 1 27  ? -17.617 -11.418 1.138   1.00 20.75 ? 24  TYR B OH  1 
ATOM   1021 N  N   . GLY B 1 28  ? -18.613 -8.625  -7.101  1.00 16.11 ? 25  GLY B N   1 
ATOM   1022 C  CA  . GLY B 1 28  ? -18.850 -7.806  -8.277  1.00 17.64 ? 25  GLY B CA  1 
ATOM   1023 C  C   . GLY B 1 28  ? -17.999 -6.552  -8.320  1.00 18.01 ? 25  GLY B C   1 
ATOM   1024 O  O   . GLY B 1 28  ? -18.505 -5.466  -8.592  1.00 17.55 ? 25  GLY B O   1 
ATOM   1025 N  N   . LEU B 1 29  ? -16.704 -6.703  -8.051  1.00 17.05 ? 26  LEU B N   1 
ATOM   1026 C  CA  . LEU B 1 29  ? -15.775 -5.577  -8.053  1.00 17.66 ? 26  LEU B CA  1 
ATOM   1027 C  C   . LEU B 1 29  ? -15.058 -5.494  -9.392  1.00 18.53 ? 26  LEU B C   1 
ATOM   1028 O  O   . LEU B 1 29  ? -14.616 -6.507  -9.930  1.00 19.92 ? 26  LEU B O   1 
ATOM   1029 C  CB  . LEU B 1 29  ? -14.749 -5.741  -6.927  1.00 16.90 ? 26  LEU B CB  1 
ATOM   1030 C  CG  . LEU B 1 29  ? -15.350 -5.981  -5.540  1.00 17.87 ? 26  LEU B CG  1 
ATOM   1031 C  CD1 . LEU B 1 29  ? -14.232 -6.209  -4.535  1.00 16.58 ? 26  LEU B CD1 1 
ATOM   1032 C  CD2 . LEU B 1 29  ? -16.212 -4.799  -5.137  1.00 19.85 ? 26  LEU B CD2 1 
ATOM   1033 N  N   . ASP B 1 30  ? -14.938 -4.277  -9.915  1.00 19.55 ? 27  ASP B N   1 
ATOM   1034 C  CA  . ASP B 1 30  ? -14.300 -4.049  -11.208 1.00 20.91 ? 27  ASP B CA  1 
ATOM   1035 C  C   . ASP B 1 30  ? -12.802 -3.771  -11.163 1.00 20.07 ? 27  ASP B C   1 
ATOM   1036 O  O   . ASP B 1 30  ? -12.082 -4.083  -12.110 1.00 20.52 ? 27  ASP B O   1 
ATOM   1037 C  CB  . ASP B 1 30  ? -14.989 -2.887  -11.928 1.00 22.83 ? 27  ASP B CB  1 
ATOM   1038 C  CG  . ASP B 1 30  ? -14.431 -2.649  -13.320 1.00 26.82 ? 27  ASP B CG  1 
ATOM   1039 O  OD1 . ASP B 1 30  ? -14.503 -3.577  -14.153 1.00 29.28 ? 27  ASP B OD1 1 
ATOM   1040 O  OD2 . ASP B 1 30  ? -13.921 -1.537  -13.581 1.00 27.50 ? 27  ASP B OD2 1 
ATOM   1041 N  N   . GLN B 1 31  ? -12.322 -3.194  -10.071 1.00 19.02 ? 28  GLN B N   1 
ATOM   1042 C  CA  . GLN B 1 31  ? -10.907 -2.862  -9.992  1.00 18.32 ? 28  GLN B CA  1 
ATOM   1043 C  C   . GLN B 1 31  ? -10.340 -3.034  -8.596  1.00 15.24 ? 28  GLN B C   1 
ATOM   1044 O  O   . GLN B 1 31  ? -10.615 -2.237  -7.705  1.00 14.95 ? 28  GLN B O   1 
ATOM   1045 C  CB  . GLN B 1 31  ? -10.704 -1.425  -10.471 1.00 20.51 ? 28  GLN B CB  1 
ATOM   1046 C  CG  . GLN B 1 31  ? -9.282  -0.914  -10.377 1.00 27.36 ? 28  GLN B CG  1 
ATOM   1047 C  CD  . GLN B 1 31  ? -9.070  0.334   -11.208 1.00 30.80 ? 28  GLN B CD  1 
ATOM   1048 O  OE1 . GLN B 1 31  ? -9.926  1.221   -11.245 1.00 33.46 ? 28  GLN B OE1 1 
ATOM   1049 N  NE2 . GLN B 1 31  ? -7.924  0.416   -11.873 1.00 32.35 ? 28  GLN B NE2 1 
ATOM   1050 N  N   . VAL B 1 32  ? -9.535  -4.079  -8.427  1.00 14.03 ? 29  VAL B N   1 
ATOM   1051 C  CA  . VAL B 1 32  ? -8.917  -4.385  -7.139  1.00 12.62 ? 29  VAL B CA  1 
ATOM   1052 C  C   . VAL B 1 32  ? -7.471  -4.795  -7.370  1.00 12.46 ? 29  VAL B C   1 
ATOM   1053 O  O   . VAL B 1 32  ? -7.149  -5.423  -8.380  1.00 13.14 ? 29  VAL B O   1 
ATOM   1054 C  CB  . VAL B 1 32  ? -9.639  -5.556  -6.432  1.00 10.88 ? 29  VAL B CB  1 
ATOM   1055 C  CG1 . VAL B 1 32  ? -9.008  -5.810  -5.059  1.00 12.05 ? 29  VAL B CG1 1 
ATOM   1056 C  CG2 . VAL B 1 32  ? -11.117 -5.250  -6.284  1.00 14.66 ? 29  VAL B CG2 1 
ATOM   1057 N  N   . GLY B 1 33  ? -6.600  -4.437  -6.436  1.00 10.50 ? 30  GLY B N   1 
ATOM   1058 C  CA  . GLY B 1 33  ? -5.204  -4.806  -6.573  1.00 10.70 ? 30  GLY B CA  1 
ATOM   1059 C  C   . GLY B 1 33  ? -4.616  -5.169  -5.225  1.00 10.25 ? 30  GLY B C   1 
ATOM   1060 O  O   . GLY B 1 33  ? -5.276  -5.007  -4.200  1.00 10.87 ? 30  GLY B O   1 
ATOM   1061 N  N   . ILE B 1 34  ? -3.383  -5.667  -5.234  1.00 8.35  ? 31  ILE B N   1 
ATOM   1062 C  CA  . ILE B 1 34  ? -2.676  -6.050  -4.017  1.00 8.26  ? 31  ILE B CA  1 
ATOM   1063 C  C   . ILE B 1 34  ? -2.072  -4.812  -3.350  1.00 8.12  ? 31  ILE B C   1 
ATOM   1064 O  O   . ILE B 1 34  ? -1.506  -3.942  -4.013  1.00 8.37  ? 31  ILE B O   1 
ATOM   1065 C  CB  . ILE B 1 34  ? -1.533  -7.047  -4.332  1.00 9.53  ? 31  ILE B CB  1 
ATOM   1066 C  CG1 . ILE B 1 34  ? -2.088  -8.266  -5.071  1.00 12.97 ? 31  ILE B CG1 1 
ATOM   1067 C  CG2 . ILE B 1 34  ? -0.838  -7.476  -3.048  1.00 12.59 ? 31  ILE B CG2 1 
ATOM   1068 C  CD1 . ILE B 1 34  ? -3.151  -9.016  -4.302  1.00 14.37 ? 31  ILE B CD1 1 
ATOM   1069 N  N   . PHE B 1 35  ? -2.196  -4.758  -2.029  1.00 7.68  ? 32  PHE B N   1 
ATOM   1070 C  CA  . PHE B 1 35  ? -1.695  -3.658  -1.217  1.00 8.52  ? 32  PHE B CA  1 
ATOM   1071 C  C   . PHE B 1 35  ? -0.638  -4.166  -0.241  1.00 8.19  ? 32  PHE B C   1 
ATOM   1072 O  O   . PHE B 1 35  ? -0.803  -5.231  0.350   1.00 7.66  ? 32  PHE B O   1 
ATOM   1073 C  CB  . PHE B 1 35  ? -2.866  -3.052  -0.432  1.00 10.09 ? 32  PHE B CB  1 
ATOM   1074 C  CG  . PHE B 1 35  ? -2.455  -2.221  0.747   1.00 9.06  ? 32  PHE B CG  1 
ATOM   1075 C  CD1 . PHE B 1 35  ? -2.180  -0.866  0.602   1.00 7.66  ? 32  PHE B CD1 1 
ATOM   1076 C  CD2 . PHE B 1 35  ? -2.369  -2.794  2.019   1.00 8.93  ? 32  PHE B CD2 1 
ATOM   1077 C  CE1 . PHE B 1 35  ? -1.829  -0.090  1.704   1.00 8.95  ? 32  PHE B CE1 1 
ATOM   1078 C  CE2 . PHE B 1 35  ? -2.016  -2.028  3.128   1.00 9.00  ? 32  PHE B CE2 1 
ATOM   1079 C  CZ  . PHE B 1 35  ? -1.747  -0.675  2.969   1.00 9.24  ? 32  PHE B CZ  1 
ATOM   1080 N  N   . GLU B 1 36  ? 0.444   -3.403  -0.091  1.00 7.63  ? 33  GLU B N   1 
ATOM   1081 C  CA  . GLU B 1 36  ? 1.508   -3.749  0.845   1.00 9.26  ? 33  GLU B CA  1 
ATOM   1082 C  C   . GLU B 1 36  ? 2.026   -2.490  1.520   1.00 9.30  ? 33  GLU B C   1 
ATOM   1083 O  O   . GLU B 1 36  ? 2.171   -1.447  0.886   1.00 11.11 ? 33  GLU B O   1 
ATOM   1084 C  CB  . GLU B 1 36  ? 2.699   -4.401  0.142   1.00 12.30 ? 33  GLU B CB  1 
ATOM   1085 C  CG  . GLU B 1 36  ? 2.462   -5.744  -0.481  1.00 16.32 ? 33  GLU B CG  1 
ATOM   1086 C  CD  . GLU B 1 36  ? 3.740   -6.282  -1.099  1.00 18.95 ? 33  GLU B CD  1 
ATOM   1087 O  OE1 . GLU B 1 36  ? 4.663   -6.648  -0.340  1.00 18.46 ? 33  GLU B OE1 1 
ATOM   1088 O  OE2 . GLU B 1 36  ? 3.824   -6.323  -2.343  1.00 20.66 ? 33  GLU B OE2 1 
ATOM   1089 N  N   . GLU B 1 37  ? 2.305   -2.588  2.810   1.00 7.91  ? 34  GLU B N   1 
ATOM   1090 C  CA  . GLU B 1 37  ? 2.879   -1.468  3.531   1.00 9.16  ? 34  GLU B CA  1 
ATOM   1091 C  C   . GLU B 1 37  ? 3.922   -2.003  4.500   1.00 10.25 ? 34  GLU B C   1 
ATOM   1092 O  O   . GLU B 1 37  ? 3.702   -3.020  5.152   1.00 9.92  ? 34  GLU B O   1 
ATOM   1093 C  CB  . GLU B 1 37  ? 1.793   -0.677  4.274   1.00 9.97  ? 34  GLU B CB  1 
ATOM   1094 C  CG  . GLU B 1 37  ? 1.413   0.605   3.558   1.00 11.84 ? 34  GLU B CG  1 
ATOM   1095 C  CD  . GLU B 1 37  ? 0.340   1.404   4.272   1.00 11.86 ? 34  GLU B CD  1 
ATOM   1096 O  OE1 . GLU B 1 37  ? 0.142   1.203   5.491   1.00 12.35 ? 34  GLU B OE1 1 
ATOM   1097 O  OE2 . GLU B 1 37  ? -0.298  2.245   3.607   1.00 12.54 ? 34  GLU B OE2 1 
ATOM   1098 N  N   . HIS B 1 38  ? 5.075   -1.339  4.553   1.00 10.98 ? 35  HIS B N   1 
ATOM   1099 C  CA  . HIS B 1 38  ? 6.154   -1.735  5.453   1.00 16.13 ? 35  HIS B CA  1 
ATOM   1100 C  C   . HIS B 1 38  ? 6.018   -0.838  6.668   1.00 19.29 ? 35  HIS B C   1 
ATOM   1101 O  O   . HIS B 1 38  ? 6.232   0.372   6.574   1.00 19.12 ? 35  HIS B O   1 
ATOM   1102 C  CB  . HIS B 1 38  ? 7.531   -1.500  4.817   1.00 18.98 ? 35  HIS B CB  1 
ATOM   1103 C  CG  . HIS B 1 38  ? 7.680   -2.074  3.442   1.00 19.93 ? 35  HIS B CG  1 
ATOM   1104 N  ND1 . HIS B 1 38  ? 8.899   -2.462  2.931   1.00 21.94 ? 35  HIS B ND1 1 
ATOM   1105 C  CD2 . HIS B 1 38  ? 6.777   -2.277  2.453   1.00 20.75 ? 35  HIS B CD2 1 
ATOM   1106 C  CE1 . HIS B 1 38  ? 8.742   -2.877  1.687   1.00 21.63 ? 35  HIS B CE1 1 
ATOM   1107 N  NE2 . HIS B 1 38  ? 7.463   -2.773  1.372   1.00 22.39 ? 35  HIS B NE2 1 
ATOM   1108 N  N   . GLY B 1 39  ? 5.655   -1.425  7.803   1.00 21.19 ? 36  GLY B N   1 
ATOM   1109 C  CA  . GLY B 1 39  ? 5.475   -0.640  9.008   1.00 24.57 ? 36  GLY B CA  1 
ATOM   1110 C  C   . GLY B 1 39  ? 6.718   -0.495  9.858   1.00 26.79 ? 36  GLY B C   1 
ATOM   1111 O  O   . GLY B 1 39  ? 7.802   -0.943  9.485   1.00 26.89 ? 36  GLY B O   1 
ATOM   1112 N  N   . GLU B 1 40  ? 6.557   0.145   11.010  1.00 28.76 ? 37  GLU B N   1 
ATOM   1113 C  CA  . GLU B 1 40  ? 7.670   0.343   11.923  1.00 29.27 ? 37  GLU B CA  1 
ATOM   1114 C  C   . GLU B 1 40  ? 8.080   -0.984  12.551  1.00 27.97 ? 37  GLU B C   1 
ATOM   1115 O  O   . GLU B 1 40  ? 7.272   -1.906  12.667  1.00 28.12 ? 37  GLU B O   1 
ATOM   1116 C  CB  . GLU B 1 40  ? 7.282   1.336   13.023  1.00 31.86 ? 37  GLU B CB  1 
ATOM   1117 C  CG  . GLU B 1 40  ? 6.909   2.714   12.508  1.00 35.57 ? 37  GLU B CG  1 
ATOM   1118 C  CD  . GLU B 1 40  ? 6.580   3.683   13.625  1.00 37.21 ? 37  GLU B CD  1 
ATOM   1119 O  OE1 . GLU B 1 40  ? 5.656   3.390   14.412  1.00 38.72 ? 37  GLU B OE1 1 
ATOM   1120 O  OE2 . GLU B 1 40  ? 7.247   4.737   13.716  1.00 38.28 ? 37  GLU B OE2 1 
ATOM   1121 N  N   . GLY B 1 41  ? 9.346   -1.075  12.940  1.00 26.07 ? 38  GLY B N   1 
ATOM   1122 C  CA  . GLY B 1 41  ? 9.856   -2.278  13.568  1.00 24.12 ? 38  GLY B CA  1 
ATOM   1123 C  C   . GLY B 1 41  ? 9.547   -3.604  12.898  1.00 22.94 ? 38  GLY B C   1 
ATOM   1124 O  O   . GLY B 1 41  ? 8.956   -4.483  13.512  1.00 19.62 ? 38  GLY B O   1 
ATOM   1125 N  N   . ASN B 1 42  ? 9.948   -3.757  11.644  1.00 23.06 ? 39  ASN B N   1 
ATOM   1126 C  CA  . ASN B 1 42  ? 9.722   -5.009  10.929  1.00 25.24 ? 39  ASN B CA  1 
ATOM   1127 C  C   . ASN B 1 42  ? 8.270   -5.499  10.897  1.00 24.01 ? 39  ASN B C   1 
ATOM   1128 O  O   . ASN B 1 42  ? 8.021   -6.701  10.791  1.00 24.67 ? 39  ASN B O   1 
ATOM   1129 C  CB  . ASN B 1 42  ? 10.621  -6.110  11.508  1.00 27.51 ? 39  ASN B CB  1 
ATOM   1130 C  CG  . ASN B 1 42  ? 12.099  -5.869  11.234  1.00 30.89 ? 39  ASN B CG  1 
ATOM   1131 O  OD1 . ASN B 1 42  ? 12.959  -6.623  11.691  1.00 34.32 ? 39  ASN B OD1 1 
ATOM   1132 N  ND2 . ASN B 1 42  ? 12.399  -4.817  10.481  1.00 30.37 ? 39  ASN B ND2 1 
ATOM   1133 N  N   . ARG B 1 43  ? 7.316   -4.578  11.008  1.00 22.63 ? 40  ARG B N   1 
ATOM   1134 C  CA  . ARG B 1 43  ? 5.902   -4.942  10.926  1.00 20.81 ? 40  ARG B CA  1 
ATOM   1135 C  C   . ARG B 1 43  ? 5.552   -4.791  9.446   1.00 18.26 ? 40  ARG B C   1 
ATOM   1136 O  O   . ARG B 1 43  ? 6.153   -3.974  8.751   1.00 17.71 ? 40  ARG B O   1 
ATOM   1137 C  CB  . ARG B 1 43  ? 5.044   -4.014  11.789  1.00 23.82 ? 40  ARG B CB  1 
ATOM   1138 C  CG  . ARG B 1 43  ? 5.116   -4.338  13.275  1.00 28.99 ? 40  ARG B CG  1 
ATOM   1139 C  CD  . ARG B 1 43  ? 4.125   -3.524  14.087  1.00 32.68 ? 40  ARG B CD  1 
ATOM   1140 N  NE  . ARG B 1 43  ? 4.614   -2.190  14.417  1.00 36.97 ? 40  ARG B NE  1 
ATOM   1141 C  CZ  . ARG B 1 43  ? 5.639   -1.948  15.229  1.00 38.57 ? 40  ARG B CZ  1 
ATOM   1142 N  NH1 . ARG B 1 43  ? 6.293   -2.952  15.798  1.00 39.59 ? 40  ARG B NH1 1 
ATOM   1143 N  NH2 . ARG B 1 43  ? 6.005   -0.699  15.483  1.00 39.05 ? 40  ARG B NH2 1 
ATOM   1144 N  N   . TYR B 1 44  ? 4.591   -5.571  8.963   1.00 14.15 ? 41  TYR B N   1 
ATOM   1145 C  CA  . TYR B 1 44  ? 4.233   -5.532  7.546   1.00 13.00 ? 41  TYR B CA  1 
ATOM   1146 C  C   . TYR B 1 44  ? 2.731   -5.742  7.388   1.00 11.91 ? 41  TYR B C   1 
ATOM   1147 O  O   . TYR B 1 44  ? 2.117   -6.460  8.175   1.00 13.10 ? 41  TYR B O   1 
ATOM   1148 C  CB  . TYR B 1 44  ? 4.977   -6.656  6.818   1.00 15.25 ? 41  TYR B CB  1 
ATOM   1149 C  CG  . TYR B 1 44  ? 5.354   -6.381  5.384   1.00 15.19 ? 41  TYR B CG  1 
ATOM   1150 C  CD1 . TYR B 1 44  ? 6.510   -5.663  5.074   1.00 16.16 ? 41  TYR B CD1 1 
ATOM   1151 C  CD2 . TYR B 1 44  ? 4.586   -6.880  4.331   1.00 13.08 ? 41  TYR B CD2 1 
ATOM   1152 C  CE1 . TYR B 1 44  ? 6.894   -5.458  3.754   1.00 17.71 ? 41  TYR B CE1 1 
ATOM   1153 C  CE2 . TYR B 1 44  ? 4.960   -6.679  3.010   1.00 14.98 ? 41  TYR B CE2 1 
ATOM   1154 C  CZ  . TYR B 1 44  ? 6.116   -5.969  2.726   1.00 15.42 ? 41  TYR B CZ  1 
ATOM   1155 O  OH  . TYR B 1 44  ? 6.500   -5.784  1.421   1.00 18.01 ? 41  TYR B OH  1 
ATOM   1156 N  N   . TYR B 1 45  ? 2.143   -5.131  6.364   1.00 8.82  ? 42  TYR B N   1 
ATOM   1157 C  CA  . TYR B 1 45  ? 0.712   -5.275  6.124   1.00 6.77  ? 42  TYR B CA  1 
ATOM   1158 C  C   . TYR B 1 45  ? 0.476   -5.678  4.680   1.00 6.85  ? 42  TYR B C   1 
ATOM   1159 O  O   . TYR B 1 45  ? 1.082   -5.114  3.770   1.00 7.90  ? 42  TYR B O   1 
ATOM   1160 C  CB  . TYR B 1 45  ? 0.015   -3.950  6.423   1.00 7.26  ? 42  TYR B CB  1 
ATOM   1161 C  CG  . TYR B 1 45  ? 0.377   -3.437  7.786   1.00 12.27 ? 42  TYR B CG  1 
ATOM   1162 C  CD1 . TYR B 1 45  ? -0.255  -3.930  8.924   1.00 12.30 ? 42  TYR B CD1 1 
ATOM   1163 C  CD2 . TYR B 1 45  ? 1.409   -2.511  7.950   1.00 14.82 ? 42  TYR B CD2 1 
ATOM   1164 C  CE1 . TYR B 1 45  ? 0.132   -3.520  10.194  1.00 16.89 ? 42  TYR B CE1 1 
ATOM   1165 C  CE2 . TYR B 1 45  ? 1.807   -2.091  9.221   1.00 19.34 ? 42  TYR B CE2 1 
ATOM   1166 C  CZ  . TYR B 1 45  ? 1.163   -2.603  10.336  1.00 18.09 ? 42  TYR B CZ  1 
ATOM   1167 O  OH  . TYR B 1 45  ? 1.555   -2.202  11.592  1.00 20.29 ? 42  TYR B OH  1 
ATOM   1168 N  N   . VAL B 1 46  ? -0.393  -6.662  4.481   1.00 5.56  ? 43  VAL B N   1 
ATOM   1169 C  CA  . VAL B 1 46  ? -0.707  -7.138  3.138   1.00 5.42  ? 43  VAL B CA  1 
ATOM   1170 C  C   . VAL B 1 46  ? -2.209  -7.247  2.998   1.00 5.48  ? 43  VAL B C   1 
ATOM   1171 O  O   . VAL B 1 46  ? -2.906  -7.697  3.915   1.00 7.43  ? 43  VAL B O   1 
ATOM   1172 C  CB  . VAL B 1 46  ? -0.087  -8.525  2.870   1.00 6.22  ? 43  VAL B CB  1 
ATOM   1173 C  CG1 . VAL B 1 46  ? -0.309  -8.928  1.419   1.00 10.14 ? 43  VAL B CG1 1 
ATOM   1174 C  CG2 . VAL B 1 46  ? 1.395   -8.486  3.188   1.00 9.36  ? 43  VAL B CG2 1 
ATOM   1175 N  N   . GLY B 1 47  ? -2.709  -6.838  1.841   1.00 6.21  ? 44  GLY B N   1 
ATOM   1176 C  CA  . GLY B 1 47  ? -4.135  -6.901  1.626   1.00 6.42  ? 44  GLY B CA  1 
ATOM   1177 C  C   . GLY B 1 47  ? -4.531  -6.475  0.235   1.00 6.02  ? 44  GLY B C   1 
ATOM   1178 O  O   . GLY B 1 47  ? -3.818  -6.727  -0.737  1.00 6.07  ? 44  GLY B O   1 
ATOM   1179 N  N   . TYR B 1 48  ? -5.668  -5.796  0.153   1.00 7.69  ? 45  TYR B N   1 
ATOM   1180 C  CA  . TYR B 1 48  ? -6.208  -5.358  -1.125  1.00 7.01  ? 45  TYR B CA  1 
ATOM   1181 C  C   . TYR B 1 48  ? -6.668  -3.917  -1.111  1.00 8.75  ? 45  TYR B C   1 
ATOM   1182 O  O   . TYR B 1 48  ? -7.090  -3.399  -0.082  1.00 8.47  ? 45  TYR B O   1 
ATOM   1183 C  CB  . TYR B 1 48  ? -7.429  -6.199  -1.474  1.00 7.71  ? 45  TYR B CB  1 
ATOM   1184 C  CG  . TYR B 1 48  ? -7.188  -7.680  -1.502  1.00 7.50  ? 45  TYR B CG  1 
ATOM   1185 C  CD1 . TYR B 1 48  ? -6.483  -8.268  -2.552  1.00 9.30  ? 45  TYR B CD1 1 
ATOM   1186 C  CD2 . TYR B 1 48  ? -7.686  -8.500  -0.495  1.00 5.71  ? 45  TYR B CD2 1 
ATOM   1187 C  CE1 . TYR B 1 48  ? -6.285  -9.644  -2.600  1.00 9.88  ? 45  TYR B CE1 1 
ATOM   1188 C  CE2 . TYR B 1 48  ? -7.496  -9.873  -0.532  1.00 7.84  ? 45  TYR B CE2 1 
ATOM   1189 C  CZ  . TYR B 1 48  ? -6.798  -10.439 -1.586  1.00 7.75  ? 45  TYR B CZ  1 
ATOM   1190 O  OH  . TYR B 1 48  ? -6.625  -11.800 -1.631  1.00 10.19 ? 45  TYR B OH  1 
ATOM   1191 N  N   . THR B 1 49  ? -6.586  -3.272  -2.268  1.00 8.44  ? 46  THR B N   1 
ATOM   1192 C  CA  . THR B 1 49  ? -7.110  -1.926  -2.389  1.00 8.30  ? 46  THR B CA  1 
ATOM   1193 C  C   . THR B 1 49  ? -8.140  -2.016  -3.489  1.00 8.67  ? 46  THR B C   1 
ATOM   1194 O  O   . THR B 1 49  ? -7.864  -2.502  -4.588  1.00 9.93  ? 46  THR B O   1 
ATOM   1195 C  CB  . THR B 1 49  ? -6.053  -0.884  -2.739  1.00 9.12  ? 46  THR B CB  1 
ATOM   1196 O  OG1 . THR B 1 49  ? -5.207  -0.683  -1.604  1.00 7.25  ? 46  THR B OG1 1 
ATOM   1197 C  CG2 . THR B 1 49  ? -6.720  0.441   -3.092  1.00 10.81 ? 46  THR B CG2 1 
ATOM   1198 N  N   . ILE B 1 50  ? -9.340  -1.570  -3.150  1.00 10.47 ? 47  ILE B N   1 
ATOM   1199 C  CA  . ILE B 1 50  ? -10.484 -1.586  -4.037  1.00 11.91 ? 47  ILE B CA  1 
ATOM   1200 C  C   . ILE B 1 50  ? -10.775 -0.178  -4.531  1.00 13.44 ? 47  ILE B C   1 
ATOM   1201 O  O   . ILE B 1 50  ? -10.821 0.763   -3.743  1.00 13.83 ? 47  ILE B O   1 
ATOM   1202 C  CB  . ILE B 1 50  ? -11.721 -2.102  -3.278  1.00 12.23 ? 47  ILE B CB  1 
ATOM   1203 C  CG1 . ILE B 1 50  ? -11.474 -3.540  -2.824  1.00 14.83 ? 47  ILE B CG1 1 
ATOM   1204 C  CG2 . ILE B 1 50  ? -12.963 -2.006  -4.159  1.00 15.21 ? 47  ILE B CG2 1 
ATOM   1205 C  CD1 . ILE B 1 50  ? -12.524 -4.072  -1.876  1.00 18.48 ? 47  ILE B CD1 1 
ATOM   1206 N  N   . ASN B 1 51  ? -10.951 -0.041  -5.841  1.00 15.43 ? 48  ASN B N   1 
ATOM   1207 C  CA  . ASN B 1 51  ? -11.288 1.248   -6.429  1.00 17.53 ? 48  ASN B CA  1 
ATOM   1208 C  C   . ASN B 1 51  ? -12.781 1.162   -6.696  1.00 18.73 ? 48  ASN B C   1 
ATOM   1209 O  O   . ASN B 1 51  ? -13.208 0.477   -7.626  1.00 19.10 ? 48  ASN B O   1 
ATOM   1210 C  CB  . ASN B 1 51  ? -10.555 1.458   -7.752  1.00 18.64 ? 48  ASN B CB  1 
ATOM   1211 C  CG  . ASN B 1 51  ? -10.904 2.787   -8.404  1.00 21.31 ? 48  ASN B CG  1 
ATOM   1212 O  OD1 . ASN B 1 51  ? -12.061 3.208   -8.408  1.00 23.55 ? 48  ASN B OD1 1 
ATOM   1213 N  ND2 . ASN B 1 51  ? -9.902  3.447   -8.972  1.00 25.31 ? 48  ASN B ND2 1 
ATOM   1214 N  N   . LYS B 1 52  ? -13.571 1.827   -5.864  1.00 21.98 ? 49  LYS B N   1 
ATOM   1215 C  CA  . LYS B 1 52  ? -15.019 1.823   -6.020  1.00 26.28 ? 49  LYS B CA  1 
ATOM   1216 C  C   . LYS B 1 52  ? -15.459 3.223   -6.416  1.00 27.28 ? 49  LYS B C   1 
ATOM   1217 O  O   . LYS B 1 52  ? -15.607 4.099   -5.567  1.00 27.73 ? 49  LYS B O   1 
ATOM   1218 C  CB  . LYS B 1 52  ? -15.696 1.417   -4.708  1.00 28.14 ? 49  LYS B CB  1 
ATOM   1219 C  CG  . LYS B 1 52  ? -17.220 1.426   -4.768  1.00 32.76 ? 49  LYS B CG  1 
ATOM   1220 C  CD  . LYS B 1 52  ? -17.842 1.097   -3.414  1.00 35.03 ? 49  LYS B CD  1 
ATOM   1221 C  CE  . LYS B 1 52  ? -17.495 2.144   -2.362  1.00 36.85 ? 49  LYS B CE  1 
ATOM   1222 N  NZ  . LYS B 1 52  ? -17.972 3.504   -2.740  1.00 38.40 ? 49  LYS B NZ  1 
ATOM   1223 N  N   . ASP B 1 53  ? -15.661 3.425   -7.713  1.00 30.13 ? 50  ASP B N   1 
ATOM   1224 C  CA  . ASP B 1 53  ? -16.076 4.719   -8.234  1.00 32.31 ? 50  ASP B CA  1 
ATOM   1225 C  C   . ASP B 1 53  ? -15.200 5.856   -7.732  1.00 31.69 ? 50  ASP B C   1 
ATOM   1226 O  O   . ASP B 1 53  ? -15.682 6.796   -7.098  1.00 32.14 ? 50  ASP B O   1 
ATOM   1227 C  CB  . ASP B 1 53  ? -17.538 4.995   -7.879  1.00 34.79 ? 50  ASP B CB  1 
ATOM   1228 C  CG  . ASP B 1 53  ? -18.473 4.749   -9.045  1.00 37.38 ? 50  ASP B CG  1 
ATOM   1229 O  OD1 . ASP B 1 53  ? -18.515 3.606   -9.547  1.00 38.04 ? 50  ASP B OD1 1 
ATOM   1230 O  OD2 . ASP B 1 53  ? -19.161 5.705   -9.464  1.00 39.82 ? 50  ASP B OD2 1 
ATOM   1231 N  N   . ASP B 1 54  ? -13.905 5.751   -8.013  1.00 31.44 ? 51  ASP B N   1 
ATOM   1232 C  CA  . ASP B 1 54  ? -12.931 6.766   -7.630  1.00 30.43 ? 51  ASP B CA  1 
ATOM   1233 C  C   . ASP B 1 54  ? -12.581 6.807   -6.145  1.00 27.44 ? 51  ASP B C   1 
ATOM   1234 O  O   . ASP B 1 54  ? -11.731 7.595   -5.732  1.00 27.94 ? 51  ASP B O   1 
ATOM   1235 C  CB  . ASP B 1 54  ? -13.411 8.143   -8.088  1.00 34.23 ? 51  ASP B CB  1 
ATOM   1236 C  CG  . ASP B 1 54  ? -13.749 8.174   -9.565  1.00 36.31 ? 51  ASP B CG  1 
ATOM   1237 O  OD1 . ASP B 1 54  ? -12.852 7.884   -10.386 1.00 38.82 ? 51  ASP B OD1 1 
ATOM   1238 O  OD2 . ASP B 1 54  ? -14.910 8.484   -9.905  1.00 39.50 ? 51  ASP B OD2 1 
ATOM   1239 N  N   . GLU B 1 55  ? -13.230 5.973   -5.340  1.00 23.77 ? 52  GLU B N   1 
ATOM   1240 C  CA  . GLU B 1 55  ? -12.925 5.934   -3.914  1.00 21.19 ? 52  GLU B CA  1 
ATOM   1241 C  C   . GLU B 1 55  ? -11.995 4.748   -3.682  1.00 18.35 ? 52  GLU B C   1 
ATOM   1242 O  O   . GLU B 1 55  ? -12.254 3.650   -4.169  1.00 17.73 ? 52  GLU B O   1 
ATOM   1243 C  CB  . GLU B 1 55  ? -14.191 5.746   -3.074  1.00 22.75 ? 52  GLU B CB  1 
ATOM   1244 C  CG  . GLU B 1 55  ? -13.963 6.003   -1.590  1.00 25.39 ? 52  GLU B CG  1 
ATOM   1245 C  CD  . GLU B 1 55  ? -15.094 5.495   -0.720  1.00 27.21 ? 52  GLU B CD  1 
ATOM   1246 O  OE1 . GLU B 1 55  ? -16.249 5.473   -1.192  1.00 28.26 ? 52  GLU B OE1 1 
ATOM   1247 O  OE2 . GLU B 1 55  ? -14.829 5.129   0.446   1.00 27.48 ? 52  GLU B OE2 1 
HETATM 1248 N  N   . MSE B 1 56  ? -10.913 4.971   -2.946  1.00 15.32 ? 53  MSE B N   1 
HETATM 1249 C  CA  . MSE B 1 56  ? -9.958  3.901   -2.671  1.00 15.51 ? 53  MSE B CA  1 
HETATM 1250 C  C   . MSE B 1 56  ? -10.202 3.367   -1.269  1.00 13.26 ? 53  MSE B C   1 
HETATM 1251 O  O   . MSE B 1 56  ? -10.126 4.109   -0.295  1.00 12.14 ? 53  MSE B O   1 
HETATM 1252 C  CB  . MSE B 1 56  ? -8.518  4.425   -2.762  1.00 19.33 ? 53  MSE B CB  1 
HETATM 1253 C  CG  . MSE B 1 56  ? -8.192  5.197   -4.030  1.00 24.97 ? 53  MSE B CG  1 
HETATM 1254 SE SE  . MSE B 1 56  ? -8.480  4.180   -5.634  1.00 32.02 ? 53  MSE B SE  1 
HETATM 1255 C  CE  . MSE B 1 56  ? -10.013 5.119   -6.310  1.00 31.13 ? 53  MSE B CE  1 
ATOM   1256 N  N   . ILE B 1 57  ? -10.508 2.077   -1.174  1.00 12.46 ? 54  ILE B N   1 
ATOM   1257 C  CA  . ILE B 1 57  ? -10.757 1.438   0.111   1.00 9.71  ? 54  ILE B CA  1 
ATOM   1258 C  C   . ILE B 1 57  ? -9.757  0.295   0.239   1.00 8.36  ? 54  ILE B C   1 
ATOM   1259 O  O   . ILE B 1 57  ? -9.655  -0.543  -0.652  1.00 10.20 ? 54  ILE B O   1 
ATOM   1260 C  CB  . ILE B 1 57  ? -12.187 0.883   0.170   1.00 13.62 ? 54  ILE B CB  1 
ATOM   1261 C  CG1 . ILE B 1 57  ? -13.179 2.012   -0.123  1.00 14.44 ? 54  ILE B CG1 1 
ATOM   1262 C  CG2 . ILE B 1 57  ? -12.453 0.275   1.542   1.00 13.87 ? 54  ILE B CG2 1 
ATOM   1263 C  CD1 . ILE B 1 57  ? -14.566 1.530   -0.492  1.00 17.68 ? 54  ILE B CD1 1 
ATOM   1264 N  N   . THR B 1 58  ? -9.023  0.265   1.345   1.00 7.32  ? 55  THR B N   1 
ATOM   1265 C  CA  . THR B 1 58  ? -8.009  -0.766  1.553   1.00 7.80  ? 55  THR B CA  1 
ATOM   1266 C  C   . THR B 1 58  ? -8.305  -1.653  2.759   1.00 9.22  ? 55  THR B C   1 
ATOM   1267 O  O   . THR B 1 58  ? -8.729  -1.173  3.806   1.00 9.48  ? 55  THR B O   1 
ATOM   1268 C  CB  . THR B 1 58  ? -6.612  -0.119  1.752   1.00 9.00  ? 55  THR B CB  1 
ATOM   1269 O  OG1 . THR B 1 58  ? -6.258  0.625   0.577   1.00 9.29  ? 55  THR B OG1 1 
ATOM   1270 C  CG2 . THR B 1 58  ? -5.552  -1.176  2.014   1.00 9.91  ? 55  THR B CG2 1 
ATOM   1271 N  N   . ILE B 1 59  ? -8.097  -2.955  2.594   1.00 9.02  ? 56  ILE B N   1 
ATOM   1272 C  CA  . ILE B 1 59  ? -8.299  -3.902  3.686   1.00 8.13  ? 56  ILE B CA  1 
ATOM   1273 C  C   . ILE B 1 59  ? -7.003  -4.693  3.798   1.00 8.40  ? 56  ILE B C   1 
ATOM   1274 O  O   . ILE B 1 59  ? -6.416  -5.076  2.783   1.00 10.05 ? 56  ILE B O   1 
ATOM   1275 C  CB  . ILE B 1 59  ? -9.494  -4.845  3.424   1.00 9.94  ? 56  ILE B CB  1 
ATOM   1276 C  CG1 . ILE B 1 59  ? -9.304  -5.592  2.101   1.00 8.44  ? 56  ILE B CG1 1 
ATOM   1277 C  CG2 . ILE B 1 59  ? -10.787 -4.030  3.397   1.00 10.37 ? 56  ILE B CG2 1 
ATOM   1278 C  CD1 . ILE B 1 59  ? -10.355 -6.663  1.853   1.00 10.37 ? 56  ILE B CD1 1 
ATOM   1279 N  N   . HIS B 1 60  ? -6.545  -4.934  5.020   1.00 7.55  ? 57  HIS B N   1 
ATOM   1280 C  CA  . HIS B 1 60  ? -5.281  -5.642  5.178   1.00 7.24  ? 57  HIS B CA  1 
ATOM   1281 C  C   . HIS B 1 60  ? -5.143  -6.437  6.467   1.00 6.39  ? 57  HIS B C   1 
ATOM   1282 O  O   . HIS B 1 60  ? -5.894  -6.229  7.422   1.00 7.25  ? 57  HIS B O   1 
ATOM   1283 C  CB  . HIS B 1 60  ? -4.128  -4.636  5.069   1.00 7.91  ? 57  HIS B CB  1 
ATOM   1284 C  CG  . HIS B 1 60  ? -4.190  -3.520  6.071   1.00 8.40  ? 57  HIS B CG  1 
ATOM   1285 N  ND1 . HIS B 1 60  ? -3.813  -3.676  7.388   1.00 9.10  ? 57  HIS B ND1 1 
ATOM   1286 C  CD2 . HIS B 1 60  ? -4.566  -2.225  5.939   1.00 9.33  ? 57  HIS B CD2 1 
ATOM   1287 C  CE1 . HIS B 1 60  ? -3.950  -2.525  8.023   1.00 11.10 ? 57  HIS B CE1 1 
ATOM   1288 N  NE2 . HIS B 1 60  ? -4.404  -1.627  7.166   1.00 10.81 ? 57  HIS B NE2 1 
HETATM 1289 N  N   . MSE B 1 61  ? -4.167  -7.344  6.467   1.00 5.17  ? 58  MSE B N   1 
HETATM 1290 C  CA  . MSE B 1 61  ? -3.859  -8.206  7.604   1.00 6.77  ? 58  MSE B CA  1 
HETATM 1291 C  C   . MSE B 1 61  ? -2.451  -7.856  8.075   1.00 7.39  ? 58  MSE B C   1 
HETATM 1292 O  O   . MSE B 1 61  ? -1.634  -7.347  7.301   1.00 8.12  ? 58  MSE B O   1 
HETATM 1293 C  CB  . MSE B 1 61  ? -3.895  -9.680  7.190   1.00 9.67  ? 58  MSE B CB  1 
HETATM 1294 C  CG  . MSE B 1 61  ? -5.239  -10.152 6.669   1.00 8.25  ? 58  MSE B CG  1 
HETATM 1295 SE SE  . MSE B 1 61  ? -5.332  -12.088 6.541   1.00 13.21 ? 58  MSE B SE  1 
HETATM 1296 C  CE  . MSE B 1 61  ? -5.866  -12.424 8.364   1.00 10.81 ? 58  MSE B CE  1 
ATOM   1297 N  N   . PRO B 1 62  ? -2.150  -8.134  9.350   1.00 7.59  ? 59  PRO B N   1 
ATOM   1298 C  CA  . PRO B 1 62  ? -0.847  -7.851  9.956   1.00 7.43  ? 59  PRO B CA  1 
ATOM   1299 C  C   . PRO B 1 62  ? 0.141   -9.010  9.909   1.00 7.40  ? 59  PRO B C   1 
ATOM   1300 O  O   . PRO B 1 62  ? -0.206  -10.143 10.230  1.00 7.71  ? 59  PRO B O   1 
ATOM   1301 C  CB  . PRO B 1 62  ? -1.224  -7.480  11.380  1.00 9.46  ? 59  PRO B CB  1 
ATOM   1302 C  CG  . PRO B 1 62  ? -2.323  -8.470  11.668  1.00 9.34  ? 59  PRO B CG  1 
ATOM   1303 C  CD  . PRO B 1 62  ? -3.139  -8.507  10.379  1.00 9.50  ? 59  PRO B CD  1 
ATOM   1304 N  N   . PHE B 1 63  ? 1.368   -8.704  9.506   1.00 8.51  ? 60  PHE B N   1 
ATOM   1305 C  CA  . PHE B 1 63  ? 2.446   -9.682  9.420   1.00 7.87  ? 60  PHE B CA  1 
ATOM   1306 C  C   . PHE B 1 63  ? 3.676   -9.175  10.156  1.00 9.76  ? 60  PHE B C   1 
ATOM   1307 O  O   . PHE B 1 63  ? 3.775   -7.993  10.492  1.00 10.35 ? 60  PHE B O   1 
ATOM   1308 C  CB  . PHE B 1 63  ? 2.846   -9.912  7.958   1.00 9.03  ? 60  PHE B CB  1 
ATOM   1309 C  CG  . PHE B 1 63  ? 1.790   -10.577 7.138   1.00 8.75  ? 60  PHE B CG  1 
ATOM   1310 C  CD1 . PHE B 1 63  ? 1.844   -11.947 6.886   1.00 7.47  ? 60  PHE B CD1 1 
ATOM   1311 C  CD2 . PHE B 1 63  ? 0.716   -9.843  6.647   1.00 8.43  ? 60  PHE B CD2 1 
ATOM   1312 C  CE1 . PHE B 1 63  ? 0.837   -12.576 6.157   1.00 8.43  ? 60  PHE B CE1 1 
ATOM   1313 C  CE2 . PHE B 1 63  ? -0.297  -10.464 5.915   1.00 10.09 ? 60  PHE B CE2 1 
ATOM   1314 C  CZ  . PHE B 1 63  ? -0.235  -11.830 5.673   1.00 8.81  ? 60  PHE B CZ  1 
ATOM   1315 N  N   . VAL B 1 64  ? 4.602   -10.095 10.402  1.00 11.37 ? 61  VAL B N   1 
ATOM   1316 C  CA  . VAL B 1 64  ? 5.878   -9.802  11.037  1.00 13.16 ? 61  VAL B CA  1 
ATOM   1317 C  C   . VAL B 1 64  ? 6.914   -10.195 9.985   1.00 14.97 ? 61  VAL B C   1 
ATOM   1318 O  O   . VAL B 1 64  ? 6.768   -11.224 9.322   1.00 12.52 ? 61  VAL B O   1 
ATOM   1319 C  CB  . VAL B 1 64  ? 6.107   -10.658 12.304  1.00 14.91 ? 61  VAL B CB  1 
ATOM   1320 C  CG1 . VAL B 1 64  ? 7.568   -10.560 12.751  1.00 16.16 ? 61  VAL B CG1 1 
ATOM   1321 C  CG2 . VAL B 1 64  ? 5.190   -10.187 13.419  1.00 16.74 ? 61  VAL B CG2 1 
ATOM   1322 N  N   . LYS B 1 65  ? 7.941   -9.369  9.816   1.00 16.12 ? 62  LYS B N   1 
ATOM   1323 C  CA  . LYS B 1 65  ? 8.988   -9.657  8.842   1.00 19.32 ? 62  LYS B CA  1 
ATOM   1324 C  C   . LYS B 1 65  ? 10.279  -10.002 9.575   1.00 22.09 ? 62  LYS B C   1 
ATOM   1325 O  O   . LYS B 1 65  ? 10.723  -9.244  10.438  1.00 23.62 ? 62  LYS B O   1 
ATOM   1326 C  CB  . LYS B 1 65  ? 9.207   -8.445  7.936   1.00 19.75 ? 62  LYS B CB  1 
ATOM   1327 C  CG  . LYS B 1 65  ? 10.178  -8.693  6.789   1.00 23.58 ? 62  LYS B CG  1 
ATOM   1328 C  CD  . LYS B 1 65  ? 10.237  -7.505  5.841   1.00 26.73 ? 62  LYS B CD  1 
ATOM   1329 C  CE  . LYS B 1 65  ? 10.734  -6.256  6.552   1.00 29.46 ? 62  LYS B CE  1 
ATOM   1330 N  NZ  . LYS B 1 65  ? 12.063  -6.481  7.184   1.00 33.25 ? 62  LYS B NZ  1 
ATOM   1331 N  N   . ASN B 1 66  ? 10.878  -11.146 9.245   1.00 22.35 ? 63  ASN B N   1 
ATOM   1332 C  CA  . ASN B 1 66  ? 12.116  -11.552 9.907   1.00 23.29 ? 63  ASN B CA  1 
ATOM   1333 C  C   . ASN B 1 66  ? 13.361  -10.980 9.237   1.00 24.70 ? 63  ASN B C   1 
ATOM   1334 O  O   . ASN B 1 66  ? 13.268  -10.163 8.320   1.00 23.94 ? 63  ASN B O   1 
ATOM   1335 C  CB  . ASN B 1 66  ? 12.227  -13.083 9.994   1.00 21.78 ? 63  ASN B CB  1 
ATOM   1336 C  CG  . ASN B 1 66  ? 12.422  -13.748 8.639   1.00 19.72 ? 63  ASN B CG  1 
ATOM   1337 O  OD1 . ASN B 1 66  ? 12.827  -13.113 7.670   1.00 18.64 ? 63  ASN B OD1 1 
ATOM   1338 N  ND2 . ASN B 1 66  ? 12.150  -15.046 8.580   1.00 20.77 ? 63  ASN B ND2 1 
ATOM   1339 N  N   . GLU B 1 67  ? 14.525  -11.424 9.706   1.00 26.50 ? 64  GLU B N   1 
ATOM   1340 C  CA  . GLU B 1 67  ? 15.813  -10.965 9.192   1.00 28.62 ? 64  GLU B CA  1 
ATOM   1341 C  C   . GLU B 1 67  ? 16.003  -11.143 7.690   1.00 27.34 ? 64  GLU B C   1 
ATOM   1342 O  O   . GLU B 1 67  ? 16.612  -10.294 7.037   1.00 29.17 ? 64  GLU B O   1 
ATOM   1343 C  CB  . GLU B 1 67  ? 16.957  -11.680 9.922   1.00 31.21 ? 64  GLU B CB  1 
ATOM   1344 C  CG  . GLU B 1 67  ? 16.931  -11.528 11.431  1.00 35.01 ? 64  GLU B CG  1 
ATOM   1345 C  CD  . GLU B 1 67  ? 18.198  -12.043 12.091  1.00 36.46 ? 64  GLU B CD  1 
ATOM   1346 O  OE1 . GLU B 1 67  ? 18.581  -13.206 11.831  1.00 37.04 ? 64  GLU B OE1 1 
ATOM   1347 O  OE2 . GLU B 1 67  ? 18.807  -11.282 12.874  1.00 38.30 ? 64  GLU B OE2 1 
ATOM   1348 N  N   . ARG B 1 68  ? 15.499  -12.244 7.143   1.00 26.63 ? 65  ARG B N   1 
ATOM   1349 C  CA  . ARG B 1 68  ? 15.644  -12.506 5.714   1.00 25.01 ? 65  ARG B CA  1 
ATOM   1350 C  C   . ARG B 1 68  ? 14.506  -11.951 4.865   1.00 23.91 ? 65  ARG B C   1 
ATOM   1351 O  O   . ARG B 1 68  ? 14.389  -12.277 3.684   1.00 25.35 ? 65  ARG B O   1 
ATOM   1352 C  CB  . ARG B 1 68  ? 15.802  -14.009 5.464   1.00 25.22 ? 65  ARG B CB  1 
ATOM   1353 C  CG  . ARG B 1 68  ? 17.233  -14.515 5.659   1.00 26.43 ? 65  ARG B CG  1 
ATOM   1354 C  CD  . ARG B 1 68  ? 18.167  -13.930 4.602   1.00 24.59 ? 65  ARG B CD  1 
ATOM   1355 N  NE  . ARG B 1 68  ? 19.571  -14.266 4.837   1.00 24.47 ? 65  ARG B NE  1 
ATOM   1356 C  CZ  . ARG B 1 68  ? 20.565  -13.916 4.025   1.00 23.47 ? 65  ARG B CZ  1 
ATOM   1357 N  NH1 . ARG B 1 68  ? 20.313  -13.221 2.924   1.00 24.48 ? 65  ARG B NH1 1 
ATOM   1358 N  NH2 . ARG B 1 68  ? 21.814  -14.256 4.315   1.00 23.75 ? 65  ARG B NH2 1 
ATOM   1359 N  N   . GLY B 1 69  ? 13.673  -11.109 5.466   1.00 21.92 ? 66  GLY B N   1 
ATOM   1360 C  CA  . GLY B 1 69  ? 12.572  -10.518 4.728   1.00 20.04 ? 66  GLY B CA  1 
ATOM   1361 C  C   . GLY B 1 69  ? 11.341  -11.393 4.592   1.00 17.95 ? 66  GLY B C   1 
ATOM   1362 O  O   . GLY B 1 69  ? 10.382  -11.003 3.926   1.00 18.60 ? 66  GLY B O   1 
ATOM   1363 N  N   . GLU B 1 70  ? 11.357  -12.575 5.202   1.00 15.90 ? 67  GLU B N   1 
ATOM   1364 C  CA  . GLU B 1 70  ? 10.206  -13.471 5.129   1.00 15.30 ? 67  GLU B CA  1 
ATOM   1365 C  C   . GLU B 1 70  ? 9.070   -12.919 5.988   1.00 13.03 ? 67  GLU B C   1 
ATOM   1366 O  O   . GLU B 1 70  ? 9.304   -12.140 6.914   1.00 13.47 ? 67  GLU B O   1 
ATOM   1367 C  CB  . GLU B 1 70  ? 10.582  -14.874 5.606   1.00 17.16 ? 67  GLU B CB  1 
ATOM   1368 C  CG  . GLU B 1 70  ? 11.599  -15.577 4.725   1.00 21.82 ? 67  GLU B CG  1 
ATOM   1369 C  CD  . GLU B 1 70  ? 11.912  -16.975 5.210   1.00 27.19 ? 67  GLU B CD  1 
ATOM   1370 O  OE1 . GLU B 1 70  ? 12.345  -17.119 6.372   1.00 28.29 ? 67  GLU B OE1 1 
ATOM   1371 O  OE2 . GLU B 1 70  ? 11.725  -17.930 4.427   1.00 30.23 ? 67  GLU B OE2 1 
ATOM   1372 N  N   . LEU B 1 71  ? 7.846   -13.343 5.691   1.00 12.12 ? 68  LEU B N   1 
ATOM   1373 C  CA  . LEU B 1 71  ? 6.677   -12.860 6.425   1.00 11.07 ? 68  LEU B CA  1 
ATOM   1374 C  C   . LEU B 1 71  ? 5.887   -13.944 7.145   1.00 10.83 ? 68  LEU B C   1 
ATOM   1375 O  O   . LEU B 1 71  ? 5.731   -15.062 6.648   1.00 11.27 ? 68  LEU B O   1 
ATOM   1376 C  CB  . LEU B 1 71  ? 5.725   -12.138 5.465   1.00 9.74  ? 68  LEU B CB  1 
ATOM   1377 C  CG  . LEU B 1 71  ? 6.286   -10.993 4.622   1.00 11.42 ? 68  LEU B CG  1 
ATOM   1378 C  CD1 . LEU B 1 71  ? 5.202   -10.491 3.673   1.00 12.51 ? 68  LEU B CD1 1 
ATOM   1379 C  CD2 . LEU B 1 71  ? 6.775   -9.865  5.519   1.00 11.91 ? 68  LEU B CD2 1 
ATOM   1380 N  N   . ALA B 1 72  ? 5.368   -13.592 8.317   1.00 10.74 ? 69  ALA B N   1 
ATOM   1381 C  CA  . ALA B 1 72  ? 4.548   -14.501 9.109   1.00 10.17 ? 69  ALA B CA  1 
ATOM   1382 C  C   . ALA B 1 72  ? 3.285   -13.753 9.518   1.00 9.75  ? 69  ALA B C   1 
ATOM   1383 O  O   . ALA B 1 72  ? 3.355   -12.601 9.950   1.00 10.20 ? 69  ALA B O   1 
ATOM   1384 C  CB  . ALA B 1 72  ? 5.304   -14.957 10.352  1.00 11.87 ? 69  ALA B CB  1 
ATOM   1385 N  N   . LEU B 1 73  ? 2.135   -14.405 9.373   1.00 11.06 ? 70  LEU B N   1 
ATOM   1386 C  CA  . LEU B 1 73  ? 0.865   -13.793 9.753   1.00 11.70 ? 70  LEU B CA  1 
ATOM   1387 C  C   . LEU B 1 73  ? 0.862   -13.628 11.277  1.00 14.22 ? 70  LEU B C   1 
ATOM   1388 O  O   . LEU B 1 73  ? 1.095   -14.589 12.014  1.00 15.87 ? 70  LEU B O   1 
ATOM   1389 C  CB  . LEU B 1 73  ? -0.299  -14.684 9.298   1.00 12.75 ? 70  LEU B CB  1 
ATOM   1390 C  CG  . LEU B 1 73  ? -1.741  -14.228 9.564   1.00 13.09 ? 70  LEU B CG  1 
ATOM   1391 C  CD1 . LEU B 1 73  ? -2.023  -14.269 11.051  1.00 19.57 ? 70  LEU B CD1 1 
ATOM   1392 C  CD2 . LEU B 1 73  ? -1.967  -12.829 8.999   1.00 11.69 ? 70  LEU B CD2 1 
ATOM   1393 N  N   . GLU B 1 74  ? 0.592   -12.410 11.744  1.00 13.60 ? 71  GLU B N   1 
ATOM   1394 C  CA  . GLU B 1 74  ? 0.589   -12.122 13.177  1.00 14.79 ? 71  GLU B CA  1 
ATOM   1395 C  C   . GLU B 1 74  ? -0.718  -12.427 13.902  1.00 14.84 ? 71  GLU B C   1 
ATOM   1396 O  O   . GLU B 1 74  ? -0.708  -12.908 15.038  1.00 14.91 ? 71  GLU B O   1 
ATOM   1397 C  CB  . GLU B 1 74  ? 0.937   -10.650 13.418  1.00 16.87 ? 71  GLU B CB  1 
ATOM   1398 C  CG  . GLU B 1 74  ? 0.852   -10.237 14.888  1.00 23.72 ? 71  GLU B CG  1 
ATOM   1399 C  CD  . GLU B 1 74  ? 0.885   -8.735  15.085  1.00 28.24 ? 71  GLU B CD  1 
ATOM   1400 O  OE1 . GLU B 1 74  ? 1.832   -8.087  14.598  1.00 30.50 ? 71  GLU B OE1 1 
ATOM   1401 O  OE2 . GLU B 1 74  ? -0.038  -8.198  15.735  1.00 32.34 ? 71  GLU B OE2 1 
ATOM   1402 N  N   . LYS B 1 75  ? -1.839  -12.156 13.247  1.00 12.57 ? 72  LYS B N   1 
ATOM   1403 C  CA  . LYS B 1 75  ? -3.142  -12.357 13.868  1.00 14.80 ? 72  LYS B CA  1 
ATOM   1404 C  C   . LYS B 1 75  ? -4.222  -12.553 12.814  1.00 13.98 ? 72  LYS B C   1 
ATOM   1405 O  O   . LYS B 1 75  ? -4.113  -12.022 11.713  1.00 13.48 ? 72  LYS B O   1 
ATOM   1406 C  CB  . LYS B 1 75  ? -3.473  -11.122 14.715  1.00 18.43 ? 72  LYS B CB  1 
ATOM   1407 C  CG  . LYS B 1 75  ? -4.802  -11.160 15.442  1.00 23.86 ? 72  LYS B CG  1 
ATOM   1408 C  CD  . LYS B 1 75  ? -5.062  -9.837  16.162  1.00 26.32 ? 72  LYS B CD  1 
ATOM   1409 C  CE  . LYS B 1 75  ? -3.960  -9.522  17.164  1.00 29.99 ? 72  LYS B CE  1 
ATOM   1410 N  NZ  . LYS B 1 75  ? -4.207  -8.246  17.897  1.00 34.07 ? 72  LYS B NZ  1 
ATOM   1411 N  N   . GLN B 1 76  ? -5.259  -13.314 13.156  1.00 13.80 ? 73  GLN B N   1 
ATOM   1412 C  CA  . GLN B 1 76  ? -6.373  -13.553 12.240  1.00 13.06 ? 73  GLN B CA  1 
ATOM   1413 C  C   . GLN B 1 76  ? -7.332  -12.375 12.369  1.00 14.34 ? 73  GLN B C   1 
ATOM   1414 O  O   . GLN B 1 76  ? -8.401  -12.483 12.971  1.00 13.94 ? 73  GLN B O   1 
ATOM   1415 C  CB  . GLN B 1 76  ? -7.088  -14.860 12.598  1.00 15.11 ? 73  GLN B CB  1 
ATOM   1416 C  CG  . GLN B 1 76  ? -8.300  -15.199 11.726  1.00 14.19 ? 73  GLN B CG  1 
ATOM   1417 C  CD  . GLN B 1 76  ? -7.989  -15.203 10.242  1.00 14.93 ? 73  GLN B CD  1 
ATOM   1418 O  OE1 . GLN B 1 76  ? -6.961  -15.729 9.808   1.00 14.71 ? 73  GLN B OE1 1 
ATOM   1419 N  NE2 . GLN B 1 76  ? -8.886  -14.629 9.454   1.00 13.37 ? 73  GLN B NE2 1 
ATOM   1420 N  N   . GLU B 1 77  ? -6.931  -11.241 11.807  1.00 12.90 ? 74  GLU B N   1 
ATOM   1421 C  CA  . GLU B 1 77  ? -7.739  -10.034 11.864  1.00 12.32 ? 74  GLU B CA  1 
ATOM   1422 C  C   . GLU B 1 77  ? -7.506  -9.149  10.648  1.00 11.99 ? 74  GLU B C   1 
ATOM   1423 O  O   . GLU B 1 77  ? -6.382  -9.020  10.166  1.00 12.95 ? 74  GLU B O   1 
ATOM   1424 C  CB  . GLU B 1 77  ? -7.427  -9.245  13.143  1.00 15.12 ? 74  GLU B CB  1 
ATOM   1425 C  CG  . GLU B 1 77  ? -8.132  -7.893  13.238  1.00 18.10 ? 74  GLU B CG  1 
ATOM   1426 C  CD  . GLU B 1 77  ? -8.050  -7.276  14.629  1.00 22.36 ? 74  GLU B CD  1 
ATOM   1427 O  OE1 . GLU B 1 77  ? -6.943  -7.229  15.202  1.00 23.86 ? 74  GLU B OE1 1 
ATOM   1428 O  OE2 . GLU B 1 77  ? -9.098  -6.829  15.148  1.00 25.61 ? 74  GLU B OE2 1 
ATOM   1429 N  N   . TRP B 1 78  ? -8.586  -8.554  10.158  1.00 9.73  ? 75  TRP B N   1 
ATOM   1430 C  CA  . TRP B 1 78  ? -8.529  -7.656  9.016   1.00 8.60  ? 75  TRP B CA  1 
ATOM   1431 C  C   . TRP B 1 78  ? -8.848  -6.243  9.489   1.00 9.70  ? 75  TRP B C   1 
ATOM   1432 O  O   . TRP B 1 78  ? -9.671  -6.045  10.381  1.00 8.17  ? 75  TRP B O   1 
ATOM   1433 C  CB  . TRP B 1 78  ? -9.557  -8.055  7.952   1.00 9.55  ? 75  TRP B CB  1 
ATOM   1434 C  CG  . TRP B 1 78  ? -9.190  -9.260  7.134   1.00 9.08  ? 75  TRP B CG  1 
ATOM   1435 C  CD1 . TRP B 1 78  ? -9.398  -10.572 7.457   1.00 9.60  ? 75  TRP B CD1 1 
ATOM   1436 C  CD2 . TRP B 1 78  ? -8.566  -9.257  5.845   1.00 8.87  ? 75  TRP B CD2 1 
ATOM   1437 N  NE1 . TRP B 1 78  ? -8.943  -11.386 6.444   1.00 8.76  ? 75  TRP B NE1 1 
ATOM   1438 C  CE2 . TRP B 1 78  ? -8.428  -10.606 5.444   1.00 9.60  ? 75  TRP B CE2 1 
ATOM   1439 C  CE3 . TRP B 1 78  ? -8.110  -8.244  4.987   1.00 10.50 ? 75  TRP B CE3 1 
ATOM   1440 C  CZ2 . TRP B 1 78  ? -7.852  -10.970 4.222   1.00 9.55  ? 75  TRP B CZ2 1 
ATOM   1441 C  CZ3 . TRP B 1 78  ? -7.537  -8.608  3.770   1.00 10.10 ? 75  TRP B CZ3 1 
ATOM   1442 C  CH2 . TRP B 1 78  ? -7.414  -9.961  3.402   1.00 9.90  ? 75  TRP B CH2 1 
ATOM   1443 N  N   . THR B 1 79  ? -8.188  -5.268  8.881   1.00 7.90  ? 76  THR B N   1 
ATOM   1444 C  CA  . THR B 1 79  ? -8.398  -3.860  9.189   1.00 9.24  ? 76  THR B CA  1 
ATOM   1445 C  C   . THR B 1 79  ? -8.938  -3.212  7.923   1.00 10.61 ? 76  THR B C   1 
ATOM   1446 O  O   . THR B 1 79  ? -8.482  -3.524  6.825   1.00 9.69  ? 76  THR B O   1 
ATOM   1447 C  CB  . THR B 1 79  ? -7.074  -3.174  9.574   1.00 11.38 ? 76  THR B CB  1 
ATOM   1448 O  OG1 . THR B 1 79  ? -6.613  -3.709  10.820  1.00 12.30 ? 76  THR B OG1 1 
ATOM   1449 C  CG2 . THR B 1 79  ? -7.259  -1.657  9.708   1.00 11.83 ? 76  THR B CG2 1 
ATOM   1450 N  N   . VAL B 1 80  ? -9.915  -2.322  8.070   1.00 8.79  ? 77  VAL B N   1 
ATOM   1451 C  CA  . VAL B 1 80  ? -10.488 -1.645  6.915   1.00 9.06  ? 77  VAL B CA  1 
ATOM   1452 C  C   . VAL B 1 80  ? -10.129 -0.164  6.969   1.00 9.63  ? 77  VAL B C   1 
ATOM   1453 O  O   . VAL B 1 80  ? -10.416 0.518   7.953   1.00 10.19 ? 77  VAL B O   1 
ATOM   1454 C  CB  . VAL B 1 80  ? -12.029 -1.789  6.872   1.00 8.66  ? 77  VAL B CB  1 
ATOM   1455 C  CG1 . VAL B 1 80  ? -12.592 -0.965  5.722   1.00 11.10 ? 77  VAL B CG1 1 
ATOM   1456 C  CG2 . VAL B 1 80  ? -12.415 -3.248  6.689   1.00 9.56  ? 77  VAL B CG2 1 
ATOM   1457 N  N   . ARG B 1 81  ? -9.491  0.315   5.907   1.00 9.43  ? 78  ARG B N   1 
ATOM   1458 C  CA  . ARG B 1 81  ? -9.083  1.709   5.809   1.00 10.35 ? 78  ARG B CA  1 
ATOM   1459 C  C   . ARG B 1 81  ? -9.959  2.421   4.788   1.00 11.62 ? 78  ARG B C   1 
ATOM   1460 O  O   . ARG B 1 81  ? -9.840  2.197   3.586   1.00 12.15 ? 78  ARG B O   1 
ATOM   1461 C  CB  . ARG B 1 81  ? -7.611  1.802   5.392   1.00 10.03 ? 78  ARG B CB  1 
ATOM   1462 C  CG  . ARG B 1 81  ? -7.060  3.222   5.397   1.00 10.36 ? 78  ARG B CG  1 
ATOM   1463 C  CD  . ARG B 1 81  ? -5.639  3.281   4.842   1.00 10.96 ? 78  ARG B CD  1 
ATOM   1464 N  NE  . ARG B 1 81  ? -4.685  2.524   5.650   1.00 11.69 ? 78  ARG B NE  1 
ATOM   1465 C  CZ  . ARG B 1 81  ? -3.394  2.396   5.351   1.00 11.40 ? 78  ARG B CZ  1 
ATOM   1466 N  NH1 . ARG B 1 81  ? -2.901  2.974   4.262   1.00 11.05 ? 78  ARG B NH1 1 
ATOM   1467 N  NH2 . ARG B 1 81  ? -2.592  1.694   6.141   1.00 13.09 ? 78  ARG B NH2 1 
ATOM   1468 N  N   . LYS B 1 82  ? -10.852 3.271   5.283   1.00 15.47 ? 79  LYS B N   1 
ATOM   1469 C  CA  . LYS B 1 82  ? -11.759 4.019   4.429   1.00 17.15 ? 79  LYS B CA  1 
ATOM   1470 C  C   . LYS B 1 82  ? -11.786 5.465   4.898   1.00 17.97 ? 79  LYS B C   1 
ATOM   1471 O  O   . LYS B 1 82  ? -11.764 5.733   6.099   1.00 15.77 ? 79  LYS B O   1 
ATOM   1472 C  CB  . LYS B 1 82  ? -13.169 3.422   4.495   1.00 21.39 ? 79  LYS B CB  1 
ATOM   1473 C  CG  . LYS B 1 82  ? -14.200 4.199   3.689   1.00 25.59 ? 79  LYS B CG  1 
ATOM   1474 C  CD  . LYS B 1 82  ? -15.590 3.591   3.798   1.00 30.16 ? 79  LYS B CD  1 
ATOM   1475 C  CE  . LYS B 1 82  ? -15.655 2.211   3.166   1.00 31.47 ? 79  LYS B CE  1 
ATOM   1476 N  NZ  . LYS B 1 82  ? -17.050 1.683   3.174   1.00 34.48 ? 79  LYS B NZ  1 
ATOM   1477 N  N   . ASP B 1 83  ? -11.827 6.391   3.944   1.00 18.94 ? 80  ASP B N   1 
ATOM   1478 C  CA  . ASP B 1 83  ? -11.845 7.814   4.255   1.00 20.35 ? 80  ASP B CA  1 
ATOM   1479 C  C   . ASP B 1 83  ? -10.622 8.217   5.079   1.00 20.81 ? 80  ASP B C   1 
ATOM   1480 O  O   . ASP B 1 83  ? -10.687 9.133   5.894   1.00 20.76 ? 80  ASP B O   1 
ATOM   1481 C  CB  . ASP B 1 83  ? -13.125 8.176   5.014   1.00 23.41 ? 80  ASP B CB  1 
ATOM   1482 C  CG  . ASP B 1 83  ? -14.379 7.825   4.238   1.00 23.68 ? 80  ASP B CG  1 
ATOM   1483 O  OD1 . ASP B 1 83  ? -14.481 8.223   3.059   1.00 27.82 ? 80  ASP B OD1 1 
ATOM   1484 O  OD2 . ASP B 1 83  ? -15.264 7.156   4.808   1.00 28.08 ? 80  ASP B OD2 1 
ATOM   1485 N  N   . GLY B 1 84  ? -9.514  7.513   4.872   1.00 20.60 ? 81  GLY B N   1 
ATOM   1486 C  CA  . GLY B 1 84  ? -8.289  7.822   5.590   1.00 20.59 ? 81  GLY B CA  1 
ATOM   1487 C  C   . GLY B 1 84  ? -8.228  7.393   7.048   1.00 20.27 ? 81  GLY B C   1 
ATOM   1488 O  O   . GLY B 1 84  ? -7.301  7.768   7.765   1.00 21.78 ? 81  GLY B O   1 
ATOM   1489 N  N   . ARG B 1 85  ? -9.203  6.606   7.491   1.00 16.47 ? 82  ARG B N   1 
ATOM   1490 C  CA  . ARG B 1 85  ? -9.238  6.149   8.877   1.00 17.30 ? 82  ARG B CA  1 
ATOM   1491 C  C   . ARG B 1 85  ? -9.348  4.630   8.914   1.00 13.07 ? 82  ARG B C   1 
ATOM   1492 O  O   . ARG B 1 85  ? -9.928  4.029   8.014   1.00 13.92 ? 82  ARG B O   1 
ATOM   1493 C  CB  . ARG B 1 85  ? -10.438 6.760   9.599   1.00 19.07 ? 82  ARG B CB  1 
ATOM   1494 C  CG  . ARG B 1 85  ? -10.589 8.258   9.389   1.00 27.09 ? 82  ARG B CG  1 
ATOM   1495 C  CD  . ARG B 1 85  ? -9.449  9.039   10.018  1.00 31.05 ? 82  ARG B CD  1 
ATOM   1496 N  NE  . ARG B 1 85  ? -9.393  8.848   11.463  1.00 36.39 ? 82  ARG B NE  1 
ATOM   1497 C  CZ  . ARG B 1 85  ? -8.671  9.600   12.289  1.00 37.54 ? 82  ARG B CZ  1 
ATOM   1498 N  NH1 . ARG B 1 85  ? -7.942  10.599  11.812  1.00 39.28 ? 82  ARG B NH1 1 
ATOM   1499 N  NH2 . ARG B 1 85  ? -8.681  9.356   13.593  1.00 39.03 ? 82  ARG B NH2 1 
ATOM   1500 N  N   . GLU B 1 86  ? -8.805  4.014   9.956   1.00 13.77 ? 83  GLU B N   1 
ATOM   1501 C  CA  . GLU B 1 86  ? -8.855  2.562   10.067  1.00 13.71 ? 83  GLU B CA  1 
ATOM   1502 C  C   . GLU B 1 86  ? -9.784  2.044   11.156  1.00 15.71 ? 83  GLU B C   1 
ATOM   1503 O  O   . GLU B 1 86  ? -9.930  2.654   12.217  1.00 16.42 ? 83  GLU B O   1 
ATOM   1504 C  CB  . GLU B 1 86  ? -7.455  2.001   10.304  1.00 13.98 ? 83  GLU B CB  1 
ATOM   1505 C  CG  . GLU B 1 86  ? -6.461  2.377   9.227   1.00 15.66 ? 83  GLU B CG  1 
ATOM   1506 C  CD  . GLU B 1 86  ? -5.284  1.431   9.174   1.00 16.75 ? 83  GLU B CD  1 
ATOM   1507 O  OE1 . GLU B 1 86  ? -4.804  1.013   10.253  1.00 16.37 ? 83  GLU B OE1 1 
ATOM   1508 O  OE2 . GLU B 1 86  ? -4.840  1.112   8.053   1.00 15.42 ? 83  GLU B OE2 1 
ATOM   1509 N  N   . LYS B 1 87  ? -10.407 0.907   10.863  1.00 15.38 ? 84  LYS B N   1 
ATOM   1510 C  CA  . LYS B 1 87  ? -11.316 0.230   11.778  1.00 15.74 ? 84  LYS B CA  1 
ATOM   1511 C  C   . LYS B 1 87  ? -10.861 -1.223  11.817  1.00 17.23 ? 84  LYS B C   1 
ATOM   1512 O  O   . LYS B 1 87  ? -10.622 -1.824  10.770  1.00 13.18 ? 84  LYS B O   1 
ATOM   1513 C  CB  . LYS B 1 87  ? -12.757 0.304   11.262  1.00 17.65 ? 84  LYS B CB  1 
ATOM   1514 C  CG  . LYS B 1 87  ? -13.347 1.706   11.238  1.00 23.05 ? 84  LYS B CG  1 
ATOM   1515 C  CD  . LYS B 1 87  ? -14.788 1.702   10.733  1.00 26.61 ? 84  LYS B CD  1 
ATOM   1516 C  CE  . LYS B 1 87  ? -15.709 0.934   11.676  1.00 30.48 ? 84  LYS B CE  1 
ATOM   1517 N  NZ  . LYS B 1 87  ? -17.136 0.990   11.235  1.00 32.20 ? 84  LYS B NZ  1 
ATOM   1518 N  N   . LYS B 1 88  ? -10.734 -1.782  13.018  1.00 18.30 ? 85  LYS B N   1 
ATOM   1519 C  CA  . LYS B 1 88  ? -10.297 -3.169  13.167  1.00 20.64 ? 85  LYS B CA  1 
ATOM   1520 C  C   . LYS B 1 88  ? -11.447 -4.018  13.702  1.00 20.04 ? 85  LYS B C   1 
ATOM   1521 O  O   . LYS B 1 88  ? -12.598 -3.592  13.691  1.00 19.43 ? 85  LYS B O   1 
ATOM   1522 C  CB  . LYS B 1 88  ? -9.115  -3.259  14.141  1.00 23.74 ? 85  LYS B CB  1 
ATOM   1523 C  CG  . LYS B 1 88  ? -8.413  -1.938  14.438  1.00 28.69 ? 85  LYS B CG  1 
ATOM   1524 C  CD  . LYS B 1 88  ? -7.746  -1.352  13.207  1.00 31.60 ? 85  LYS B CD  1 
ATOM   1525 C  CE  . LYS B 1 88  ? -7.004  -0.062  13.540  1.00 33.53 ? 85  LYS B CE  1 
ATOM   1526 N  NZ  . LYS B 1 88  ? -7.913  0.993   14.079  1.00 34.85 ? 85  LYS B NZ  1 
ATOM   1527 N  N   . GLY B 1 89  ? -11.130 -5.227  14.159  1.00 21.15 ? 86  GLY B N   1 
ATOM   1528 C  CA  . GLY B 1 89  ? -12.158 -6.092  14.714  1.00 21.71 ? 86  GLY B CA  1 
ATOM   1529 C  C   . GLY B 1 89  ? -12.786 -7.096  13.768  1.00 20.53 ? 86  GLY B C   1 
ATOM   1530 O  O   . GLY B 1 89  ? -13.609 -7.910  14.184  1.00 22.18 ? 86  GLY B O   1 
ATOM   1531 N  N   . PHE B 1 90  ? -12.411 -7.045  12.495  1.00 17.83 ? 87  PHE B N   1 
ATOM   1532 C  CA  . PHE B 1 90  ? -12.956 -7.972  11.509  1.00 14.66 ? 87  PHE B CA  1 
ATOM   1533 C  C   . PHE B 1 90  ? -12.110 -9.236  11.541  1.00 15.07 ? 87  PHE B C   1 
ATOM   1534 O  O   . PHE B 1 90  ? -10.886 -9.175  11.449  1.00 15.93 ? 87  PHE B O   1 
ATOM   1535 C  CB  . PHE B 1 90  ? -12.938 -7.304  10.136  1.00 14.19 ? 87  PHE B CB  1 
ATOM   1536 C  CG  . PHE B 1 90  ? -13.629 -5.973  10.125  1.00 13.75 ? 87  PHE B CG  1 
ATOM   1537 C  CD1 . PHE B 1 90  ? -15.016 -5.899  10.202  1.00 16.16 ? 87  PHE B CD1 1 
ATOM   1538 C  CD2 . PHE B 1 90  ? -12.892 -4.791  10.127  1.00 14.07 ? 87  PHE B CD2 1 
ATOM   1539 C  CE1 . PHE B 1 90  ? -15.661 -4.669  10.284  1.00 15.52 ? 87  PHE B CE1 1 
ATOM   1540 C  CE2 . PHE B 1 90  ? -13.528 -3.556  10.210  1.00 14.68 ? 87  PHE B CE2 1 
ATOM   1541 C  CZ  . PHE B 1 90  ? -14.917 -3.495  10.290  1.00 16.70 ? 87  PHE B CZ  1 
ATOM   1542 N  N   . HIS B 1 91  ? -12.762 -10.385 11.683  1.00 12.86 ? 88  HIS B N   1 
ATOM   1543 C  CA  . HIS B 1 91  ? -12.027 -11.635 11.789  1.00 13.73 ? 88  HIS B CA  1 
ATOM   1544 C  C   . HIS B 1 91  ? -11.959 -12.514 10.551  1.00 11.80 ? 88  HIS B C   1 
ATOM   1545 O  O   . HIS B 1 91  ? -11.462 -13.638 10.609  1.00 12.84 ? 88  HIS B O   1 
ATOM   1546 C  CB  . HIS B 1 91  ? -12.565 -12.421 12.985  1.00 15.87 ? 88  HIS B CB  1 
ATOM   1547 C  CG  . HIS B 1 91  ? -12.513 -11.650 14.268  1.00 20.51 ? 88  HIS B CG  1 
ATOM   1548 N  ND1 . HIS B 1 91  ? -11.355 -11.066 14.736  1.00 23.74 ? 88  HIS B ND1 1 
ATOM   1549 C  CD2 . HIS B 1 91  ? -13.479 -11.338 15.163  1.00 22.56 ? 88  HIS B CD2 1 
ATOM   1550 C  CE1 . HIS B 1 91  ? -11.609 -10.426 15.863  1.00 23.74 ? 88  HIS B CE1 1 
ATOM   1551 N  NE2 . HIS B 1 91  ? -12.891 -10.575 16.144  1.00 24.50 ? 88  HIS B NE2 1 
ATOM   1552 N  N   . SER B 1 92  ? -12.436 -11.999 9.424   1.00 12.21 ? 89  SER B N   1 
ATOM   1553 C  CA  . SER B 1 92  ? -12.385 -12.752 8.176   1.00 10.69 ? 89  SER B CA  1 
ATOM   1554 C  C   . SER B 1 92  ? -12.509 -11.789 7.013   1.00 11.62 ? 89  SER B C   1 
ATOM   1555 O  O   . SER B 1 92  ? -12.942 -10.651 7.184   1.00 11.02 ? 89  SER B O   1 
ATOM   1556 C  CB  . SER B 1 92  ? -13.516 -13.780 8.107   1.00 12.93 ? 89  SER B CB  1 
ATOM   1557 O  OG  . SER B 1 92  ? -14.774 -13.141 7.985   1.00 13.61 ? 89  SER B OG  1 
ATOM   1558 N  N   . LEU B 1 93  ? -12.116 -12.246 5.831   1.00 11.75 ? 90  LEU B N   1 
ATOM   1559 C  CA  . LEU B 1 93  ? -12.204 -11.413 4.644   1.00 12.57 ? 90  LEU B CA  1 
ATOM   1560 C  C   . LEU B 1 93  ? -13.675 -11.100 4.373   1.00 11.43 ? 90  LEU B C   1 
ATOM   1561 O  O   . LEU B 1 93  ? -14.024 -9.975  4.019   1.00 11.37 ? 90  LEU B O   1 
ATOM   1562 C  CB  . LEU B 1 93  ? -11.579 -12.138 3.450   1.00 12.60 ? 90  LEU B CB  1 
ATOM   1563 C  CG  . LEU B 1 93  ? -11.682 -11.457 2.082   1.00 14.06 ? 90  LEU B CG  1 
ATOM   1564 C  CD1 . LEU B 1 93  ? -11.121 -10.046 2.167   1.00 13.80 ? 90  LEU B CD1 1 
ATOM   1565 C  CD2 . LEU B 1 93  ? -10.918 -12.279 1.041   1.00 15.25 ? 90  LEU B CD2 1 
ATOM   1566 N  N   . GLN B 1 94  ? -14.541 -12.093 4.549   1.00 13.50 ? 91  GLN B N   1 
ATOM   1567 C  CA  . GLN B 1 94  ? -15.967 -11.873 4.322   1.00 15.03 ? 91  GLN B CA  1 
ATOM   1568 C  C   . GLN B 1 94  ? -16.478 -10.746 5.214   1.00 14.19 ? 91  GLN B C   1 
ATOM   1569 O  O   . GLN B 1 94  ? -17.249 -9.891  4.771   1.00 13.86 ? 91  GLN B O   1 
ATOM   1570 C  CB  . GLN B 1 94  ? -16.763 -13.155 4.589   1.00 18.94 ? 91  GLN B CB  1 
ATOM   1571 C  CG  . GLN B 1 94  ? -16.488 -14.280 3.600   1.00 25.56 ? 91  GLN B CG  1 
ATOM   1572 C  CD  . GLN B 1 94  ? -17.549 -15.368 3.643   1.00 29.74 ? 91  GLN B CD  1 
ATOM   1573 O  OE1 . GLN B 1 94  ? -17.878 -15.891 4.708   1.00 32.95 ? 91  GLN B OE1 1 
ATOM   1574 N  NE2 . GLN B 1 94  ? -18.087 -15.716 2.479   1.00 32.12 ? 91  GLN B NE2 1 
ATOM   1575 N  N   . GLU B 1 95  ? -16.046 -10.738 6.470   1.00 12.82 ? 92  GLU B N   1 
ATOM   1576 C  CA  . GLU B 1 95  ? -16.458 -9.689  7.400   1.00 13.24 ? 92  GLU B CA  1 
ATOM   1577 C  C   . GLU B 1 95  ? -15.935 -8.329  6.960   1.00 11.93 ? 92  GLU B C   1 
ATOM   1578 O  O   . GLU B 1 95  ? -16.644 -7.328  7.036   1.00 12.01 ? 92  GLU B O   1 
ATOM   1579 C  CB  . GLU B 1 95  ? -15.941 -9.987  8.807   1.00 16.99 ? 92  GLU B CB  1 
ATOM   1580 C  CG  . GLU B 1 95  ? -16.608 -11.167 9.479   1.00 19.40 ? 92  GLU B CG  1 
ATOM   1581 C  CD  . GLU B 1 95  ? -15.931 -11.529 10.778  1.00 23.04 ? 92  GLU B CD  1 
ATOM   1582 O  OE1 . GLU B 1 95  ? -15.754 -10.624 11.629  1.00 20.49 ? 92  GLU B OE1 1 
ATOM   1583 O  OE2 . GLU B 1 95  ? -15.575 -12.717 10.943  1.00 25.47 ? 92  GLU B OE2 1 
ATOM   1584 N  N   . ALA B 1 96  ? -14.682 -8.293  6.518   1.00 11.27 ? 93  ALA B N   1 
ATOM   1585 C  CA  . ALA B 1 96  ? -14.080 -7.047  6.068   1.00 10.40 ? 93  ALA B CA  1 
ATOM   1586 C  C   . ALA B 1 96  ? -14.821 -6.519  4.845   1.00 11.45 ? 93  ALA B C   1 
ATOM   1587 O  O   . ALA B 1 96  ? -15.086 -5.323  4.742   1.00 12.12 ? 93  ALA B O   1 
ATOM   1588 C  CB  . ALA B 1 96  ? -12.590 -7.262  5.735   1.00 9.80  ? 93  ALA B CB  1 
HETATM 1589 N  N   . MSE B 1 97  ? -15.157 -7.414  3.920   1.00 12.52 ? 94  MSE B N   1 
HETATM 1590 C  CA  . MSE B 1 97  ? -15.866 -7.013  2.712   1.00 13.86 ? 94  MSE B CA  1 
HETATM 1591 C  C   . MSE B 1 97  ? -17.280 -6.544  3.043   1.00 16.06 ? 94  MSE B C   1 
HETATM 1592 O  O   . MSE B 1 97  ? -17.815 -5.654  2.381   1.00 16.88 ? 94  MSE B O   1 
HETATM 1593 C  CB  . MSE B 1 97  ? -15.912 -8.168  1.706   1.00 16.01 ? 94  MSE B CB  1 
HETATM 1594 C  CG  . MSE B 1 97  ? -14.592 -8.413  0.973   1.00 15.95 ? 94  MSE B CG  1 
HETATM 1595 SE SE  . MSE B 1 97  ? -13.917 -6.822  0.105   1.00 19.44 ? 94  MSE B SE  1 
HETATM 1596 C  CE  . MSE B 1 97  ? -15.496 -6.343  -0.898  1.00 16.62 ? 94  MSE B CE  1 
ATOM   1597 N  N   . GLU B 1 98  ? -17.883 -7.139  4.067   1.00 16.84 ? 95  GLU B N   1 
ATOM   1598 C  CA  . GLU B 1 98  ? -19.227 -6.738  4.483   1.00 19.39 ? 95  GLU B CA  1 
ATOM   1599 C  C   . GLU B 1 98  ? -19.164 -5.261  4.871   1.00 18.84 ? 95  GLU B C   1 
ATOM   1600 O  O   . GLU B 1 98  ? -20.060 -4.478  4.550   1.00 18.42 ? 95  GLU B O   1 
ATOM   1601 C  CB  . GLU B 1 98  ? -19.691 -7.585  5.675   1.00 21.04 ? 95  GLU B CB  1 
ATOM   1602 C  CG  . GLU B 1 98  ? -21.053 -7.197  6.231   1.00 26.73 ? 95  GLU B CG  1 
ATOM   1603 C  CD  . GLU B 1 98  ? -21.534 -8.144  7.319   1.00 30.43 ? 95  GLU B CD  1 
ATOM   1604 O  OE1 . GLU B 1 98  ? -20.832 -8.293  8.344   1.00 31.16 ? 95  GLU B OE1 1 
ATOM   1605 O  OE2 . GLU B 1 98  ? -22.619 -8.740  7.150   1.00 33.68 ? 95  GLU B OE2 1 
ATOM   1606 N  N   . GLU B 1 99  ? -18.084 -4.883  5.552   1.00 18.24 ? 96  GLU B N   1 
ATOM   1607 C  CA  . GLU B 1 99  ? -17.879 -3.502  5.979   1.00 17.10 ? 96  GLU B CA  1 
ATOM   1608 C  C   . GLU B 1 99  ? -17.612 -2.616  4.760   1.00 17.50 ? 96  GLU B C   1 
ATOM   1609 O  O   . GLU B 1 99  ? -18.103 -1.488  4.675   1.00 17.96 ? 96  GLU B O   1 
ATOM   1610 C  CB  . GLU B 1 99  ? -16.691 -3.431  6.945   1.00 17.20 ? 96  GLU B CB  1 
ATOM   1611 C  CG  . GLU B 1 99  ? -16.351 -2.036  7.453   1.00 18.70 ? 96  GLU B CG  1 
ATOM   1612 C  CD  . GLU B 1 99  ? -17.390 -1.480  8.407   1.00 21.90 ? 96  GLU B CD  1 
ATOM   1613 O  OE1 . GLU B 1 99  ? -18.323 -2.222  8.777   1.00 22.31 ? 96  GLU B OE1 1 
ATOM   1614 O  OE2 . GLU B 1 99  ? -17.264 -0.299  8.793   1.00 22.30 ? 96  GLU B OE2 1 
ATOM   1615 N  N   . VAL B 1 100 ? -16.834 -3.132  3.814   1.00 15.41 ? 97  VAL B N   1 
ATOM   1616 C  CA  . VAL B 1 100 ? -16.502 -2.386  2.600   1.00 16.12 ? 97  VAL B CA  1 
ATOM   1617 C  C   . VAL B 1 100 ? -17.723 -2.083  1.729   1.00 16.59 ? 97  VAL B C   1 
ATOM   1618 O  O   . VAL B 1 100 ? -17.866 -0.975  1.200   1.00 17.16 ? 97  VAL B O   1 
ATOM   1619 C  CB  . VAL B 1 100 ? -15.475 -3.163  1.733   1.00 16.58 ? 97  VAL B CB  1 
ATOM   1620 C  CG1 . VAL B 1 100 ? -15.329 -2.503  0.372   1.00 16.88 ? 97  VAL B CG1 1 
ATOM   1621 C  CG2 . VAL B 1 100 ? -14.126 -3.203  2.432   1.00 15.48 ? 97  VAL B CG2 1 
ATOM   1622 N  N   . ILE B 1 101 ? -18.598 -3.073  1.590   1.00 16.84 ? 98  ILE B N   1 
ATOM   1623 C  CA  . ILE B 1 101 ? -19.788 -2.949  0.756   1.00 18.64 ? 98  ILE B CA  1 
ATOM   1624 C  C   . ILE B 1 101 ? -21.007 -2.317  1.421   1.00 19.90 ? 98  ILE B C   1 
ATOM   1625 O  O   . ILE B 1 101 ? -21.743 -1.566  0.780   1.00 19.04 ? 98  ILE B O   1 
ATOM   1626 C  CB  . ILE B 1 101 ? -20.219 -4.342  0.219   1.00 19.23 ? 98  ILE B CB  1 
ATOM   1627 C  CG1 . ILE B 1 101 ? -19.098 -4.946  -0.631  1.00 19.07 ? 98  ILE B CG1 1 
ATOM   1628 C  CG2 . ILE B 1 101 ? -21.523 -4.226  -0.573  1.00 20.22 ? 98  ILE B CG2 1 
ATOM   1629 C  CD1 . ILE B 1 101 ? -18.698 -4.112  -1.822  1.00 20.38 ? 98  ILE B CD1 1 
ATOM   1630 N  N   . HIS B 1 102 ? -21.213 -2.606  2.703   1.00 20.29 ? 99  HIS B N   1 
ATOM   1631 C  CA  . HIS B 1 102 ? -22.393 -2.109  3.403   1.00 21.88 ? 99  HIS B CA  1 
ATOM   1632 C  C   . HIS B 1 102 ? -22.270 -0.913  4.342   1.00 24.05 ? 99  HIS B C   1 
ATOM   1633 O  O   . HIS B 1 102 ? -23.288 -0.389  4.799   1.00 23.15 ? 99  HIS B O   1 
ATOM   1634 C  CB  . HIS B 1 102 ? -23.050 -3.276  4.143   1.00 22.04 ? 99  HIS B CB  1 
ATOM   1635 C  CG  . HIS B 1 102 ? -23.618 -4.316  3.229   1.00 22.82 ? 99  HIS B CG  1 
ATOM   1636 N  ND1 . HIS B 1 102 ? -24.760 -4.109  2.485   1.00 24.02 ? 99  HIS B ND1 1 
ATOM   1637 C  CD2 . HIS B 1 102 ? -23.175 -5.552  2.900   1.00 23.21 ? 99  HIS B CD2 1 
ATOM   1638 C  CE1 . HIS B 1 102 ? -24.995 -5.171  1.736   1.00 24.46 ? 99  HIS B CE1 1 
ATOM   1639 N  NE2 . HIS B 1 102 ? -24.048 -6.062  1.969   1.00 22.79 ? 99  HIS B NE2 1 
ATOM   1640 N  N   . SER B 1 103 ? -21.051 -0.479  4.638   1.00 26.28 ? 100 SER B N   1 
ATOM   1641 C  CA  . SER B 1 103 ? -20.874 0.670   5.520   1.00 29.99 ? 100 SER B CA  1 
ATOM   1642 C  C   . SER B 1 103 ? -20.877 1.945   4.682   1.00 32.07 ? 100 SER B C   1 
ATOM   1643 O  O   . SER B 1 103 ? -21.527 2.927   5.100   1.00 34.98 ? 100 SER B O   1 
ATOM   1644 C  CB  . SER B 1 103 ? -19.561 0.565   6.301   1.00 30.68 ? 100 SER B CB  1 
ATOM   1645 O  OG  . SER B 1 103 ? -18.444 0.818   5.469   1.00 34.36 ? 100 SER B OG  1 
ATOM   1646 O  OXT . SER B 1 103 ? -20.222 1.945   3.617   1.00 33.94 ? 100 SER B OXT 1 
HETATM 1647 O  O   . HOH C 2 .   ? -3.865  4.787   2.211   1.00 11.52 ? 101 HOH A O   1 
HETATM 1648 O  O   . HOH C 2 .   ? 1.188   7.113   -9.015  1.00 14.03 ? 102 HOH A O   1 
HETATM 1649 O  O   . HOH C 2 .   ? -6.543  10.644  4.736   1.00 18.53 ? 103 HOH A O   1 
HETATM 1650 O  O   . HOH C 2 .   ? 11.592  10.906  -8.900  1.00 19.15 ? 104 HOH A O   1 
HETATM 1651 O  O   . HOH C 2 .   ? -7.186  5.515   11.894  1.00 23.31 ? 105 HOH A O   1 
HETATM 1652 O  O   . HOH C 2 .   ? 3.597   10.992  11.008  1.00 18.86 ? 106 HOH A O   1 
HETATM 1653 O  O   . HOH C 2 .   ? 1.573   9.979   -9.740  1.00 13.58 ? 107 HOH A O   1 
HETATM 1654 O  O   . HOH C 2 .   ? 0.807   10.044  -12.315 1.00 28.87 ? 108 HOH A O   1 
HETATM 1655 O  O   . HOH C 2 .   ? 8.585   -6.788  -20.329 1.00 19.33 ? 109 HOH A O   1 
HETATM 1656 O  O   . HOH C 2 .   ? -3.804  0.312   -11.750 1.00 24.80 ? 110 HOH A O   1 
HETATM 1657 O  O   . HOH C 2 .   ? 15.879  6.525   5.854   1.00 17.45 ? 111 HOH A O   1 
HETATM 1658 O  O   . HOH C 2 .   ? 13.889  -7.540  -6.035  1.00 24.22 ? 112 HOH A O   1 
HETATM 1659 O  O   . HOH C 2 .   ? 13.294  4.445   -12.806 1.00 22.51 ? 113 HOH A O   1 
HETATM 1660 O  O   . HOH C 2 .   ? 16.615  7.991   -2.352  1.00 24.45 ? 114 HOH A O   1 
HETATM 1661 O  O   . HOH C 2 .   ? -13.903 9.047   0.561   1.00 28.49 ? 115 HOH A O   1 
HETATM 1662 O  O   . HOH C 2 .   ? -8.482  13.785  -1.789  1.00 28.77 ? 116 HOH A O   1 
HETATM 1663 O  O   . HOH C 2 .   ? -5.667  14.101  -2.333  1.00 24.65 ? 117 HOH A O   1 
HETATM 1664 O  O   . HOH C 2 .   ? 7.977   12.666  -16.417 1.00 26.35 ? 118 HOH A O   1 
HETATM 1665 O  O   . HOH C 2 .   ? -1.384  -1.424  -17.842 1.00 24.08 ? 119 HOH A O   1 
HETATM 1666 O  O   . HOH C 2 .   ? 3.401   13.363  12.770  1.00 29.77 ? 120 HOH A O   1 
HETATM 1667 O  O   . HOH C 2 .   ? 12.672  21.123  7.869   1.00 26.99 ? 121 HOH A O   1 
HETATM 1668 O  O   . HOH C 2 .   ? 11.978  -8.137  -3.917  1.00 30.24 ? 122 HOH A O   1 
HETATM 1669 O  O   . HOH C 2 .   ? 12.504  -7.613  -8.839  1.00 19.38 ? 123 HOH A O   1 
HETATM 1670 O  O   . HOH C 2 .   ? -9.829  11.530  7.287   1.00 36.56 ? 124 HOH A O   1 
HETATM 1671 O  O   . HOH C 2 .   ? 17.290  11.769  11.728  1.00 29.04 ? 125 HOH A O   1 
HETATM 1672 O  O   . HOH C 2 .   ? -4.554  0.604   -19.817 1.00 29.39 ? 126 HOH A O   1 
HETATM 1673 O  O   . HOH C 2 .   ? 4.946   -3.642  -19.812 1.00 29.44 ? 127 HOH A O   1 
HETATM 1674 O  O   . HOH C 2 .   ? -3.810  0.265   -6.958  1.00 27.23 ? 128 HOH A O   1 
HETATM 1675 O  O   . HOH C 2 .   ? -4.878  7.680   2.356   1.00 28.93 ? 129 HOH A O   1 
HETATM 1676 O  O   . HOH C 2 .   ? 9.261   21.161  -5.590  1.00 31.67 ? 130 HOH A O   1 
HETATM 1677 O  O   . HOH C 2 .   ? -7.115  1.169   -19.606 1.00 34.21 ? 131 HOH A O   1 
HETATM 1678 O  O   . HOH C 2 .   ? -3.239  5.965   -8.893  1.00 31.11 ? 132 HOH A O   1 
HETATM 1679 O  O   . HOH C 2 .   ? -6.049  15.209  -9.924  1.00 33.31 ? 133 HOH A O   1 
HETATM 1680 O  O   . HOH C 2 .   ? 1.639   -4.662  -12.424 1.00 32.02 ? 134 HOH A O   1 
HETATM 1681 O  O   . HOH C 2 .   ? 16.150  -0.717  -18.371 1.00 31.92 ? 135 HOH A O   1 
HETATM 1682 O  O   . HOH C 2 .   ? 13.601  19.860  10.516  1.00 31.92 ? 136 HOH A O   1 
HETATM 1683 O  O   . HOH C 2 .   ? 8.744   -7.558  -8.380  1.00 31.05 ? 137 HOH A O   1 
HETATM 1684 O  O   . HOH C 2 .   ? -3.718  4.167   -7.212  1.00 41.27 ? 138 HOH A O   1 
HETATM 1685 O  O   . HOH C 2 .   ? 3.797   -10.857 -17.698 1.00 41.21 ? 139 HOH A O   1 
HETATM 1686 O  O   . HOH C 2 .   ? -0.921  -7.488  -13.823 1.00 34.77 ? 140 HOH A O   1 
HETATM 1687 O  O   . HOH C 2 .   ? -4.233  -1.882  -5.662  1.00 32.86 ? 141 HOH A O   1 
HETATM 1688 O  O   . HOH C 2 .   ? -0.121  3.988   -13.814 1.00 33.25 ? 142 HOH A O   1 
HETATM 1689 O  O   . HOH C 2 .   ? 4.121   -8.309  -17.731 1.00 38.43 ? 143 HOH A O   1 
HETATM 1690 O  O   . HOH C 2 .   ? 8.409   22.797  -7.682  1.00 28.72 ? 144 HOH A O   1 
HETATM 1691 O  O   . HOH D 2 .   ? 10.310  -13.369 -1.964  1.00 14.68 ? 101 HOH B O   1 
HETATM 1692 O  O   . HOH D 2 .   ? -5.648  -6.349  11.013  1.00 12.12 ? 102 HOH B O   1 
HETATM 1693 O  O   . HOH D 2 .   ? -5.705  3.353   0.795   1.00 12.73 ? 103 HOH B O   1 
HETATM 1694 O  O   . HOH D 2 .   ? -12.133 5.435   1.298   1.00 17.82 ? 104 HOH B O   1 
HETATM 1695 O  O   . HOH D 2 .   ? -4.778  -6.379  13.515  1.00 20.05 ? 105 HOH B O   1 
HETATM 1696 O  O   . HOH D 2 .   ? -3.490  -5.225  9.699   1.00 10.56 ? 106 HOH B O   1 
HETATM 1697 O  O   . HOH D 2 .   ? -13.823 -2.354  -7.800  1.00 19.71 ? 107 HOH B O   1 
HETATM 1698 O  O   . HOH D 2 .   ? -4.932  -17.241 10.878  1.00 20.00 ? 108 HOH B O   1 
HETATM 1699 O  O   . HOH D 2 .   ? -12.970 1.922   8.052   1.00 17.58 ? 109 HOH B O   1 
HETATM 1700 O  O   . HOH D 2 .   ? 23.467  -12.934 2.198   1.00 19.72 ? 110 HOH B O   1 
HETATM 1701 O  O   . HOH D 2 .   ? -6.304  -15.680 7.214   1.00 24.27 ? 111 HOH B O   1 
HETATM 1702 O  O   . HOH D 2 .   ? -6.986  -14.464 -8.740  1.00 18.48 ? 112 HOH B O   1 
HETATM 1703 O  O   . HOH D 2 .   ? -16.613 -1.976  -8.505  1.00 20.16 ? 113 HOH B O   1 
HETATM 1704 O  O   . HOH D 2 .   ? -18.543 -6.813  9.043   1.00 19.66 ? 114 HOH B O   1 
HETATM 1705 O  O   . HOH D 2 .   ? 2.188   -17.273 8.546   1.00 25.43 ? 115 HOH B O   1 
HETATM 1706 O  O   . HOH D 2 .   ? -12.966 4.610   8.504   1.00 26.63 ? 116 HOH B O   1 
HETATM 1707 O  O   . HOH D 2 .   ? 1.648   -19.070 -2.436  1.00 22.76 ? 117 HOH B O   1 
HETATM 1708 O  O   . HOH D 2 .   ? 10.959  -12.949 1.159   1.00 22.80 ? 118 HOH B O   1 
HETATM 1709 O  O   . HOH D 2 .   ? 8.074   5.553   11.255  1.00 27.23 ? 119 HOH B O   1 
HETATM 1710 O  O   . HOH D 2 .   ? -5.079  -2.557  12.862  1.00 25.21 ? 120 HOH B O   1 
HETATM 1711 O  O   . HOH D 2 .   ? -21.063 -0.341  -1.572  1.00 22.07 ? 121 HOH B O   1 
HETATM 1712 O  O   . HOH D 2 .   ? 3.540   -16.954 6.118   1.00 28.84 ? 122 HOH B O   1 
HETATM 1713 O  O   . HOH D 2 .   ? -21.752 -13.438 -5.373  1.00 29.35 ? 123 HOH B O   1 
HETATM 1714 O  O   . HOH D 2 .   ? 8.980   -3.796  7.672   1.00 32.68 ? 124 HOH B O   1 
HETATM 1715 O  O   . HOH D 2 .   ? -2.946  -3.325  11.642  1.00 29.40 ? 125 HOH B O   1 
HETATM 1716 O  O   . HOH D 2 .   ? -9.790  9.183   -6.463  1.00 25.56 ? 126 HOH B O   1 
HETATM 1717 O  O   . HOH D 2 .   ? 10.117  -10.469 -2.737  1.00 30.05 ? 127 HOH B O   1 
HETATM 1718 O  O   . HOH D 2 .   ? -2.723  -0.659  10.808  1.00 24.72 ? 128 HOH B O   1 
HETATM 1719 O  O   . HOH D 2 .   ? -5.643  -16.130 1.743   1.00 33.88 ? 129 HOH B O   1 
HETATM 1720 O  O   . HOH D 2 .   ? 2.751   -7.013  12.623  1.00 30.90 ? 130 HOH B O   1 
HETATM 1721 O  O   . HOH D 2 .   ? 4.342   -13.510 -5.800  1.00 35.14 ? 131 HOH B O   1 
HETATM 1722 O  O   . HOH D 2 .   ? -15.602 1.399   7.214   1.00 27.09 ? 132 HOH B O   1 
HETATM 1723 O  O   . HOH D 2 .   ? -5.005  -15.008 15.597  1.00 28.13 ? 133 HOH B O   1 
HETATM 1724 O  O   . HOH D 2 .   ? 2.064   -17.062 11.587  1.00 31.74 ? 134 HOH B O   1 
HETATM 1725 O  O   . HOH D 2 .   ? -8.907  -19.284 -4.275  1.00 37.00 ? 135 HOH B O   1 
HETATM 1726 O  O   . HOH D 2 .   ? 3.471   -0.269  11.993  1.00 28.39 ? 136 HOH B O   1 
HETATM 1727 O  O   . HOH D 2 .   ? 9.247   -20.253 10.114  1.00 28.97 ? 137 HOH B O   1 
HETATM 1728 O  O   . HOH D 2 .   ? 11.577  -9.884  0.084   1.00 38.46 ? 138 HOH B O   1 
HETATM 1729 O  O   . HOH D 2 .   ? 17.550  -7.703  8.007   1.00 32.64 ? 139 HOH B O   1 
HETATM 1730 O  O   . HOH D 2 .   ? -4.524  -14.877 3.715   1.00 40.33 ? 140 HOH B O   1 
HETATM 1731 O  O   . HOH D 2 .   ? -8.500  3.845   1.807   1.00 26.15 ? 141 HOH B O   1 
HETATM 1732 O  O   . HOH D 2 .   ? 6.613   -7.147  -6.729  1.00 30.57 ? 142 HOH B O   1 
HETATM 1733 O  O   . HOH D 2 .   ? -4.909  -14.651 -10.762 1.00 37.15 ? 143 HOH B O   1 
HETATM 1734 O  O   . HOH D 2 .   ? -17.421 -14.091 8.235   1.00 35.94 ? 144 HOH B O   1 
HETATM 1735 O  O   . HOH D 2 .   ? -5.611  -17.743 -1.470  1.00 32.56 ? 145 HOH B O   1 
# 
